data_2GNC
# 
_entry.id   2GNC 
# 
_audit_conform.dict_name       mmcif_pdbx.dic 
_audit_conform.dict_version    5.380 
_audit_conform.dict_location   http://mmcif.pdb.org/dictionaries/ascii/mmcif_pdbx.dic 
# 
loop_
_database_2.database_id 
_database_2.database_code 
_database_2.pdbx_database_accession 
_database_2.pdbx_DOI 
PDB   2GNC         pdb_00002gnc 10.2210/pdb2gnc/pdb 
RCSB  RCSB037324   ?            ?                   
WWPDB D_1000037324 ?            ?                   
# 
_pdbx_database_status.status_code                     REL 
_pdbx_database_status.entry_id                        2GNC 
_pdbx_database_status.recvd_initial_deposition_date   2006-04-10 
_pdbx_database_status.deposit_site                    RCSB 
_pdbx_database_status.process_site                    PDBJ 
_pdbx_database_status.status_code_sf                  REL 
_pdbx_database_status.status_code_mr                  ? 
_pdbx_database_status.SG_entry                        ? 
_pdbx_database_status.pdb_format_compatible           Y 
_pdbx_database_status.status_code_cs                  ? 
_pdbx_database_status.status_code_nmr_data            ? 
_pdbx_database_status.methods_development_category    ? 
# 
loop_
_audit_author.name 
_audit_author.pdbx_ordinal 
'Li, X.'      1 
'Liu, Y.'     2 
'Gao, F.'     3 
'Bartlam, M.' 4 
'Wu, J.Y.'    5 
'Rao, Z.'     6 
# 
_citation.id                        primary 
_citation.title                     
'Structural Basis of Robo Proline-rich Motif Recognition by the srGAP1 Src Homology 3 Domain in the Slit-Robo Signaling Pathway' 
_citation.journal_abbrev            J.Biol.Chem. 
_citation.journal_volume            281 
_citation.page_first                28430 
_citation.page_last                 28437 
_citation.year                      2006 
_citation.journal_id_ASTM           JBCHA3 
_citation.country                   US 
_citation.journal_id_ISSN           0021-9258 
_citation.journal_id_CSD            0071 
_citation.book_publisher            ? 
_citation.pdbx_database_id_PubMed   16857672 
_citation.pdbx_database_id_DOI      10.1074/jbc.M604135200 
# 
loop_
_citation_author.citation_id 
_citation_author.name 
_citation_author.ordinal 
_citation_author.identifier_ORCID 
primary 'Li, X.'      1 ? 
primary 'Chen, Y.'    2 ? 
primary 'Liu, Y.'     3 ? 
primary 'Gao, J.'     4 ? 
primary 'Gao, F.'     5 ? 
primary 'Bartlam, M.' 6 ? 
primary 'Wu, J.Y.'    7 ? 
primary 'Rao, Z.'     8 ? 
# 
_cell.entry_id           2GNC 
_cell.length_a           70.321 
_cell.length_b           70.321 
_cell.length_c           70.321 
_cell.angle_alpha        90.00 
_cell.angle_beta         90.00 
_cell.angle_gamma        90.00 
_cell.Z_PDB              24 
_cell.pdbx_unique_axis   ? 
_cell.length_a_esd       ? 
_cell.length_b_esd       ? 
_cell.length_c_esd       ? 
_cell.angle_alpha_esd    ? 
_cell.angle_beta_esd     ? 
_cell.angle_gamma_esd    ? 
# 
_symmetry.entry_id                         2GNC 
_symmetry.space_group_name_H-M             'P 2 3' 
_symmetry.pdbx_full_space_group_name_H-M   ? 
_symmetry.cell_setting                     ? 
_symmetry.Int_Tables_number                195 
_symmetry.space_group_name_Hall            ? 
# 
loop_
_entity.id 
_entity.type 
_entity.src_method 
_entity.pdbx_description 
_entity.formula_weight 
_entity.pdbx_number_of_molecules 
_entity.pdbx_ec 
_entity.pdbx_mutation 
_entity.pdbx_fragment 
_entity.details 
1 polymer man 'SLIT-ROBO Rho GTPase-activating protein 1' 6752.610 2   ? ? 'SH3 domain' ? 
2 water   nat water                                       18.015   171 ? ? ?            ? 
# 
_entity_name_com.entity_id   1 
_entity_name_com.name        'srGAP1, Rho-GTPase- activating protein 13, Fragment' 
# 
_entity_poly.entity_id                      1 
_entity_poly.type                           'polypeptide(L)' 
_entity_poly.nstd_linkage                   no 
_entity_poly.nstd_monomer                   no 
_entity_poly.pdbx_seq_one_letter_code       GPLGSPEFAIAKFDYVGRSARELSFKKGASLLLYHRASEDWWEGRHNGIDGLVPHQYIVV 
_entity_poly.pdbx_seq_one_letter_code_can   GPLGSPEFAIAKFDYVGRSARELSFKKGASLLLYHRASEDWWEGRHNGIDGLVPHQYIVV 
_entity_poly.pdbx_strand_id                 A,B 
_entity_poly.pdbx_target_identifier         ? 
# 
loop_
_entity_poly_seq.entity_id 
_entity_poly_seq.num 
_entity_poly_seq.mon_id 
_entity_poly_seq.hetero 
1 1  GLY n 
1 2  PRO n 
1 3  LEU n 
1 4  GLY n 
1 5  SER n 
1 6  PRO n 
1 7  GLU n 
1 8  PHE n 
1 9  ALA n 
1 10 ILE n 
1 11 ALA n 
1 12 LYS n 
1 13 PHE n 
1 14 ASP n 
1 15 TYR n 
1 16 VAL n 
1 17 GLY n 
1 18 ARG n 
1 19 SER n 
1 20 ALA n 
1 21 ARG n 
1 22 GLU n 
1 23 LEU n 
1 24 SER n 
1 25 PHE n 
1 26 LYS n 
1 27 LYS n 
1 28 GLY n 
1 29 ALA n 
1 30 SER n 
1 31 LEU n 
1 32 LEU n 
1 33 LEU n 
1 34 TYR n 
1 35 HIS n 
1 36 ARG n 
1 37 ALA n 
1 38 SER n 
1 39 GLU n 
1 40 ASP n 
1 41 TRP n 
1 42 TRP n 
1 43 GLU n 
1 44 GLY n 
1 45 ARG n 
1 46 HIS n 
1 47 ASN n 
1 48 GLY n 
1 49 ILE n 
1 50 ASP n 
1 51 GLY n 
1 52 LEU n 
1 53 VAL n 
1 54 PRO n 
1 55 HIS n 
1 56 GLN n 
1 57 TYR n 
1 58 ILE n 
1 59 VAL n 
1 60 VAL n 
# 
_entity_src_gen.entity_id                          1 
_entity_src_gen.pdbx_src_id                        1 
_entity_src_gen.pdbx_alt_source_flag               sample 
_entity_src_gen.pdbx_seq_type                      ? 
_entity_src_gen.pdbx_beg_seq_num                   ? 
_entity_src_gen.pdbx_end_seq_num                   ? 
_entity_src_gen.gene_src_common_name               'house mouse' 
_entity_src_gen.gene_src_genus                     Mus 
_entity_src_gen.pdbx_gene_src_gene                 ? 
_entity_src_gen.gene_src_species                   ? 
_entity_src_gen.gene_src_strain                    ? 
_entity_src_gen.gene_src_tissue                    ? 
_entity_src_gen.gene_src_tissue_fraction           ? 
_entity_src_gen.gene_src_details                   ? 
_entity_src_gen.pdbx_gene_src_fragment             ? 
_entity_src_gen.pdbx_gene_src_scientific_name      'Mus musculus' 
_entity_src_gen.pdbx_gene_src_ncbi_taxonomy_id     10090 
_entity_src_gen.pdbx_gene_src_variant              ? 
_entity_src_gen.pdbx_gene_src_cell_line            ? 
_entity_src_gen.pdbx_gene_src_atcc                 ? 
_entity_src_gen.pdbx_gene_src_organ                ? 
_entity_src_gen.pdbx_gene_src_organelle            ? 
_entity_src_gen.pdbx_gene_src_cell                 ? 
_entity_src_gen.pdbx_gene_src_cellular_location    ? 
_entity_src_gen.host_org_common_name               ? 
_entity_src_gen.pdbx_host_org_scientific_name      'Escherichia coli BL21(DE3)' 
_entity_src_gen.pdbx_host_org_ncbi_taxonomy_id     469008 
_entity_src_gen.host_org_genus                     Escherichia 
_entity_src_gen.pdbx_host_org_gene                 ? 
_entity_src_gen.pdbx_host_org_organ                ? 
_entity_src_gen.host_org_species                   'Escherichia coli' 
_entity_src_gen.pdbx_host_org_tissue               ? 
_entity_src_gen.pdbx_host_org_tissue_fraction      ? 
_entity_src_gen.pdbx_host_org_strain               'Bl21(DE3)' 
_entity_src_gen.pdbx_host_org_variant              ? 
_entity_src_gen.pdbx_host_org_cell_line            ? 
_entity_src_gen.pdbx_host_org_atcc                 ? 
_entity_src_gen.pdbx_host_org_culture_collection   ? 
_entity_src_gen.pdbx_host_org_cell                 ? 
_entity_src_gen.pdbx_host_org_organelle            ? 
_entity_src_gen.pdbx_host_org_cellular_location    ? 
_entity_src_gen.pdbx_host_org_vector_type          PLASMID 
_entity_src_gen.pdbx_host_org_vector               ? 
_entity_src_gen.host_org_details                   ? 
_entity_src_gen.expression_system_id               ? 
_entity_src_gen.plasmid_name                       pGEX6p-1 
_entity_src_gen.plasmid_details                    ? 
_entity_src_gen.pdbx_description                   ? 
# 
_struct_ref.id                         1 
_struct_ref.db_name                    UNP 
_struct_ref.db_code                    SRGP1_MOUSE 
_struct_ref.pdbx_db_accession          Q91Z69 
_struct_ref.entity_id                  1 
_struct_ref.pdbx_seq_one_letter_code   AIAKFDYVGRSARELSFKKGASLLLYHRASEDWWEGRHNGIDGLVPHQYIVV 
_struct_ref.pdbx_align_begin           377 
_struct_ref.pdbx_db_isoform            ? 
# 
loop_
_struct_ref_seq.align_id 
_struct_ref_seq.ref_id 
_struct_ref_seq.pdbx_PDB_id_code 
_struct_ref_seq.pdbx_strand_id 
_struct_ref_seq.seq_align_beg 
_struct_ref_seq.pdbx_seq_align_beg_ins_code 
_struct_ref_seq.seq_align_end 
_struct_ref_seq.pdbx_seq_align_end_ins_code 
_struct_ref_seq.pdbx_db_accession 
_struct_ref_seq.db_align_beg 
_struct_ref_seq.pdbx_db_align_beg_ins_code 
_struct_ref_seq.db_align_end 
_struct_ref_seq.pdbx_db_align_end_ins_code 
_struct_ref_seq.pdbx_auth_seq_align_beg 
_struct_ref_seq.pdbx_auth_seq_align_end 
1 1 2GNC A 9 ? 60 ? Q91Z69 377 ? 428 ? 9 60 
2 1 2GNC B 9 ? 60 ? Q91Z69 377 ? 428 ? 9 60 
# 
loop_
_struct_ref_seq_dif.align_id 
_struct_ref_seq_dif.pdbx_pdb_id_code 
_struct_ref_seq_dif.mon_id 
_struct_ref_seq_dif.pdbx_pdb_strand_id 
_struct_ref_seq_dif.seq_num 
_struct_ref_seq_dif.pdbx_pdb_ins_code 
_struct_ref_seq_dif.pdbx_seq_db_name 
_struct_ref_seq_dif.pdbx_seq_db_accession_code 
_struct_ref_seq_dif.db_mon_id 
_struct_ref_seq_dif.pdbx_seq_db_seq_num 
_struct_ref_seq_dif.details 
_struct_ref_seq_dif.pdbx_auth_seq_num 
_struct_ref_seq_dif.pdbx_ordinal 
1 2GNC GLY A 1 ? UNP Q91Z69 ? ? 'cloning artifact' 1 1  
1 2GNC PRO A 2 ? UNP Q91Z69 ? ? 'cloning artifact' 2 2  
1 2GNC LEU A 3 ? UNP Q91Z69 ? ? 'cloning artifact' 3 3  
1 2GNC GLY A 4 ? UNP Q91Z69 ? ? 'cloning artifact' 4 4  
1 2GNC SER A 5 ? UNP Q91Z69 ? ? 'cloning artifact' 5 5  
1 2GNC PRO A 6 ? UNP Q91Z69 ? ? 'cloning artifact' 6 6  
1 2GNC GLU A 7 ? UNP Q91Z69 ? ? 'cloning artifact' 7 7  
1 2GNC PHE A 8 ? UNP Q91Z69 ? ? 'cloning artifact' 8 8  
2 2GNC GLY B 1 ? UNP Q91Z69 ? ? 'cloning artifact' 1 9  
2 2GNC PRO B 2 ? UNP Q91Z69 ? ? 'cloning artifact' 2 10 
2 2GNC LEU B 3 ? UNP Q91Z69 ? ? 'cloning artifact' 3 11 
2 2GNC GLY B 4 ? UNP Q91Z69 ? ? 'cloning artifact' 4 12 
2 2GNC SER B 5 ? UNP Q91Z69 ? ? 'cloning artifact' 5 13 
2 2GNC PRO B 6 ? UNP Q91Z69 ? ? 'cloning artifact' 6 14 
2 2GNC GLU B 7 ? UNP Q91Z69 ? ? 'cloning artifact' 7 15 
2 2GNC PHE B 8 ? UNP Q91Z69 ? ? 'cloning artifact' 8 16 
# 
loop_
_chem_comp.id 
_chem_comp.type 
_chem_comp.mon_nstd_flag 
_chem_comp.name 
_chem_comp.pdbx_synonyms 
_chem_comp.formula 
_chem_comp.formula_weight 
ALA 'L-peptide linking' y ALANINE         ? 'C3 H7 N O2'     89.093  
ARG 'L-peptide linking' y ARGININE        ? 'C6 H15 N4 O2 1' 175.209 
ASN 'L-peptide linking' y ASPARAGINE      ? 'C4 H8 N2 O3'    132.118 
ASP 'L-peptide linking' y 'ASPARTIC ACID' ? 'C4 H7 N O4'     133.103 
GLN 'L-peptide linking' y GLUTAMINE       ? 'C5 H10 N2 O3'   146.144 
GLU 'L-peptide linking' y 'GLUTAMIC ACID' ? 'C5 H9 N O4'     147.129 
GLY 'peptide linking'   y GLYCINE         ? 'C2 H5 N O2'     75.067  
HIS 'L-peptide linking' y HISTIDINE       ? 'C6 H10 N3 O2 1' 156.162 
HOH non-polymer         . WATER           ? 'H2 O'           18.015  
ILE 'L-peptide linking' y ISOLEUCINE      ? 'C6 H13 N O2'    131.173 
LEU 'L-peptide linking' y LEUCINE         ? 'C6 H13 N O2'    131.173 
LYS 'L-peptide linking' y LYSINE          ? 'C6 H15 N2 O2 1' 147.195 
PHE 'L-peptide linking' y PHENYLALANINE   ? 'C9 H11 N O2'    165.189 
PRO 'L-peptide linking' y PROLINE         ? 'C5 H9 N O2'     115.130 
SER 'L-peptide linking' y SERINE          ? 'C3 H7 N O3'     105.093 
TRP 'L-peptide linking' y TRYPTOPHAN      ? 'C11 H12 N2 O2'  204.225 
TYR 'L-peptide linking' y TYROSINE        ? 'C9 H11 N O3'    181.189 
VAL 'L-peptide linking' y VALINE          ? 'C5 H11 N O2'    117.146 
# 
_exptl.entry_id          2GNC 
_exptl.method            'X-RAY DIFFRACTION' 
_exptl.crystals_number   1 
# 
_exptl_crystal.id                    1 
_exptl_crystal.density_meas          ? 
_exptl_crystal.density_Matthews      2.14 
_exptl_crystal.density_percent_sol   42.65 
_exptl_crystal.description           ? 
_exptl_crystal.F_000                 ? 
_exptl_crystal.preparation           ? 
# 
_exptl_crystal_grow.crystal_id      1 
_exptl_crystal_grow.method          'VAPOR DIFFUSION, HANGING DROP' 
_exptl_crystal_grow.temp            291 
_exptl_crystal_grow.temp_details    ? 
_exptl_crystal_grow.pH              7.5 
_exptl_crystal_grow.pdbx_details    '1.5M Lithium sulfate, pH 7.5, VAPOR DIFFUSION, HANGING DROP, temperature 291K' 
_exptl_crystal_grow.pdbx_pH_range   . 
# 
_diffrn.id                     1 
_diffrn.ambient_temp           100 
_diffrn.ambient_temp_details   ? 
_diffrn.crystal_id             1 
# 
_diffrn_detector.diffrn_id              1 
_diffrn_detector.detector               'IMAGE PLATE' 
_diffrn_detector.type                   'MAR scanner 345 mm plate' 
_diffrn_detector.pdbx_collection_date   2003-08-14 
_diffrn_detector.details                ? 
# 
_diffrn_radiation.diffrn_id                        1 
_diffrn_radiation.wavelength_id                    1 
_diffrn_radiation.pdbx_monochromatic_or_laue_m_l   M 
_diffrn_radiation.monochromator                    ? 
_diffrn_radiation.pdbx_diffrn_protocol             'SINGLE WAVELENGTH' 
_diffrn_radiation.pdbx_scattering_type             x-ray 
# 
_diffrn_radiation_wavelength.id           1 
_diffrn_radiation_wavelength.wavelength   1.5418 
_diffrn_radiation_wavelength.wt           1.0 
# 
_diffrn_source.diffrn_id                   1 
_diffrn_source.source                      'ROTATING ANODE' 
_diffrn_source.type                        RIGAKU 
_diffrn_source.pdbx_synchrotron_site       ? 
_diffrn_source.pdbx_synchrotron_beamline   ? 
_diffrn_source.pdbx_wavelength             ? 
_diffrn_source.pdbx_wavelength_list        1.5418 
# 
_reflns.entry_id                     2GNC 
_reflns.observed_criterion_sigma_I   -3 
_reflns.observed_criterion_sigma_F   0 
_reflns.d_resolution_low             50 
_reflns.d_resolution_high            1.8 
_reflns.number_obs                   11938 
_reflns.number_all                   ? 
_reflns.percent_possible_obs         93 
_reflns.pdbx_Rmerge_I_obs            ? 
_reflns.pdbx_Rsym_value              ? 
_reflns.pdbx_netI_over_sigmaI        ? 
_reflns.B_iso_Wilson_estimate        ? 
_reflns.pdbx_redundancy              ? 
_reflns.R_free_details               ? 
_reflns.limit_h_max                  ? 
_reflns.limit_h_min                  ? 
_reflns.limit_k_max                  ? 
_reflns.limit_k_min                  ? 
_reflns.limit_l_max                  ? 
_reflns.limit_l_min                  ? 
_reflns.observed_criterion_F_max     ? 
_reflns.observed_criterion_F_min     ? 
_reflns.pdbx_chi_squared             ? 
_reflns.pdbx_scaling_rejects         ? 
_reflns.pdbx_diffrn_id               1 
_reflns.pdbx_ordinal                 1 
# 
_reflns_shell.d_res_high             1.81 
_reflns_shell.d_res_low              1.87 
_reflns_shell.percent_possible_all   ? 
_reflns_shell.Rmerge_I_obs           ? 
_reflns_shell.pdbx_Rsym_value        ? 
_reflns_shell.meanI_over_sigI_obs    ? 
_reflns_shell.pdbx_redundancy        ? 
_reflns_shell.percent_possible_obs   ? 
_reflns_shell.number_unique_all      ? 
_reflns_shell.number_measured_all    ? 
_reflns_shell.number_measured_obs    ? 
_reflns_shell.number_unique_obs      ? 
_reflns_shell.pdbx_chi_squared       ? 
_reflns_shell.pdbx_diffrn_id         ? 
_reflns_shell.pdbx_ordinal           1 
# 
_refine.entry_id                                 2GNC 
_refine.ls_number_reflns_obs                     9696 
_refine.ls_number_reflns_all                     11029 
_refine.pdbx_ls_sigma_I                          ? 
_refine.pdbx_ls_sigma_F                          0 
_refine.pdbx_data_cutoff_high_absF               ? 
_refine.pdbx_data_cutoff_low_absF                ? 
_refine.pdbx_data_cutoff_high_rms_absF           ? 
_refine.ls_d_res_low                             50 
_refine.ls_d_res_high                            1.8 
_refine.ls_percent_reflns_obs                    ? 
_refine.ls_R_factor_obs                          0.225 
_refine.ls_R_factor_all                          0.225 
_refine.ls_R_factor_R_work                       0.208 
_refine.ls_R_factor_R_free                       0.257 
_refine.ls_R_factor_R_free_error                 ? 
_refine.ls_R_factor_R_free_error_details         ? 
_refine.ls_percent_reflns_R_free                 ? 
_refine.ls_number_reflns_R_free                  495 
_refine.ls_number_parameters                     ? 
_refine.ls_number_restraints                     ? 
_refine.occupancy_min                            ? 
_refine.occupancy_max                            ? 
_refine.correlation_coeff_Fo_to_Fc               ? 
_refine.correlation_coeff_Fo_to_Fc_free          ? 
_refine.B_iso_mean                               ? 
_refine.aniso_B[1][1]                            ? 
_refine.aniso_B[2][2]                            ? 
_refine.aniso_B[3][3]                            ? 
_refine.aniso_B[1][2]                            ? 
_refine.aniso_B[1][3]                            ? 
_refine.aniso_B[2][3]                            ? 
_refine.solvent_model_details                    ? 
_refine.solvent_model_param_ksol                 ? 
_refine.solvent_model_param_bsol                 ? 
_refine.pdbx_solvent_vdw_probe_radii             ? 
_refine.pdbx_solvent_ion_probe_radii             ? 
_refine.pdbx_solvent_shrinkage_radii             ? 
_refine.pdbx_ls_cross_valid_method               THROUGHOUT 
_refine.details                                  ? 
_refine.pdbx_starting_model                      'PDB ENTRY 1BK2' 
_refine.pdbx_method_to_determine_struct          'MOLECULAR REPLACEMENT' 
_refine.pdbx_isotropic_thermal_model             ? 
_refine.pdbx_stereochemistry_target_values       'Engh & Huber' 
_refine.pdbx_stereochem_target_val_spec_case     ? 
_refine.pdbx_R_Free_selection_details            RANDOM 
_refine.pdbx_overall_ESU_R                       ? 
_refine.pdbx_overall_ESU_R_Free                  ? 
_refine.overall_SU_ML                            ? 
_refine.overall_SU_B                             ? 
_refine.ls_redundancy_reflns_obs                 ? 
_refine.B_iso_min                                ? 
_refine.B_iso_max                                ? 
_refine.overall_SU_R_Cruickshank_DPI             ? 
_refine.overall_SU_R_free                        ? 
_refine.ls_wR_factor_R_free                      ? 
_refine.ls_wR_factor_R_work                      ? 
_refine.overall_FOM_free_R_set                   ? 
_refine.overall_FOM_work_R_set                   ? 
_refine.pdbx_refine_id                           'X-RAY DIFFRACTION' 
_refine.pdbx_diffrn_id                           1 
_refine.pdbx_TLS_residual_ADP_flag               ? 
_refine.pdbx_overall_phase_error                 ? 
_refine.pdbx_overall_SU_R_free_Cruickshank_DPI   ? 
_refine.pdbx_overall_SU_R_Blow_DPI               ? 
_refine.pdbx_overall_SU_R_free_Blow_DPI          ? 
# 
_refine_hist.pdbx_refine_id                   'X-RAY DIFFRACTION' 
_refine_hist.cycle_id                         LAST 
_refine_hist.pdbx_number_atoms_protein        902 
_refine_hist.pdbx_number_atoms_nucleic_acid   0 
_refine_hist.pdbx_number_atoms_ligand         0 
_refine_hist.number_atoms_solvent             171 
_refine_hist.number_atoms_total               1073 
_refine_hist.d_res_high                       1.8 
_refine_hist.d_res_low                        50 
# 
loop_
_refine_ls_restr.type 
_refine_ls_restr.dev_ideal 
_refine_ls_restr.dev_ideal_target 
_refine_ls_restr.weight 
_refine_ls_restr.number 
_refine_ls_restr.pdbx_refine_id 
_refine_ls_restr.pdbx_restraint_function 
c_bond_d    0.011704 ? ? ? 'X-RAY DIFFRACTION' ? 
c_angle_deg 1.60334  ? ? ? 'X-RAY DIFFRACTION' ? 
# 
_struct.entry_id                  2GNC 
_struct.title                     'Crystal structure of srGAP1 SH3 domain in the slit-robo signaling pathway' 
_struct.pdbx_model_details        ? 
_struct.pdbx_CASP_flag            ? 
_struct.pdbx_model_type_details   ? 
# 
_struct_keywords.entry_id        2GNC 
_struct_keywords.pdbx_keywords   'SIGNALING PROTEIN' 
_struct_keywords.text            'BETA BARREL, SIGNALING PROTEIN' 
# 
loop_
_struct_asym.id 
_struct_asym.pdbx_blank_PDB_chainid_flag 
_struct_asym.pdbx_modified 
_struct_asym.entity_id 
_struct_asym.details 
A N N 1 ? 
B N N 1 ? 
C N N 2 ? 
D N N 2 ? 
# 
loop_
_struct_sheet.id 
_struct_sheet.type 
_struct_sheet.number_strands 
_struct_sheet.details 
A ? 5 ? 
B ? 5 ? 
# 
loop_
_struct_sheet_order.sheet_id 
_struct_sheet_order.range_id_1 
_struct_sheet_order.range_id_2 
_struct_sheet_order.offset 
_struct_sheet_order.sense 
A 1 2 ? anti-parallel 
A 2 3 ? anti-parallel 
A 3 4 ? anti-parallel 
A 4 5 ? anti-parallel 
B 1 2 ? anti-parallel 
B 2 3 ? anti-parallel 
B 3 4 ? anti-parallel 
B 4 5 ? anti-parallel 
# 
loop_
_struct_sheet_range.sheet_id 
_struct_sheet_range.id 
_struct_sheet_range.beg_label_comp_id 
_struct_sheet_range.beg_label_asym_id 
_struct_sheet_range.beg_label_seq_id 
_struct_sheet_range.pdbx_beg_PDB_ins_code 
_struct_sheet_range.end_label_comp_id 
_struct_sheet_range.end_label_asym_id 
_struct_sheet_range.end_label_seq_id 
_struct_sheet_range.pdbx_end_PDB_ins_code 
_struct_sheet_range.beg_auth_comp_id 
_struct_sheet_range.beg_auth_asym_id 
_struct_sheet_range.beg_auth_seq_id 
_struct_sheet_range.end_auth_comp_id 
_struct_sheet_range.end_auth_asym_id 
_struct_sheet_range.end_auth_seq_id 
A 1 ILE A 49 ? PRO A 54 ? ILE A 49 PRO A 54 
A 2 TRP A 41 ? HIS A 46 ? TRP A 41 HIS A 46 
A 3 SER A 30 ? SER A 38 ? SER A 30 SER A 38 
A 4 GLU A 7  ? ALA A 11 ? GLU A 7  ALA A 11 
A 5 ILE A 58 ? VAL A 59 ? ILE A 58 VAL A 59 
B 1 ILE B 49 ? PRO B 54 ? ILE B 49 PRO B 54 
B 2 TRP B 41 ? HIS B 46 ? TRP B 41 HIS B 46 
B 3 SER B 30 ? ARG B 36 ? SER B 30 ARG B 36 
B 4 GLU B 7  ? ALA B 11 ? GLU B 7  ALA B 11 
B 5 ILE B 58 ? VAL B 59 ? ILE B 58 VAL B 59 
# 
loop_
_pdbx_struct_sheet_hbond.sheet_id 
_pdbx_struct_sheet_hbond.range_id_1 
_pdbx_struct_sheet_hbond.range_id_2 
_pdbx_struct_sheet_hbond.range_1_label_atom_id 
_pdbx_struct_sheet_hbond.range_1_label_comp_id 
_pdbx_struct_sheet_hbond.range_1_label_asym_id 
_pdbx_struct_sheet_hbond.range_1_label_seq_id 
_pdbx_struct_sheet_hbond.range_1_PDB_ins_code 
_pdbx_struct_sheet_hbond.range_1_auth_atom_id 
_pdbx_struct_sheet_hbond.range_1_auth_comp_id 
_pdbx_struct_sheet_hbond.range_1_auth_asym_id 
_pdbx_struct_sheet_hbond.range_1_auth_seq_id 
_pdbx_struct_sheet_hbond.range_2_label_atom_id 
_pdbx_struct_sheet_hbond.range_2_label_comp_id 
_pdbx_struct_sheet_hbond.range_2_label_asym_id 
_pdbx_struct_sheet_hbond.range_2_label_seq_id 
_pdbx_struct_sheet_hbond.range_2_PDB_ins_code 
_pdbx_struct_sheet_hbond.range_2_auth_atom_id 
_pdbx_struct_sheet_hbond.range_2_auth_comp_id 
_pdbx_struct_sheet_hbond.range_2_auth_asym_id 
_pdbx_struct_sheet_hbond.range_2_auth_seq_id 
A 1 2 O GLY A 51 ? O GLY A 51 N GLY A 44 ? N GLY A 44 
A 2 3 O GLU A 43 ? O GLU A 43 N HIS A 35 ? N HIS A 35 
A 3 4 O LEU A 33 ? O LEU A 33 N GLU A 7  ? N GLU A 7  
A 4 5 N ILE A 10 ? N ILE A 10 O VAL A 59 ? O VAL A 59 
B 1 2 O GLY B 51 ? O GLY B 51 N GLY B 44 ? N GLY B 44 
B 2 3 O GLU B 43 ? O GLU B 43 N HIS B 35 ? N HIS B 35 
B 3 4 O LEU B 33 ? O LEU B 33 N GLU B 7  ? N GLU B 7  
B 4 5 N ILE B 10 ? N ILE B 10 O VAL B 59 ? O VAL B 59 
# 
_atom_sites.entry_id                    2GNC 
_atom_sites.fract_transf_matrix[1][1]   -0.01078659 
_atom_sites.fract_transf_matrix[1][2]   -0.00006164 
_atom_sites.fract_transf_matrix[1][3]   -0.00926728 
_atom_sites.fract_transf_matrix[2][1]   -0.00815496 
_atom_sites.fract_transf_matrix[2][2]   0.00681880 
_atom_sites.fract_transf_matrix[2][3]   0.00944656 
_atom_sites.fract_transf_matrix[3][1]   0.00440261 
_atom_sites.fract_transf_matrix[3][2]   0.01247947 
_atom_sites.fract_transf_matrix[3][3]   -0.00520738 
_atom_sites.fract_transf_vector[1]      1.022514 
_atom_sites.fract_transf_vector[2]      0.653699 
_atom_sites.fract_transf_vector[3]      0.293178 
# 
loop_
_atom_type.symbol 
C 
N 
O 
# 
loop_
_atom_site.group_PDB 
_atom_site.id 
_atom_site.type_symbol 
_atom_site.label_atom_id 
_atom_site.label_alt_id 
_atom_site.label_comp_id 
_atom_site.label_asym_id 
_atom_site.label_entity_id 
_atom_site.label_seq_id 
_atom_site.pdbx_PDB_ins_code 
_atom_site.Cartn_x 
_atom_site.Cartn_y 
_atom_site.Cartn_z 
_atom_site.occupancy 
_atom_site.B_iso_or_equiv 
_atom_site.pdbx_formal_charge 
_atom_site.auth_seq_id 
_atom_site.auth_comp_id 
_atom_site.auth_asym_id 
_atom_site.auth_atom_id 
_atom_site.pdbx_PDB_model_num 
ATOM   1    N N   . PRO A 1 6  ? -1.176  5.102   -10.531 1.00 33.97  ? 6   PRO A N   1 
ATOM   2    C CA  . PRO A 1 6  ? -1.259  4.648   -9.116  1.00 24.23  ? 6   PRO A CA  1 
ATOM   3    C C   . PRO A 1 6  ? -2.680  4.971   -8.645  1.00 22.79  ? 6   PRO A C   1 
ATOM   4    O O   . PRO A 1 6  ? -2.952  6.062   -8.138  1.00 23.20  ? 6   PRO A O   1 
ATOM   5    C CB  . PRO A 1 6  ? -0.217  5.430   -8.352  1.00 31.12  ? 6   PRO A CB  1 
ATOM   6    C CG  . PRO A 1 6  ? -0.200  6.731   -9.125  1.00 31.98  ? 6   PRO A CG  1 
ATOM   7    C CD  . PRO A 1 6  ? -0.499  6.409   -10.606 1.00 33.70  ? 6   PRO A CD  1 
ATOM   8    N N   . GLU A 1 7  ? -3.572  4.006   -8.841  1.00 14.85  ? 7   GLU A N   1 
ATOM   9    C CA  . GLU A 1 7  ? -4.991  4.133   -8.505  1.00 17.12  ? 7   GLU A CA  1 
ATOM   10   C C   . GLU A 1 7  ? -5.373  3.462   -7.190  1.00 15.07  ? 7   GLU A C   1 
ATOM   11   O O   . GLU A 1 7  ? -4.801  2.434   -6.829  1.00 13.32  ? 7   GLU A O   1 
ATOM   12   C CB  . GLU A 1 7  ? -5.839  3.470   -9.595  1.00 19.11  ? 7   GLU A CB  1 
ATOM   13   C CG  . GLU A 1 7  ? -5.557  3.952   -11.012 1.00 37.19  ? 7   GLU A CG  1 
ATOM   14   C CD  . GLU A 1 7  ? -6.587  4.946   -11.504 1.00 41.18  ? 7   GLU A CD  1 
ATOM   15   O OE1 . GLU A 1 7  ? -6.714  5.081   -12.739 1.00 48.24  ? 7   GLU A OE1 1 
ATOM   16   O OE2 . GLU A 1 7  ? -7.264  5.592   -10.667 1.00 41.09  ? 7   GLU A OE2 1 
ATOM   17   N N   . PHE A 1 8  ? -6.344  4.047   -6.485  1.00 11.92  ? 8   PHE A N   1 
ATOM   18   C CA  . PHE A 1 8  ? -6.849  3.434   -5.266  1.00 11.34  ? 8   PHE A CA  1 
ATOM   19   C C   . PHE A 1 8  ? -7.963  2.532   -5.756  1.00 16.94  ? 8   PHE A C   1 
ATOM   20   O O   . PHE A 1 8  ? -8.755  2.929   -6.616  1.00 17.49  ? 8   PHE A O   1 
ATOM   21   C CB  . PHE A 1 8  ? -7.450  4.464   -4.321  1.00 18.66  ? 8   PHE A CB  1 
ATOM   22   C CG  . PHE A 1 8  ? -6.437  5.325   -3.655  1.00 12.94  ? 8   PHE A CG  1 
ATOM   23   C CD1 . PHE A 1 8  ? -6.421  6.699   -3.871  1.00 19.14  ? 8   PHE A CD1 1 
ATOM   24   C CD2 . PHE A 1 8  ? -5.513  4.765   -2.775  1.00 18.30  ? 8   PHE A CD2 1 
ATOM   25   C CE1 . PHE A 1 8  ? -5.482  7.522   -3.205  1.00 19.39  ? 8   PHE A CE1 1 
ATOM   26   C CE2 . PHE A 1 8  ? -4.573  5.570   -2.105  1.00 19.88  ? 8   PHE A CE2 1 
ATOM   27   C CZ  . PHE A 1 8  ? -4.559  6.949   -2.321  1.00 21.26  ? 8   PHE A CZ  1 
ATOM   28   N N   . ALA A 1 9  ? -8.017  1.313   -5.239  1.00 16.61  ? 9   ALA A N   1 
ATOM   29   C CA  . ALA A 1 9  ? -9.075  0.391   -5.633  1.00 18.85  ? 9   ALA A CA  1 
ATOM   30   C C   . ALA A 1 9  ? -9.727  -0.220  -4.407  1.00 9.09   ? 9   ALA A C   1 
ATOM   31   O O   . ALA A 1 9  ? -9.152  -0.243  -3.333  1.00 17.35  ? 9   ALA A O   1 
ATOM   32   C CB  . ALA A 1 9  ? -8.508  -0.720  -6.511  1.00 18.83  ? 9   ALA A CB  1 
ATOM   33   N N   . ILE A 1 10 ? -10.952 -0.712  -4.570  1.00 14.19  ? 10  ILE A N   1 
ATOM   34   C CA  . ILE A 1 10 ? -11.640 -1.366  -3.478  1.00 14.47  ? 10  ILE A CA  1 
ATOM   35   C C   . ILE A 1 10 ? -12.011 -2.748  -4.011  1.00 16.93  ? 10  ILE A C   1 
ATOM   36   O O   . ILE A 1 10 ? -12.412 -2.891  -5.157  1.00 18.83  ? 10  ILE A O   1 
ATOM   37   C CB  . ILE A 1 10 ? -12.918 -0.597  -3.056  1.00 20.22  ? 10  ILE A CB  1 
ATOM   38   C CG1 . ILE A 1 10 ? -12.524 0.708   -2.366  1.00 25.48  ? 10  ILE A CG1 1 
ATOM   39   C CG2 . ILE A 1 10 ? -13.710 -1.415  -2.047  1.00 30.72  ? 10  ILE A CG2 1 
ATOM   40   C CD1 . ILE A 1 10 ? -11.814 0.482   -1.036  1.00 30.94  ? 10  ILE A CD1 1 
ATOM   41   N N   . ALA A 1 11 ? -11.861 -3.760  -3.184  1.00 18.36  ? 11  ALA A N   1 
ATOM   42   C CA  . ALA A 1 11 ? -12.160 -5.133  -3.601  1.00 15.48  ? 11  ALA A CA  1 
ATOM   43   C C   . ALA A 1 11 ? -13.665 -5.354  -3.551  1.00 13.33  ? 11  ALA A C   1 
ATOM   44   O O   . ALA A 1 11 ? -14.283 -5.119  -2.508  1.00 16.21  ? 11  ALA A O   1 
ATOM   45   C CB  . ALA A 1 11 ? -11.462 -6.103  -2.675  1.00 16.75  ? 11  ALA A CB  1 
ATOM   46   N N   . LYS A 1 12 ? -14.236 -5.824  -4.665  1.00 15.56  ? 12  LYS A N   1 
ATOM   47   C CA  . LYS A 1 12 ? -15.679 -6.073  -4.785  1.00 16.59  ? 12  LYS A CA  1 
ATOM   48   C C   . LYS A 1 12 ? -16.037 -7.444  -4.226  1.00 18.02  ? 12  LYS A C   1 
ATOM   49   O O   . LYS A 1 12 ? -17.190 -7.716  -3.920  1.00 21.26  ? 12  LYS A O   1 
ATOM   50   C CB  . LYS A 1 12 ? -16.125 -6.017  -6.263  1.00 16.35  ? 12  LYS A CB  1 
ATOM   51   C CG  . LYS A 1 12 ? -15.883 -4.692  -6.963  1.00 20.19  ? 12  LYS A CG  1 
ATOM   52   C CD  . LYS A 1 12 ? -16.523 -4.657  -8.347  1.00 15.93  ? 12  LYS A CD  1 
ATOM   53   C CE  . LYS A 1 12 ? -15.948 -5.736  -9.227  1.00 18.36  ? 12  LYS A CE  1 
ATOM   54   N NZ  . LYS A 1 12 ? -16.531 -5.731  -10.598 1.00 21.44  ? 12  LYS A NZ  1 
ATOM   55   N N   . PHE A 1 13 ? -15.041 -8.313  -4.089  1.00 21.57  ? 13  PHE A N   1 
ATOM   56   C CA  . PHE A 1 13 ? -15.303 -9.668  -3.602  1.00 15.53  ? 13  PHE A CA  1 
ATOM   57   C C   . PHE A 1 13 ? -13.984 -10.260 -3.127  1.00 20.57  ? 13  PHE A C   1 
ATOM   58   O O   . PHE A 1 13 ? -12.924 -9.814  -3.565  1.00 17.97  ? 13  PHE A O   1 
ATOM   59   C CB  . PHE A 1 13 ? -15.886 -10.479 -4.779  1.00 18.79  ? 13  PHE A CB  1 
ATOM   60   C CG  . PHE A 1 13 ? -16.692 -11.682 -4.373  1.00 12.98  ? 13  PHE A CG  1 
ATOM   61   C CD1 . PHE A 1 13 ? -16.117 -12.956 -4.349  1.00 18.71  ? 13  PHE A CD1 1 
ATOM   62   C CD2 . PHE A 1 13 ? -18.035 -11.546 -4.051  1.00 17.23  ? 13  PHE A CD2 1 
ATOM   63   C CE1 . PHE A 1 13 ? -16.888 -14.079 -4.007  1.00 17.90  ? 13  PHE A CE1 1 
ATOM   64   C CE2 . PHE A 1 13 ? -18.809 -12.638 -3.713  1.00 22.09  ? 13  PHE A CE2 1 
ATOM   65   C CZ  . PHE A 1 13 ? -18.243 -13.906 -3.690  1.00 20.18  ? 13  PHE A CZ  1 
ATOM   66   N N   . ASP A 1 14 ? -14.041 -11.220 -2.203  1.00 18.18  ? 14  ASP A N   1 
ATOM   67   C CA  . ASP A 1 14 ? -12.830 -11.869 -1.714  1.00 20.11  ? 14  ASP A CA  1 
ATOM   68   C C   . ASP A 1 14 ? -12.078 -12.521 -2.865  1.00 18.77  ? 14  ASP A C   1 
ATOM   69   O O   . ASP A 1 14 ? -12.698 -13.039 -3.817  1.00 17.79  ? 14  ASP A O   1 
ATOM   70   C CB  . ASP A 1 14 ? -13.156 -13.003 -0.730  1.00 22.35  ? 14  ASP A CB  1 
ATOM   71   C CG  . ASP A 1 14 ? -13.612 -12.520 0.626   1.00 20.00  ? 14  ASP A CG  1 
ATOM   72   O OD1 . ASP A 1 14 ? -13.837 -11.310 0.843   1.00 17.85  ? 14  ASP A OD1 1 
ATOM   73   O OD2 . ASP A 1 14 ? -13.761 -13.395 1.493   1.00 20.83  ? 14  ASP A OD2 1 
ATOM   74   N N   . TYR A 1 15 ? -10.749 -12.494 -2.791  1.00 16.19  ? 15  TYR A N   1 
ATOM   75   C CA  . TYR A 1 15 ? -9.912  -13.165 -3.781  1.00 16.75  ? 15  TYR A CA  1 
ATOM   76   C C   . TYR A 1 15 ? -8.829  -13.881 -3.020  1.00 19.98  ? 15  TYR A C   1 
ATOM   77   O O   . TYR A 1 15 ? -8.099  -13.291 -2.205  1.00 22.38  ? 15  TYR A O   1 
ATOM   78   C CB  . TYR A 1 15 ? -9.268  -12.215 -4.774  1.00 15.36  ? 15  TYR A CB  1 
ATOM   79   C CG  . TYR A 1 15 ? -8.578  -12.961 -5.893  1.00 18.84  ? 15  TYR A CG  1 
ATOM   80   C CD1 . TYR A 1 15 ? -9.320  -13.590 -6.894  1.00 19.14  ? 15  TYR A CD1 1 
ATOM   81   C CD2 . TYR A 1 15 ? -7.191  -13.016 -5.967  1.00 15.76  ? 15  TYR A CD2 1 
ATOM   82   C CE1 . TYR A 1 15 ? -8.699  -14.245 -7.964  1.00 13.15  ? 15  TYR A CE1 1 
ATOM   83   C CE2 . TYR A 1 15 ? -6.559  -13.682 -7.031  1.00 19.17  ? 15  TYR A CE2 1 
ATOM   84   C CZ  . TYR A 1 15 ? -7.325  -14.276 -8.025  1.00 17.55  ? 15  TYR A CZ  1 
ATOM   85   O OH  . TYR A 1 15 ? -6.727  -14.813 -9.138  1.00 20.78  ? 15  TYR A OH  1 
ATOM   86   N N   . VAL A 1 16 ? -8.760  -15.180 -3.256  1.00 19.49  ? 16  VAL A N   1 
ATOM   87   C CA  . VAL A 1 16 ? -7.779  -16.022 -2.606  1.00 20.98  ? 16  VAL A CA  1 
ATOM   88   C C   . VAL A 1 16 ? -6.822  -16.471 -3.685  1.00 18.07  ? 16  VAL A C   1 
ATOM   89   O O   . VAL A 1 16 ? -7.179  -17.269 -4.566  1.00 17.87  ? 16  VAL A O   1 
ATOM   90   C CB  . VAL A 1 16 ? -8.433  -17.270 -1.944  1.00 22.43  ? 16  VAL A CB  1 
ATOM   91   C CG1 . VAL A 1 16 ? -7.349  -18.077 -1.200  1.00 23.01  ? 16  VAL A CG1 1 
ATOM   92   C CG2 . VAL A 1 16 ? -9.528  -16.826 -0.980  1.00 25.33  ? 16  VAL A CG2 1 
ATOM   93   N N   . GLY A 1 17 ? -5.616  -15.914 -3.639  1.00 18.63  ? 17  GLY A N   1 
ATOM   94   C CA  . GLY A 1 17 ? -4.605  -16.272 -4.620  1.00 17.62  ? 17  GLY A CA  1 
ATOM   95   C C   . GLY A 1 17 ? -4.119  -17.691 -4.427  1.00 17.37  ? 17  GLY A C   1 
ATOM   96   O O   . GLY A 1 17 ? -4.045  -18.190 -3.304  1.00 16.82  ? 17  GLY A O   1 
ATOM   97   N N   . ARG A 1 18 ? -3.791  -18.350 -5.525  1.00 19.22  ? 18  ARG A N   1 
ATOM   98   C CA  . ARG A 1 18 ? -3.309  -19.718 -5.457  1.00 24.46  ? 18  ARG A CA  1 
ATOM   99   C C   . ARG A 1 18 ? -1.857  -19.781 -5.858  1.00 26.16  ? 18  ARG A C   1 
ATOM   100  O O   . ARG A 1 18 ? -1.235  -20.837 -5.792  1.00 35.27  ? 18  ARG A O   1 
ATOM   101  C CB  . ARG A 1 18 ? -4.148  -20.620 -6.383  1.00 22.61  ? 18  ARG A CB  1 
ATOM   102  C CG  . ARG A 1 18 ? -5.240  -21.392 -5.690  1.00 28.36  ? 18  ARG A CG  1 
ATOM   103  C CD  . ARG A 1 18 ? -6.277  -20.517 -5.006  1.00 45.20  ? 18  ARG A CD  1 
ATOM   104  N NE  . ARG A 1 18 ? -7.186  -21.329 -4.183  1.00 51.00  ? 18  ARG A NE  1 
ATOM   105  C CZ  . ARG A 1 18 ? -8.398  -20.944 -3.784  1.00 54.25  ? 18  ARG A CZ  1 
ATOM   106  N NH1 . ARG A 1 18 ? -8.875  -19.746 -4.128  1.00 34.92  ? 18  ARG A NH1 1 
ATOM   107  N NH2 . ARG A 1 18 ? -9.138  -21.764 -3.036  1.00 59.29  ? 18  ARG A NH2 1 
ATOM   108  N N   . SER A 1 19 ? -1.304  -18.640 -6.251  1.00 19.57  ? 19  SER A N   1 
ATOM   109  C CA  . SER A 1 19 ? 0.074   -18.562 -6.716  1.00 24.31  ? 19  SER A CA  1 
ATOM   110  C C   . SER A 1 19 ? 0.796   -17.463 -5.947  1.00 21.15  ? 19  SER A C   1 
ATOM   111  O O   . SER A 1 19 ? 0.156   -16.550 -5.450  1.00 20.36  ? 19  SER A O   1 
ATOM   112  C CB  . SER A 1 19 ? 0.076   -18.213 -8.219  1.00 21.86  ? 19  SER A CB  1 
ATOM   113  O OG  . SER A 1 19 ? 1.379   -18.302 -8.766  1.00 44.10  ? 19  SER A OG  1 
ATOM   114  N N   . ALA A 1 20 ? 2.121   -17.537 -5.852  1.00 18.89  ? 20  ALA A N   1 
ATOM   115  C CA  . ALA A 1 20 ? 2.869   -16.485 -5.162  1.00 24.24  ? 20  ALA A CA  1 
ATOM   116  C C   . ALA A 1 20 ? 2.819   -15.194 -5.998  1.00 19.08  ? 20  ALA A C   1 
ATOM   117  O O   . ALA A 1 20 ? 3.128   -14.096 -5.501  1.00 25.05  ? 20  ALA A O   1 
ATOM   118  C CB  . ALA A 1 20 ? 4.336   -16.933 -4.954  1.00 31.46  ? 20  ALA A CB  1 
ATOM   119  N N   . ARG A 1 21 ? 2.430   -15.313 -7.268  1.00 14.08  ? 21  ARG A N   1 
ATOM   120  C CA  . ARG A 1 21 ? 2.355   -14.136 -8.149  1.00 26.93  ? 21  ARG A CA  1 
ATOM   121  C C   . ARG A 1 21 ? 1.054   -13.350 -7.924  1.00 25.49  ? 21  ARG A C   1 
ATOM   122  O O   . ARG A 1 21 ? 0.925   -12.204 -8.364  1.00 32.09  ? 21  ARG A O   1 
ATOM   123  C CB  . ARG A 1 21 ? 2.466   -14.572 -9.621  1.00 23.44  ? 21  ARG A CB  1 
ATOM   124  C CG  . ARG A 1 21 ? 3.719   -15.398 -9.885  1.00 36.03  ? 21  ARG A CG  1 
ATOM   125  C CD  . ARG A 1 21 ? 3.981   -15.746 -11.339 1.00 50.97  ? 21  ARG A CD  1 
ATOM   126  N NE  . ARG A 1 21 ? 5.258   -16.461 -11.444 1.00 68.55  ? 21  ARG A NE  1 
ATOM   127  C CZ  . ARG A 1 21 ? 5.837   -16.835 -12.582 1.00 71.14  ? 21  ARG A CZ  1 
ATOM   128  N NH1 . ARG A 1 21 ? 5.263   -16.563 -13.749 1.00 76.95  ? 21  ARG A NH1 1 
ATOM   129  N NH2 . ARG A 1 21 ? 6.991   -17.491 -12.551 1.00 77.44  ? 21  ARG A NH2 1 
ATOM   130  N N   . GLU A 1 22 ? 0.112   -13.968 -7.215  1.00 22.38  ? 22  GLU A N   1 
ATOM   131  C CA  . GLU A 1 22 ? -1.192  -13.355 -6.937  1.00 23.14  ? 22  GLU A CA  1 
ATOM   132  C C   . GLU A 1 22 ? -1.331  -12.793 -5.540  1.00 20.93  ? 22  GLU A C   1 
ATOM   133  O O   . GLU A 1 22 ? -0.828  -13.346 -4.578  1.00 21.88  ? 22  GLU A O   1 
ATOM   134  C CB  . GLU A 1 22 ? -2.315  -14.377 -7.070  1.00 19.75  ? 22  GLU A CB  1 
ATOM   135  C CG  . GLU A 1 22 ? -2.534  -14.971 -8.433  1.00 18.43  ? 22  GLU A CG  1 
ATOM   136  C CD  . GLU A 1 22 ? -3.422  -16.195 -8.332  1.00 17.62  ? 22  GLU A CD  1 
ATOM   137  O OE1 . GLU A 1 22 ? -4.662  -16.067 -8.387  1.00 23.30  ? 22  GLU A OE1 1 
ATOM   138  O OE2 . GLU A 1 22 ? -2.865  -17.290 -8.159  1.00 18.57  ? 22  GLU A OE2 1 
ATOM   139  N N   . LEU A 1 23 ? -2.040  -11.680 -5.434  1.00 20.39  ? 23  LEU A N   1 
ATOM   140  C CA  . LEU A 1 23 ? -2.296  -11.115 -4.131  1.00 14.97  ? 23  LEU A CA  1 
ATOM   141  C C   . LEU A 1 23 ? -3.622  -11.738 -3.668  1.00 17.31  ? 23  LEU A C   1 
ATOM   142  O O   . LEU A 1 23 ? -4.442  -12.151 -4.492  1.00 22.76  ? 23  LEU A O   1 
ATOM   143  C CB  . LEU A 1 23 ? -2.442  -9.592  -4.232  1.00 14.95  ? 23  LEU A CB  1 
ATOM   144  C CG  . LEU A 1 23 ? -1.216  -8.817  -4.680  1.00 13.88  ? 23  LEU A CG  1 
ATOM   145  C CD1 . LEU A 1 23 ? -1.436  -7.313  -4.411  1.00 10.73  ? 23  LEU A CD1 1 
ATOM   146  C CD2 . LEU A 1 23 ? -0.032  -9.285  -3.886  1.00 14.85  ? 23  LEU A CD2 1 
ATOM   147  N N   . SER A 1 24 ? -3.814  -11.829 -2.364  1.00 17.55  ? 24  SER A N   1 
ATOM   148  C CA  . SER A 1 24 ? -5.048  -12.348 -1.783  1.00 17.42  ? 24  SER A CA  1 
ATOM   149  C C   . SER A 1 24 ? -5.591  -11.167 -0.989  1.00 22.24  ? 24  SER A C   1 
ATOM   150  O O   . SER A 1 24 ? -4.820  -10.425 -0.367  1.00 23.48  ? 24  SER A O   1 
ATOM   151  C CB  . SER A 1 24 ? -4.759  -13.507 -0.829  1.00 19.51  ? 24  SER A CB  1 
ATOM   152  O OG  . SER A 1 24 ? -4.489  -14.708 -1.534  1.00 17.33  ? 24  SER A OG  1 
ATOM   153  N N   . PHE A 1 25 ? -6.908  -10.995 -0.999  1.00 18.47  ? 25  PHE A N   1 
ATOM   154  C CA  . PHE A 1 25 ? -7.524  -9.888  -0.278  1.00 21.84  ? 25  PHE A CA  1 
ATOM   155  C C   . PHE A 1 25 ? -9.012  -10.154 -0.028  1.00 23.71  ? 25  PHE A C   1 
ATOM   156  O O   . PHE A 1 25 ? -9.617  -11.024 -0.661  1.00 21.12  ? 25  PHE A O   1 
ATOM   157  C CB  . PHE A 1 25 ? -7.326  -8.577  -1.072  1.00 16.22  ? 25  PHE A CB  1 
ATOM   158  C CG  . PHE A 1 25 ? -7.694  -8.692  -2.512  1.00 23.78  ? 25  PHE A CG  1 
ATOM   159  C CD1 . PHE A 1 25 ? -9.002  -8.511  -2.923  1.00 11.72  ? 25  PHE A CD1 1 
ATOM   160  C CD2 . PHE A 1 25 ? -6.726  -9.028  -3.457  1.00 18.21  ? 25  PHE A CD2 1 
ATOM   161  C CE1 . PHE A 1 25 ? -9.357  -8.660  -4.273  1.00 19.37  ? 25  PHE A CE1 1 
ATOM   162  C CE2 . PHE A 1 25 ? -7.046  -9.185  -4.811  1.00 20.02  ? 25  PHE A CE2 1 
ATOM   163  C CZ  . PHE A 1 25 ? -8.373  -9.000  -5.226  1.00 16.98  ? 25  PHE A CZ  1 
ATOM   164  N N   . LYS A 1 26 ? -9.568  -9.415  0.933   1.00 22.36  ? 26  LYS A N   1 
ATOM   165  C CA  . LYS A 1 26 ? -10.973 -9.508  1.315   1.00 22.51  ? 26  LYS A CA  1 
ATOM   166  C C   . LYS A 1 26 ? -11.817 -8.409  0.672   1.00 25.44  ? 26  LYS A C   1 
ATOM   167  O O   . LYS A 1 26 ? -11.333 -7.301  0.409   1.00 22.13  ? 26  LYS A O   1 
ATOM   168  C CB  . LYS A 1 26 ? -11.117 -9.369  2.837   1.00 18.92  ? 26  LYS A CB  1 
ATOM   169  C CG  . LYS A 1 26 ? -10.492 -10.494 3.642   1.00 34.84  ? 26  LYS A CG  1 
ATOM   170  C CD  . LYS A 1 26 ? -11.547 -11.444 4.174   1.00 48.20  ? 26  LYS A CD  1 
ATOM   171  C CE  . LYS A 1 26 ? -12.323 -10.821 5.335   1.00 55.33  ? 26  LYS A CE  1 
ATOM   172  N NZ  . LYS A 1 26 ? -13.150 -9.661  4.912   1.00 58.48  ? 26  LYS A NZ  1 
ATOM   173  N N   . LYS A 1 27 ? -13.087 -8.730  0.435   1.00 20.19  ? 27  LYS A N   1 
ATOM   174  C CA  . LYS A 1 27 ? -14.035 -7.772  -0.107  1.00 17.16  ? 27  LYS A CA  1 
ATOM   175  C C   . LYS A 1 27 ? -13.943 -6.567  0.815   1.00 20.82  ? 27  LYS A C   1 
ATOM   176  O O   . LYS A 1 27 ? -13.817 -6.728  2.041   1.00 20.34  ? 27  LYS A O   1 
ATOM   177  C CB  . LYS A 1 27 ? -15.458 -8.363  -0.052  1.00 19.11  ? 27  LYS A CB  1 
ATOM   178  C CG  . LYS A 1 27 ? -16.568 -7.409  -0.492  1.00 20.81  ? 27  LYS A CG  1 
ATOM   179  C CD  . LYS A 1 27 ? -17.895 -8.161  -0.612  1.00 26.18  ? 27  LYS A CD  1 
ATOM   180  C CE  . LYS A 1 27 ? -18.342 -8.766  0.724   1.00 34.54  ? 27  LYS A CE  1 
ATOM   181  N NZ  . LYS A 1 27 ? -18.893 -7.761  1.695   1.00 40.38  ? 27  LYS A NZ  1 
ATOM   182  N N   . GLY A 1 28 ? -13.984 -5.372  0.225   1.00 20.28  ? 28  GLY A N   1 
ATOM   183  C CA  . GLY A 1 28 ? -13.910 -4.156  1.007   1.00 18.40  ? 28  GLY A CA  1 
ATOM   184  C C   . GLY A 1 28 ? -12.513 -3.603  1.212   1.00 25.02  ? 28  GLY A C   1 
ATOM   185  O O   . GLY A 1 28 ? -12.368 -2.438  1.605   1.00 20.77  ? 28  GLY A O   1 
ATOM   186  N N   . ALA A 1 29 ? -11.484 -4.426  0.977   1.00 22.82  ? 29  ALA A N   1 
ATOM   187  C CA  . ALA A 1 29 ? -10.114 -3.968  1.159   1.00 19.53  ? 29  ALA A CA  1 
ATOM   188  C C   . ALA A 1 29 ? -9.715  -2.899  0.178   1.00 18.68  ? 29  ALA A C   1 
ATOM   189  O O   . ALA A 1 29 ? -10.172 -2.865  -0.972  1.00 20.19  ? 29  ALA A O   1 
ATOM   190  C CB  . ALA A 1 29 ? -9.127  -5.119  1.031   1.00 17.46  ? 29  ALA A CB  1 
ATOM   191  N N   . SER A 1 30 ? -8.815  -2.045  0.646   1.00 20.39  ? 30  SER A N   1 
ATOM   192  C CA  . SER A 1 30 ? -8.254  -1.010  -0.188  1.00 18.81  ? 30  SER A CA  1 
ATOM   193  C C   . SER A 1 30 ? -6.988  -1.583  -0.816  1.00 17.85  ? 30  SER A C   1 
ATOM   194  O O   . SER A 1 30 ? -6.201  -2.307  -0.158  1.00 20.08  ? 30  SER A O   1 
ATOM   195  C CB  . SER A 1 30 ? -7.878  0.212   0.651   1.00 20.88  ? 30  SER A CB  1 
ATOM   196  O OG  . SER A 1 30 ? -6.950  1.011   -0.041  1.00 23.10  ? 30  SER A OG  1 
ATOM   197  N N   . LEU A 1 31 ? -6.785  -1.291  -2.094  1.00 13.86  ? 31  LEU A N   1 
ATOM   198  C CA  . LEU A 1 31 ? -5.586  -1.758  -2.765  1.00 17.17  ? 31  LEU A CA  1 
ATOM   199  C C   . LEU A 1 31 ? -5.021  -0.628  -3.571  1.00 13.00  ? 31  LEU A C   1 
ATOM   200  O O   . LEU A 1 31 ? -5.746  0.246   -4.054  1.00 15.24  ? 31  LEU A O   1 
ATOM   201  C CB  . LEU A 1 31 ? -5.872  -2.920  -3.725  1.00 14.62  ? 31  LEU A CB  1 
ATOM   202  C CG  . LEU A 1 31 ? -6.389  -4.214  -3.123  1.00 20.14  ? 31  LEU A CG  1 
ATOM   203  C CD1 . LEU A 1 31 ? -7.900  -4.178  -3.071  1.00 20.70  ? 31  LEU A CD1 1 
ATOM   204  C CD2 . LEU A 1 31 ? -5.936  -5.368  -4.005  1.00 22.90  ? 31  LEU A CD2 1 
ATOM   205  N N   . LEU A 1 32 ? -3.708  -0.647  -3.731  1.00 12.87  ? 32  LEU A N   1 
ATOM   206  C CA  . LEU A 1 32 ? -3.062  0.360   -4.532  1.00 15.30  ? 32  LEU A CA  1 
ATOM   207  C C   . LEU A 1 32 ? -2.757  -0.352  -5.852  1.00 13.90  ? 32  LEU A C   1 
ATOM   208  O O   . LEU A 1 32 ? -2.114  -1.405  -5.852  1.00 13.46  ? 32  LEU A O   1 
ATOM   209  C CB  . LEU A 1 32 ? -1.781  0.821   -3.824  1.00 14.36  ? 32  LEU A CB  1 
ATOM   210  C CG  . LEU A 1 32 ? -1.140  2.137   -4.238  1.00 27.14  ? 32  LEU A CG  1 
ATOM   211  C CD1 . LEU A 1 32 ? -2.173  3.281   -4.186  1.00 25.65  ? 32  LEU A CD1 1 
ATOM   212  C CD2 . LEU A 1 32 ? 0.048   2.403   -3.294  1.00 26.26  ? 32  LEU A CD2 1 
ATOM   213  N N   . LEU A 1 33 ? -3.224  0.204   -6.968  1.00 12.60  ? 33  LEU A N   1 
ATOM   214  C CA  . LEU A 1 33 ? -2.951  -0.408  -8.282  1.00 11.05  ? 33  LEU A CA  1 
ATOM   215  C C   . LEU A 1 33 ? -1.958  0.440   -9.069  1.00 13.42  ? 33  LEU A C   1 
ATOM   216  O O   . LEU A 1 33 ? -2.236  1.587   -9.442  1.00 19.38  ? 33  LEU A O   1 
ATOM   217  C CB  . LEU A 1 33 ? -4.242  -0.588  -9.094  1.00 11.45  ? 33  LEU A CB  1 
ATOM   218  C CG  . LEU A 1 33 ? -5.306  -1.438  -8.370  1.00 18.71  ? 33  LEU A CG  1 
ATOM   219  C CD1 . LEU A 1 33 ? -6.544  -1.595  -9.258  1.00 16.89  ? 33  LEU A CD1 1 
ATOM   220  C CD2 . LEU A 1 33 ? -4.734  -2.822  -8.013  1.00 16.36  ? 33  LEU A CD2 1 
ATOM   221  N N   . TYR A 1 34 ? -0.788  -0.131  -9.315  1.00 8.94   ? 34  TYR A N   1 
ATOM   222  C CA  . TYR A 1 34 ? 0.256   0.581   -10.034 1.00 9.87   ? 34  TYR A CA  1 
ATOM   223  C C   . TYR A 1 34 ? 0.122   0.658   -11.533 1.00 19.51  ? 34  TYR A C   1 
ATOM   224  O O   . TYR A 1 34 ? 0.345   1.719   -12.133 1.00 24.03  ? 34  TYR A O   1 
ATOM   225  C CB  . TYR A 1 34 ? 1.627   -0.037  -9.720  1.00 15.16  ? 34  TYR A CB  1 
ATOM   226  C CG  . TYR A 1 34 ? 2.046   0.171   -8.293  1.00 18.05  ? 34  TYR A CG  1 
ATOM   227  C CD1 . TYR A 1 34 ? 2.273   1.451   -7.795  1.00 19.44  ? 34  TYR A CD1 1 
ATOM   228  C CD2 . TYR A 1 34 ? 2.170   -0.915  -7.426  1.00 25.16  ? 34  TYR A CD2 1 
ATOM   229  C CE1 . TYR A 1 34 ? 2.608   1.642   -6.444  1.00 30.11  ? 34  TYR A CE1 1 
ATOM   230  C CE2 . TYR A 1 34 ? 2.509   -0.741  -6.089  1.00 28.88  ? 34  TYR A CE2 1 
ATOM   231  C CZ  . TYR A 1 34 ? 2.720   0.541   -5.596  1.00 29.13  ? 34  TYR A CZ  1 
ATOM   232  O OH  . TYR A 1 34 ? 3.009   0.715   -4.252  1.00 28.31  ? 34  TYR A OH  1 
ATOM   233  N N   . HIS A 1 35 ? -0.250  -0.460  -12.147 1.00 17.82  ? 35  HIS A N   1 
ATOM   234  C CA  . HIS A 1 35 ? -0.284  -0.485  -13.583 1.00 22.70  ? 35  HIS A CA  1 
ATOM   235  C C   . HIS A 1 35 ? -1.217  -1.570  -14.103 1.00 17.91  ? 35  HIS A C   1 
ATOM   236  O O   . HIS A 1 35 ? -1.321  -2.627  -13.510 1.00 18.32  ? 35  HIS A O   1 
ATOM   237  C CB  . HIS A 1 35 ? 1.156   -0.740  -14.033 1.00 26.96  ? 35  HIS A CB  1 
ATOM   238  C CG  . HIS A 1 35 ? 1.362   -0.636  -15.499 1.00 34.87  ? 35  HIS A CG  1 
ATOM   239  N ND1 . HIS A 1 35 ? 1.499   -1.743  -16.306 1.00 44.17  ? 35  HIS A ND1 1 
ATOM   240  C CD2 . HIS A 1 35 ? 1.439   0.444   -16.312 1.00 41.45  ? 35  HIS A CD2 1 
ATOM   241  C CE1 . HIS A 1 35 ? 1.650   -1.348  -17.558 1.00 44.62  ? 35  HIS A CE1 1 
ATOM   242  N NE2 . HIS A 1 35 ? 1.615   -0.027  -17.591 1.00 42.10  ? 35  HIS A NE2 1 
ATOM   243  N N   . ARG A 1 36 ? -1.899  -1.274  -15.206 1.00 20.12  ? 36  ARG A N   1 
ATOM   244  C CA  . ARG A 1 36 ? -2.805  -2.218  -15.863 1.00 20.74  ? 36  ARG A CA  1 
ATOM   245  C C   . ARG A 1 36 ? -1.947  -3.118  -16.767 1.00 18.44  ? 36  ARG A C   1 
ATOM   246  O O   . ARG A 1 36 ? -1.502  -2.694  -17.844 1.00 18.31  ? 36  ARG A O   1 
ATOM   247  C CB  . ARG A 1 36 ? -3.816  -1.438  -16.706 1.00 21.56  ? 36  ARG A CB  1 
ATOM   248  C CG  . ARG A 1 36 ? -4.952  -2.270  -17.239 1.00 24.28  ? 36  ARG A CG  1 
ATOM   249  C CD  . ARG A 1 36 ? -5.763  -2.884  -16.108 1.00 20.49  ? 36  ARG A CD  1 
ATOM   250  N NE  . ARG A 1 36 ? -6.952  -3.562  -16.620 1.00 24.84  ? 36  ARG A NE  1 
ATOM   251  C CZ  . ARG A 1 36 ? -8.086  -2.954  -16.979 1.00 26.75  ? 36  ARG A CZ  1 
ATOM   252  N NH1 . ARG A 1 36 ? -8.202  -1.631  -16.879 1.00 22.04  ? 36  ARG A NH1 1 
ATOM   253  N NH2 . ARG A 1 36 ? -9.109  -3.669  -17.455 1.00 21.23  ? 36  ARG A NH2 1 
ATOM   254  N N   . ALA A 1 37 ? -1.708  -4.353  -16.337 1.00 18.12  ? 37  ALA A N   1 
ATOM   255  C CA  . ALA A 1 37 ? -0.852  -5.278  -17.082 1.00 14.99  ? 37  ALA A CA  1 
ATOM   256  C C   . ALA A 1 37 ? -1.530  -5.836  -18.347 1.00 17.86  ? 37  ALA A C   1 
ATOM   257  O O   . ALA A 1 37 ? -0.903  -5.983  -19.396 1.00 15.41  ? 37  ALA A O   1 
ATOM   258  C CB  . ALA A 1 37 ? -0.419  -6.401  -16.166 1.00 14.48  ? 37  ALA A CB  1 
ATOM   259  N N   . SER A 1 38 ? -2.799  -6.177  -18.211 1.00 14.11  ? 38  SER A N   1 
ATOM   260  C CA  . SER A 1 38 ? -3.599  -6.662  -19.326 1.00 21.90  ? 38  SER A CA  1 
ATOM   261  C C   . SER A 1 38 ? -5.033  -6.246  -18.992 1.00 19.68  ? 38  SER A C   1 
ATOM   262  O O   . SER A 1 38 ? -5.303  -5.685  -17.921 1.00 19.51  ? 38  SER A O   1 
ATOM   263  C CB  . SER A 1 38 ? -3.526  -8.190  -19.462 1.00 16.20  ? 38  SER A CB  1 
ATOM   264  O OG  . SER A 1 38 ? -4.391  -8.816  -18.551 1.00 14.02  ? 38  SER A OG  1 
ATOM   265  N N   . GLU A 1 39 ? -5.955  -6.527  -19.898 1.00 16.03  ? 39  GLU A N   1 
ATOM   266  C CA  . GLU A 1 39 ? -7.346  -6.189  -19.658 1.00 21.14  ? 39  GLU A CA  1 
ATOM   267  C C   . GLU A 1 39 ? -7.864  -6.878  -18.389 1.00 14.28  ? 39  GLU A C   1 
ATOM   268  O O   . GLU A 1 39 ? -8.777  -6.372  -17.734 1.00 19.27  ? 39  GLU A O   1 
ATOM   269  C CB  . GLU A 1 39 ? -8.193  -6.611  -20.876 1.00 29.36  ? 39  GLU A CB  1 
ATOM   270  C CG  . GLU A 1 39 ? -9.422  -5.724  -21.127 1.00 50.86  ? 39  GLU A CG  1 
ATOM   271  C CD  . GLU A 1 39 ? -10.686 -6.235  -20.456 1.00 59.96  ? 39  GLU A CD  1 
ATOM   272  O OE1 . GLU A 1 39 ? -11.546 -5.390  -20.092 1.00 59.83  ? 39  GLU A OE1 1 
ATOM   273  O OE2 . GLU A 1 39 ? -10.823 -7.476  -20.310 1.00 68.04  ? 39  GLU A OE2 1 
ATOM   274  N N   . ASP A 1 40 ? -7.243  -7.993  -18.008 1.00 15.79  ? 40  ASP A N   1 
ATOM   275  C CA  . ASP A 1 40 ? -7.708  -8.760  -16.829 1.00 13.04  ? 40  ASP A CA  1 
ATOM   276  C C   . ASP A 1 40 ? -6.836  -8.747  -15.591 1.00 18.90  ? 40  ASP A C   1 
ATOM   277  O O   . ASP A 1 40 ? -7.215  -9.306  -14.563 1.00 15.33  ? 40  ASP A O   1 
ATOM   278  C CB  . ASP A 1 40 ? -7.900  -10.212 -17.246 1.00 14.25  ? 40  ASP A CB  1 
ATOM   279  C CG  . ASP A 1 40 ? -8.647  -10.327 -18.558 1.00 19.88  ? 40  ASP A CG  1 
ATOM   280  O OD1 . ASP A 1 40 ? -9.820  -9.915  -18.603 1.00 23.40  ? 40  ASP A OD1 1 
ATOM   281  O OD2 . ASP A 1 40 ? -8.056  -10.799 -19.556 1.00 17.65  ? 40  ASP A OD2 1 
ATOM   282  N N   . TRP A 1 41 ? -5.675  -8.110  -15.676 1.00 17.13  ? 41  TRP A N   1 
ATOM   283  C CA  . TRP A 1 41 ? -4.744  -8.121  -14.555 1.00 13.50  ? 41  TRP A CA  1 
ATOM   284  C C   . TRP A 1 41 ? -4.077  -6.768  -14.295 1.00 13.17  ? 41  TRP A C   1 
ATOM   285  O O   . TRP A 1 41 ? -3.730  -6.053  -15.230 1.00 18.70  ? 41  TRP A O   1 
ATOM   286  C CB  . TRP A 1 41 ? -3.617  -9.126  -14.841 1.00 16.39  ? 41  TRP A CB  1 
ATOM   287  C CG  . TRP A 1 41 ? -4.033  -10.574 -14.799 1.00 21.24  ? 41  TRP A CG  1 
ATOM   288  C CD1 . TRP A 1 41 ? -4.263  -11.408 -15.860 1.00 18.53  ? 41  TRP A CD1 1 
ATOM   289  C CD2 . TRP A 1 41 ? -4.256  -11.355 -13.622 1.00 18.33  ? 41  TRP A CD2 1 
ATOM   290  N NE1 . TRP A 1 41 ? -4.615  -12.667 -15.410 1.00 14.79  ? 41  TRP A NE1 1 
ATOM   291  C CE2 . TRP A 1 41 ? -4.621  -12.659 -14.041 1.00 10.63  ? 41  TRP A CE2 1 
ATOM   292  C CE3 . TRP A 1 41 ? -4.180  -11.077 -12.250 1.00 17.28  ? 41  TRP A CE3 1 
ATOM   293  C CZ2 . TRP A 1 41 ? -4.918  -13.683 -13.134 1.00 16.89  ? 41  TRP A CZ2 1 
ATOM   294  C CZ3 . TRP A 1 41 ? -4.464  -12.087 -11.348 1.00 19.03  ? 41  TRP A CZ3 1 
ATOM   295  C CH2 . TRP A 1 41 ? -4.836  -13.382 -11.796 1.00 18.36  ? 41  TRP A CH2 1 
ATOM   296  N N   . TRP A 1 42 ? -3.878  -6.447  -13.023 1.00 17.24  ? 42  TRP A N   1 
ATOM   297  C CA  . TRP A 1 42 ? -3.178  -5.211  -12.631 1.00 16.84  ? 42  TRP A CA  1 
ATOM   298  C C   . TRP A 1 42 ? -1.989  -5.598  -11.750 1.00 17.47  ? 42  TRP A C   1 
ATOM   299  O O   . TRP A 1 42 ? -2.037  -6.612  -11.088 1.00 15.64  ? 42  TRP A O   1 
ATOM   300  C CB  . TRP A 1 42 ? -4.005  -4.332  -11.703 1.00 14.88  ? 42  TRP A CB  1 
ATOM   301  C CG  . TRP A 1 42 ? -5.210  -3.718  -12.229 1.00 14.69  ? 42  TRP A CG  1 
ATOM   302  C CD1 . TRP A 1 42 ? -6.422  -4.314  -12.406 1.00 12.11  ? 42  TRP A CD1 1 
ATOM   303  C CD2 . TRP A 1 42 ? -5.375  -2.342  -12.594 1.00 15.04  ? 42  TRP A CD2 1 
ATOM   304  N NE1 . TRP A 1 42 ? -7.338  -3.391  -12.852 1.00 18.74  ? 42  TRP A NE1 1 
ATOM   305  C CE2 . TRP A 1 42 ? -6.722  -2.174  -12.976 1.00 14.33  ? 42  TRP A CE2 1 
ATOM   306  C CE3 . TRP A 1 42 ? -4.510  -1.236  -12.634 1.00 23.49  ? 42  TRP A CE3 1 
ATOM   307  C CZ2 . TRP A 1 42 ? -7.240  -0.938  -13.396 1.00 19.34  ? 42  TRP A CZ2 1 
ATOM   308  C CZ3 . TRP A 1 42 ? -5.020  -0.001  -13.052 1.00 20.51  ? 42  TRP A CZ3 1 
ATOM   309  C CH2 . TRP A 1 42 ? -6.373  0.135   -13.427 1.00 20.63  ? 42  TRP A CH2 1 
ATOM   310  N N   . GLU A 1 43 ? -0.954  -4.760  -11.737 1.00 17.20  ? 43  GLU A N   1 
ATOM   311  C CA  . GLU A 1 43 ? 0.172   -4.944  -10.818 1.00 12.49  ? 43  GLU A CA  1 
ATOM   312  C C   . GLU A 1 43 ? -0.295  -4.061  -9.641  1.00 10.69  ? 43  GLU A C   1 
ATOM   313  O O   . GLU A 1 43 ? -0.626  -2.883  -9.841  1.00 14.19  ? 43  GLU A O   1 
ATOM   314  C CB  . GLU A 1 43 ? 1.467   -4.331  -11.360 1.00 18.01  ? 43  GLU A CB  1 
ATOM   315  C CG  . GLU A 1 43 ? 2.013   -4.905  -12.659 1.00 26.05  ? 43  GLU A CG  1 
ATOM   316  C CD  . GLU A 1 43 ? 2.619   -6.283  -12.516 1.00 31.92  ? 43  GLU A CD  1 
ATOM   317  O OE1 . GLU A 1 43 ? 2.992   -6.872  -13.571 1.00 30.87  ? 43  GLU A OE1 1 
ATOM   318  O OE2 . GLU A 1 43 ? 2.730   -6.793  -11.365 1.00 27.86  ? 43  GLU A OE2 1 
ATOM   319  N N   . GLY A 1 44 ? -0.371  -4.614  -8.441  1.00 12.04  ? 44  GLY A N   1 
ATOM   320  C CA  . GLY A 1 44 ? -0.787  -3.800  -7.321  1.00 12.23  ? 44  GLY A CA  1 
ATOM   321  C C   . GLY A 1 44 ? -0.095  -4.235  -6.067  1.00 14.26  ? 44  GLY A C   1 
ATOM   322  O O   . GLY A 1 44 ? 0.785   -5.094  -6.087  1.00 17.59  ? 44  GLY A O   1 
ATOM   323  N N   . ARG A 1 45 ? -0.481  -3.608  -4.971  1.00 15.37  ? 45  ARG A N   1 
ATOM   324  C CA  . ARG A 1 45 ? 0.101   -3.905  -3.683  1.00 16.78  ? 45  ARG A CA  1 
ATOM   325  C C   . ARG A 1 45 ? -1.000  -3.945  -2.615  1.00 19.45  ? 45  ARG A C   1 
ATOM   326  O O   . ARG A 1 45 ? -1.917  -3.126  -2.628  1.00 15.93  ? 45  ARG A O   1 
ATOM   327  C CB  . ARG A 1 45 ? 1.146   -2.845  -3.340  1.00 22.27  ? 45  ARG A CB  1 
ATOM   328  C CG  . ARG A 1 45 ? 1.759   -3.091  -1.969  1.00 26.51  ? 45  ARG A CG  1 
ATOM   329  C CD  . ARG A 1 45 ? 2.814   -2.078  -1.600  1.00 30.03  ? 45  ARG A CD  1 
ATOM   330  N NE  . ARG A 1 45 ? 4.001   -2.167  -2.444  1.00 40.72  ? 45  ARG A NE  1 
ATOM   331  C CZ  . ARG A 1 45 ? 5.094   -1.423  -2.268  1.00 48.56  ? 45  ARG A CZ  1 
ATOM   332  N NH1 . ARG A 1 45 ? 5.136   -0.540  -1.273  1.00 44.40  ? 45  ARG A NH1 1 
ATOM   333  N NH2 . ARG A 1 45 ? 6.140   -1.558  -3.084  1.00 39.25  ? 45  ARG A NH2 1 
ATOM   334  N N   . HIS A 1 46 ? -0.909  -4.910  -1.698  1.00 17.54  ? 46  HIS A N   1 
ATOM   335  C CA  . HIS A 1 46 ? -1.910  -5.070  -0.639  1.00 17.25  ? 46  HIS A CA  1 
ATOM   336  C C   . HIS A 1 46 ? -1.250  -5.830  0.477   1.00 14.70  ? 46  HIS A C   1 
ATOM   337  O O   . HIS A 1 46 ? -0.552  -6.813  0.214   1.00 19.26  ? 46  HIS A O   1 
ATOM   338  C CB  . HIS A 1 46 ? -3.120  -5.878  -1.132  1.00 15.52  ? 46  HIS A CB  1 
ATOM   339  C CG  . HIS A 1 46 ? -4.141  -6.156  -0.064  1.00 21.25  ? 46  HIS A CG  1 
ATOM   340  N ND1 . HIS A 1 46 ? -4.197  -7.347  0.632   1.00 20.57  ? 46  HIS A ND1 1 
ATOM   341  C CD2 . HIS A 1 46 ? -5.083  -5.357  0.490   1.00 18.21  ? 46  HIS A CD2 1 
ATOM   342  C CE1 . HIS A 1 46 ? -5.125  -7.264  1.573   1.00 23.34  ? 46  HIS A CE1 1 
ATOM   343  N NE2 . HIS A 1 46 ? -5.675  -6.063  1.508   1.00 24.00  ? 46  HIS A NE2 1 
ATOM   344  N N   . ASN A 1 47 ? -1.455  -5.390  1.716   1.00 15.89  ? 47  ASN A N   1 
ATOM   345  C CA  . ASN A 1 47 ? -0.850  -6.058  2.858   1.00 18.95  ? 47  ASN A CA  1 
ATOM   346  C C   . ASN A 1 47 ? 0.681   -5.985  2.739   1.00 26.38  ? 47  ASN A C   1 
ATOM   347  O O   . ASN A 1 47 ? 1.409   -6.881  3.207   1.00 23.84  ? 47  ASN A O   1 
ATOM   348  C CB  . ASN A 1 47 ? -1.331  -7.527  2.918   1.00 26.89  ? 47  ASN A CB  1 
ATOM   349  C CG  . ASN A 1 47 ? -1.114  -8.171  4.293   1.00 33.56  ? 47  ASN A CG  1 
ATOM   350  O OD1 . ASN A 1 47 ? -1.124  -7.483  5.322   1.00 30.57  ? 47  ASN A OD1 1 
ATOM   351  N ND2 . ASN A 1 47 ? -0.939  -9.499  4.317   1.00 32.02  ? 47  ASN A ND2 1 
ATOM   352  N N   . GLY A 1 48 ? 1.166   -4.922  2.101   1.00 20.59  ? 48  GLY A N   1 
ATOM   353  C CA  . GLY A 1 48 ? 2.604   -4.726  1.949   1.00 18.76  ? 48  GLY A CA  1 
ATOM   354  C C   . GLY A 1 48 ? 3.282   -5.639  0.939   1.00 20.50  ? 48  GLY A C   1 
ATOM   355  O O   . GLY A 1 48 ? 4.509   -5.664  0.835   1.00 24.75  ? 48  GLY A O   1 
ATOM   356  N N   . ILE A 1 49 ? 2.484   -6.378  0.184   1.00 23.83  ? 49  ILE A N   1 
ATOM   357  C CA  . ILE A 1 49 ? 3.001   -7.317  -0.809  1.00 19.62  ? 49  ILE A CA  1 
ATOM   358  C C   . ILE A 1 49 ? 2.690   -6.874  -2.240  1.00 17.93  ? 49  ILE A C   1 
ATOM   359  O O   . ILE A 1 49 ? 1.559   -6.498  -2.543  1.00 15.83  ? 49  ILE A O   1 
ATOM   360  C CB  . ILE A 1 49 ? 2.387   -8.707  -0.585  1.00 18.86  ? 49  ILE A CB  1 
ATOM   361  C CG1 . ILE A 1 49 ? 2.689   -9.180  0.853   1.00 21.34  ? 49  ILE A CG1 1 
ATOM   362  C CG2 . ILE A 1 49 ? 2.935   -9.709  -1.604  1.00 23.65  ? 49  ILE A CG2 1 
ATOM   363  C CD1 . ILE A 1 49 ? 1.764   -10.251 1.337   1.00 20.11  ? 49  ILE A CD1 1 
ATOM   364  N N   . ASP A 1 50 ? 3.682   -6.943  -3.117  1.00 14.74  ? 50  ASP A N   1 
ATOM   365  C CA  . ASP A 1 50 ? 3.475   -6.591  -4.524  1.00 17.53  ? 50  ASP A CA  1 
ATOM   366  C C   . ASP A 1 50 ? 3.091   -7.857  -5.295  1.00 18.07  ? 50  ASP A C   1 
ATOM   367  O O   . ASP A 1 50 ? 3.685   -8.925  -5.094  1.00 19.23  ? 50  ASP A O   1 
ATOM   368  C CB  . ASP A 1 50 ? 4.763   -6.041  -5.145  1.00 20.59  ? 50  ASP A CB  1 
ATOM   369  C CG  . ASP A 1 50 ? 5.104   -4.646  -4.663  1.00 27.78  ? 50  ASP A CG  1 
ATOM   370  O OD1 . ASP A 1 50 ? 4.354   -3.699  -4.979  1.00 28.52  ? 50  ASP A OD1 1 
ATOM   371  O OD2 . ASP A 1 50 ? 6.135   -4.510  -3.970  1.00 36.88  ? 50  ASP A OD2 1 
ATOM   372  N N   . GLY A 1 51 ? 2.130   -7.725  -6.195  1.00 16.36  ? 51  GLY A N   1 
ATOM   373  C CA  . GLY A 1 51 ? 1.702   -8.873  -6.982  1.00 15.92  ? 51  GLY A CA  1 
ATOM   374  C C   . GLY A 1 51 ? 0.597   -8.506  -7.940  1.00 17.57  ? 51  GLY A C   1 
ATOM   375  O O   . GLY A 1 51 ? 0.277   -7.320  -8.112  1.00 22.88  ? 51  GLY A O   1 
ATOM   376  N N   . LEU A 1 52 ? -0.019  -9.527  -8.522  1.00 17.73  ? 52  LEU A N   1 
ATOM   377  C CA  . LEU A 1 52 ? -1.069  -9.327  -9.493  1.00 20.15  ? 52  LEU A CA  1 
ATOM   378  C C   . LEU A 1 52 ? -2.427  -9.321  -8.845  1.00 18.11  ? 52  LEU A C   1 
ATOM   379  O O   . LEU A 1 52 ? -2.689  -10.067 -7.891  1.00 20.69  ? 52  LEU A O   1 
ATOM   380  C CB  . LEU A 1 52 ? -1.010  -10.415 -10.559 1.00 19.76  ? 52  LEU A CB  1 
ATOM   381  C CG  . LEU A 1 52 ? 0.219   -10.453 -11.439 1.00 30.63  ? 52  LEU A CG  1 
ATOM   382  C CD1 . LEU A 1 52 ? 0.102   -11.675 -12.313 1.00 38.55  ? 52  LEU A CD1 1 
ATOM   383  C CD2 . LEU A 1 52 ? 0.319   -9.199  -12.295 1.00 29.58  ? 52  LEU A CD2 1 
ATOM   384  N N   . VAL A 1 53 ? -3.273  -8.439  -9.364  1.00 17.36  ? 53  VAL A N   1 
ATOM   385  C CA  . VAL A 1 53 ? -4.627  -8.255  -8.859  1.00 15.11  ? 53  VAL A CA  1 
ATOM   386  C C   . VAL A 1 53 ? -5.575  -8.463  -10.058 1.00 16.83  ? 53  VAL A C   1 
ATOM   387  O O   . VAL A 1 53 ? -5.400  -7.858  -11.119 1.00 14.38  ? 53  VAL A O   1 
ATOM   388  C CB  . VAL A 1 53 ? -4.804  -6.808  -8.251  1.00 17.74  ? 53  VAL A CB  1 
ATOM   389  C CG1 . VAL A 1 53 ? -6.235  -6.634  -7.739  1.00 11.64  ? 53  VAL A CG1 1 
ATOM   390  C CG2 . VAL A 1 53 ? -3.822  -6.606  -7.047  1.00 16.77  ? 53  VAL A CG2 1 
ATOM   391  N N   . PRO A 1 54 ? -6.570  -9.351  -9.906  1.00 14.91  ? 54  PRO A N   1 
ATOM   392  C CA  . PRO A 1 54 ? -7.511  -9.614  -10.996 1.00 15.54  ? 54  PRO A CA  1 
ATOM   393  C C   . PRO A 1 54 ? -8.523  -8.479  -11.130 1.00 14.74  ? 54  PRO A C   1 
ATOM   394  O O   . PRO A 1 54 ? -9.145  -8.075  -10.157 1.00 16.23  ? 54  PRO A O   1 
ATOM   395  C CB  . PRO A 1 54 ? -8.133  -10.951 -10.599 1.00 11.12  ? 54  PRO A CB  1 
ATOM   396  C CG  . PRO A 1 54 ? -8.187  -10.890 -9.134  1.00 10.22  ? 54  PRO A CG  1 
ATOM   397  C CD  . PRO A 1 54 ? -6.902  -10.141 -8.701  1.00 15.24  ? 54  PRO A CD  1 
ATOM   398  N N   . HIS A 1 55 ? -8.644  -7.936  -12.345 1.00 15.36  ? 55  HIS A N   1 
ATOM   399  C CA  . HIS A 1 55 ? -9.558  -6.826  -12.587 1.00 12.57  ? 55  HIS A CA  1 
ATOM   400  C C   . HIS A 1 55 ? -10.996 -7.131  -12.192 1.00 16.57  ? 55  HIS A C   1 
ATOM   401  O O   . HIS A 1 55 ? -11.708 -6.250  -11.649 1.00 16.02  ? 55  HIS A O   1 
ATOM   402  C CB  . HIS A 1 55 ? -9.494  -6.397  -14.063 1.00 14.61  ? 55  HIS A CB  1 
ATOM   403  C CG  . HIS A 1 55 ? -10.317 -5.179  -14.375 1.00 16.00  ? 55  HIS A CG  1 
ATOM   404  N ND1 . HIS A 1 55 ? -9.996  -3.922  -13.898 1.00 20.73  ? 55  HIS A ND1 1 
ATOM   405  C CD2 . HIS A 1 55 ? -11.443 -5.022  -15.115 1.00 22.19  ? 55  HIS A CD2 1 
ATOM   406  C CE1 . HIS A 1 55 ? -10.887 -3.043  -14.332 1.00 17.96  ? 55  HIS A CE1 1 
ATOM   407  N NE2 . HIS A 1 55 ? -11.776 -3.686  -15.072 1.00 18.68  ? 55  HIS A NE2 1 
ATOM   408  N N   . GLN A 1 56 ? -11.428 -8.371  -12.424 1.00 15.61  ? 56  GLN A N   1 
ATOM   409  C CA  . GLN A 1 56 ? -12.804 -8.798  -12.088 1.00 17.77  ? 56  GLN A CA  1 
ATOM   410  C C   . GLN A 1 56 ? -13.185 -8.668  -10.617 1.00 17.90  ? 56  GLN A C   1 
ATOM   411  O O   . GLN A 1 56 ? -14.366 -8.673  -10.291 1.00 19.03  ? 56  GLN A O   1 
ATOM   412  C CB  . GLN A 1 56 ? -13.032 -10.265 -12.482 1.00 20.09  ? 56  GLN A CB  1 
ATOM   413  C CG  . GLN A 1 56 ? -13.042 -10.501 -13.966 1.00 39.96  ? 56  GLN A CG  1 
ATOM   414  C CD  . GLN A 1 56 ? -14.254 -9.873  -14.619 1.00 45.75  ? 56  GLN A CD  1 
ATOM   415  O OE1 . GLN A 1 56 ? -15.387 -10.331 -14.421 1.00 49.27  ? 56  GLN A OE1 1 
ATOM   416  N NE2 . GLN A 1 56 ? -14.029 -8.802  -15.390 1.00 39.78  ? 56  GLN A NE2 1 
ATOM   417  N N   . TYR A 1 57 ? -12.213 -8.525  -9.731  1.00 18.00  ? 57  TYR A N   1 
ATOM   418  C CA  . TYR A 1 57 ? -12.514 -8.443  -8.290  1.00 13.84  ? 57  TYR A CA  1 
ATOM   419  C C   . TYR A 1 57 ? -12.329 -7.081  -7.642  1.00 17.78  ? 57  TYR A C   1 
ATOM   420  O O   . TYR A 1 57 ? -12.473 -6.950  -6.435  1.00 13.37  ? 57  TYR A O   1 
ATOM   421  C CB  . TYR A 1 57 ? -11.655 -9.431  -7.501  1.00 17.42  ? 57  TYR A CB  1 
ATOM   422  C CG  . TYR A 1 57 ? -12.038 -10.862 -7.732  1.00 19.66  ? 57  TYR A CG  1 
ATOM   423  C CD1 . TYR A 1 57 ? -11.923 -11.428 -9.003  1.00 18.61  ? 57  TYR A CD1 1 
ATOM   424  C CD2 . TYR A 1 57 ? -12.611 -11.628 -6.702  1.00 19.64  ? 57  TYR A CD2 1 
ATOM   425  C CE1 . TYR A 1 57 ? -12.382 -12.711 -9.255  1.00 17.27  ? 57  TYR A CE1 1 
ATOM   426  C CE2 . TYR A 1 57 ? -13.072 -12.926 -6.944  1.00 16.54  ? 57  TYR A CE2 1 
ATOM   427  C CZ  . TYR A 1 57 ? -12.963 -13.454 -8.225  1.00 19.63  ? 57  TYR A CZ  1 
ATOM   428  O OH  . TYR A 1 57 ? -13.481 -14.702 -8.516  1.00 22.94  ? 57  TYR A OH  1 
ATOM   429  N N   . ILE A 1 58 ? -11.960 -6.089  -8.431  1.00 16.17  ? 58  ILE A N   1 
ATOM   430  C CA  . ILE A 1 58 ? -11.773 -4.765  -7.856  1.00 19.67  ? 58  ILE A CA  1 
ATOM   431  C C   . ILE A 1 58 ? -12.496 -3.685  -8.641  1.00 18.31  ? 58  ILE A C   1 
ATOM   432  O O   . ILE A 1 58 ? -12.954 -3.904  -9.769  1.00 19.26  ? 58  ILE A O   1 
ATOM   433  C CB  . ILE A 1 58 ? -10.259 -4.420  -7.769  1.00 16.23  ? 58  ILE A CB  1 
ATOM   434  C CG1 . ILE A 1 58 ? -9.582  -4.520  -9.150  1.00 16.36  ? 58  ILE A CG1 1 
ATOM   435  C CG2 . ILE A 1 58 ? -9.579  -5.373  -6.800  1.00 16.95  ? 58  ILE A CG2 1 
ATOM   436  C CD1 . ILE A 1 58 ? -9.783  -3.291  -10.064 1.00 20.84  ? 58  ILE A CD1 1 
ATOM   437  N N   . VAL A 1 59 ? -12.634 -2.516  -8.031  1.00 18.69  ? 59  VAL A N   1 
ATOM   438  C CA  . VAL A 1 59 ? -13.237 -1.406  -8.741  1.00 16.42  ? 59  VAL A CA  1 
ATOM   439  C C   . VAL A 1 59 ? -12.382 -0.172  -8.512  1.00 15.48  ? 59  VAL A C   1 
ATOM   440  O O   . VAL A 1 59 ? -11.879 0.056   -7.419  1.00 15.86  ? 59  VAL A O   1 
ATOM   441  C CB  . VAL A 1 59 ? -14.700 -1.147  -8.304  1.00 24.59  ? 59  VAL A CB  1 
ATOM   442  C CG1 . VAL A 1 59 ? -14.774 -0.800  -6.834  1.00 16.56  ? 59  VAL A CG1 1 
ATOM   443  C CG2 . VAL A 1 59 ? -15.301 -0.041  -9.172  1.00 27.72  ? 59  VAL A CG2 1 
ATOM   444  N N   . VAL A 1 60 ? -12.181 0.594   -9.572  1.00 18.88  ? 60  VAL A N   1 
ATOM   445  C CA  . VAL A 1 60 ? -11.403 1.825   -9.507  1.00 23.51  ? 60  VAL A CA  1 
ATOM   446  C C   . VAL A 1 60 ? -12.370 2.941   -9.913  1.00 26.48  ? 60  VAL A C   1 
ATOM   447  O O   . VAL A 1 60 ? -13.280 2.654   -10.716 1.00 25.10  ? 60  VAL A O   1 
ATOM   448  C CB  . VAL A 1 60 ? -10.213 1.773   -10.491 1.00 26.61  ? 60  VAL A CB  1 
ATOM   449  C CG1 . VAL A 1 60 ? -9.481  3.098   -10.501 1.00 36.01  ? 60  VAL A CG1 1 
ATOM   450  C CG2 . VAL A 1 60 ? -9.261  0.652   -10.093 1.00 29.47  ? 60  VAL A CG2 1 
ATOM   451  O OXT . VAL A 1 60 ? -12.227 4.079   -9.435  1.00 24.46  ? 60  VAL A OXT 1 
ATOM   452  N N   . PRO B 1 6  ? -2.246  12.858  15.642  1.00 30.30  ? 6   PRO B N   1 
ATOM   453  C CA  . PRO B 1 6  ? -0.907  12.849  14.977  1.00 25.62  ? 6   PRO B CA  1 
ATOM   454  C C   . PRO B 1 6  ? 0.074   12.141  15.904  1.00 21.47  ? 6   PRO B C   1 
ATOM   455  O O   . PRO B 1 6  ? 0.241   12.523  17.071  1.00 24.27  ? 6   PRO B O   1 
ATOM   456  C CB  . PRO B 1 6  ? -0.493  14.288  14.794  1.00 31.85  ? 6   PRO B CB  1 
ATOM   457  C CG  . PRO B 1 6  ? -1.137  14.915  16.039  1.00 28.06  ? 6   PRO B CG  1 
ATOM   458  C CD  . PRO B 1 6  ? -2.517  14.201  16.184  1.00 31.08  ? 6   PRO B CD  1 
ATOM   459  N N   . GLU B 1 7  ? 0.719   11.109  15.392  1.00 18.79  ? 7   GLU B N   1 
ATOM   460  C CA  . GLU B 1 7  ? 1.662   10.357  16.192  1.00 17.28  ? 7   GLU B CA  1 
ATOM   461  C C   . GLU B 1 7  ? 3.014   10.260  15.522  1.00 15.49  ? 7   GLU B C   1 
ATOM   462  O O   . GLU B 1 7  ? 3.141   10.503  14.324  1.00 15.38  ? 7   GLU B O   1 
ATOM   463  C CB  . GLU B 1 7  ? 1.119   8.951   16.441  1.00 24.14  ? 7   GLU B CB  1 
ATOM   464  C CG  . GLU B 1 7  ? -0.168  8.947   17.270  1.00 29.86  ? 7   GLU B CG  1 
ATOM   465  C CD  . GLU B 1 7  ? -0.536  7.565   17.740  1.00 36.81  ? 7   GLU B CD  1 
ATOM   466  O OE1 . GLU B 1 7  ? 0.090   7.065   18.709  1.00 39.50  ? 7   GLU B OE1 1 
ATOM   467  O OE2 . GLU B 1 7  ? -1.443  6.974   17.118  1.00 42.96  ? 7   GLU B OE2 1 
ATOM   468  N N   . PHE B 1 8  ? 4.018   9.894   16.303  1.00 14.53  ? 8   PHE B N   1 
ATOM   469  C CA  . PHE B 1 8  ? 5.360   9.737   15.757  1.00 17.58  ? 8   PHE B CA  1 
ATOM   470  C C   . PHE B 1 8  ? 5.664   8.264   15.633  1.00 15.28  ? 8   PHE B C   1 
ATOM   471  O O   . PHE B 1 8  ? 5.337   7.486   16.523  1.00 18.59  ? 8   PHE B O   1 
ATOM   472  C CB  . PHE B 1 8  ? 6.384   10.409  16.658  1.00 24.07  ? 8   PHE B CB  1 
ATOM   473  C CG  . PHE B 1 8  ? 6.278   11.895  16.657  1.00 36.10  ? 8   PHE B CG  1 
ATOM   474  C CD1 . PHE B 1 8  ? 5.878   12.579  17.796  1.00 38.24  ? 8   PHE B CD1 1 
ATOM   475  C CD2 . PHE B 1 8  ? 6.558   12.615  15.498  1.00 32.08  ? 8   PHE B CD2 1 
ATOM   476  C CE1 . PHE B 1 8  ? 5.760   13.968  17.783  1.00 40.96  ? 8   PHE B CE1 1 
ATOM   477  C CE2 . PHE B 1 8  ? 6.442   14.000  15.476  1.00 33.34  ? 8   PHE B CE2 1 
ATOM   478  C CZ  . PHE B 1 8  ? 6.042   14.672  16.625  1.00 36.61  ? 8   PHE B CZ  1 
ATOM   479  N N   . ALA B 1 9  ? 6.284   7.884   14.520  1.00 16.93  ? 9   ALA B N   1 
ATOM   480  C CA  . ALA B 1 9  ? 6.625   6.492   14.283  1.00 10.68  ? 9   ALA B CA  1 
ATOM   481  C C   . ALA B 1 9  ? 8.098   6.293   14.059  1.00 15.27  ? 9   ALA B C   1 
ATOM   482  O O   . ALA B 1 9  ? 8.825   7.216   13.693  1.00 16.80  ? 9   ALA B O   1 
ATOM   483  C CB  . ALA B 1 9  ? 5.843   5.957   13.063  1.00 15.48  ? 9   ALA B CB  1 
ATOM   484  N N   . ILE B 1 10 ? 8.537   5.056   14.255  1.00 14.41  ? 10  ILE B N   1 
ATOM   485  C CA  . ILE B 1 10 ? 9.926   4.713   14.012  1.00 15.05  ? 10  ILE B CA  1 
ATOM   486  C C   . ILE B 1 10 ? 9.933   3.774   12.800  1.00 12.47  ? 10  ILE B C   1 
ATOM   487  O O   . ILE B 1 10 ? 9.162   2.828   12.761  1.00 15.40  ? 10  ILE B O   1 
ATOM   488  C CB  . ILE B 1 10 ? 10.549  3.948   15.203  1.00 16.94  ? 10  ILE B CB  1 
ATOM   489  C CG1 . ILE B 1 10 ? 10.532  4.818   16.466  1.00 19.98  ? 10  ILE B CG1 1 
ATOM   490  C CG2 . ILE B 1 10 ? 11.975  3.548   14.846  1.00 17.18  ? 10  ILE B CG2 1 
ATOM   491  C CD1 . ILE B 1 10 ? 11.060  4.074   17.691  1.00 21.92  ? 10  ILE B CD1 1 
ATOM   492  N N   . ALA B 1 11 ? 10.807  4.039   11.839  1.00 16.29  ? 11  ALA B N   1 
ATOM   493  C CA  . ALA B 1 11 ? 10.912  3.192   10.650  1.00 18.08  ? 11  ALA B CA  1 
ATOM   494  C C   . ALA B 1 11 ? 11.720  1.916   10.953  1.00 20.46  ? 11  ALA B C   1 
ATOM   495  O O   . ALA B 1 11 ? 12.827  1.985   11.511  1.00 17.81  ? 11  ALA B O   1 
ATOM   496  C CB  . ALA B 1 11 ? 11.563  3.973   9.520   1.00 13.62  ? 11  ALA B CB  1 
ATOM   497  N N   . LYS B 1 12 ? 11.162  0.762   10.588  1.00 18.06  ? 12  LYS B N   1 
ATOM   498  C CA  . LYS B 1 12 ? 11.816  -0.541  10.809  1.00 19.01  ? 12  LYS B CA  1 
ATOM   499  C C   . LYS B 1 12 ? 12.849  -0.903  9.750   1.00 21.53  ? 12  LYS B C   1 
ATOM   500  O O   . LYS B 1 12 ? 13.743  -1.733  9.991   1.00 17.14  ? 12  LYS B O   1 
ATOM   501  C CB  . LYS B 1 12 ? 10.770  -1.662  10.827  1.00 15.07  ? 12  LYS B CB  1 
ATOM   502  C CG  . LYS B 1 12 ? 9.734   -1.500  11.929  1.00 12.89  ? 12  LYS B CG  1 
ATOM   503  C CD  . LYS B 1 12 ? 8.611   -2.529  11.844  1.00 16.59  ? 12  LYS B CD  1 
ATOM   504  C CE  . LYS B 1 12 ? 7.633   -2.336  12.996  1.00 24.74  ? 12  LYS B CE  1 
ATOM   505  N NZ  . LYS B 1 12 ? 6.451   -3.223  12.909  1.00 21.00  ? 12  LYS B NZ  1 
ATOM   506  N N   . PHE B 1 13 ? 12.714  -0.280  8.578   1.00 22.29  ? 13  PHE B N   1 
ATOM   507  C CA  . PHE B 1 13 ? 13.570  -0.531  7.416   1.00 17.16  ? 13  PHE B CA  1 
ATOM   508  C C   . PHE B 1 13 ? 13.788  0.728   6.585   1.00 20.70  ? 13  PHE B C   1 
ATOM   509  O O   . PHE B 1 13 ? 13.062  1.707   6.738   1.00 18.44  ? 13  PHE B O   1 
ATOM   510  C CB  . PHE B 1 13 ? 12.887  -1.522  6.466   1.00 17.78  ? 13  PHE B CB  1 
ATOM   511  C CG  . PHE B 1 13 ? 12.908  -2.967  6.923   1.00 20.88  ? 13  PHE B CG  1 
ATOM   512  C CD1 . PHE B 1 13 ? 14.114  -3.658  7.084   1.00 21.17  ? 13  PHE B CD1 1 
ATOM   513  C CD2 . PHE B 1 13 ? 11.709  -3.659  7.120   1.00 16.93  ? 13  PHE B CD2 1 
ATOM   514  C CE1 . PHE B 1 13 ? 14.120  -5.028  7.430   1.00 16.02  ? 13  PHE B CE1 1 
ATOM   515  C CE2 . PHE B 1 13 ? 11.716  -4.985  7.463   1.00 16.33  ? 13  PHE B CE2 1 
ATOM   516  C CZ  . PHE B 1 13 ? 12.915  -5.685  7.622   1.00 16.30  ? 13  PHE B CZ  1 
ATOM   517  N N   . ASP B 1 14 ? 14.788  0.687   5.705   1.00 19.73  ? 14  ASP B N   1 
ATOM   518  C CA  . ASP B 1 14 ? 15.011  1.784   4.759   1.00 28.50  ? 14  ASP B CA  1 
ATOM   519  C C   . ASP B 1 14 ? 13.844  1.496   3.817   1.00 27.69  ? 14  ASP B C   1 
ATOM   520  O O   . ASP B 1 14 ? 13.603  0.323   3.514   1.00 23.05  ? 14  ASP B O   1 
ATOM   521  C CB  . ASP B 1 14 ? 16.286  1.600   3.914   1.00 31.20  ? 14  ASP B CB  1 
ATOM   522  C CG  . ASP B 1 14 ? 17.557  2.100   4.585   1.00 33.64  ? 14  ASP B CG  1 
ATOM   523  O OD1 . ASP B 1 14 ? 17.493  2.747   5.654   1.00 26.49  ? 14  ASP B OD1 1 
ATOM   524  O OD2 . ASP B 1 14 ? 18.650  1.833   4.005   1.00 41.60  ? 14  ASP B OD2 1 
ATOM   525  N N   . TYR B 1 15 ? 13.119  2.520   3.367   1.00 20.36  ? 15  TYR B N   1 
ATOM   526  C CA  . TYR B 1 15 ? 12.012  2.290   2.438   1.00 23.07  ? 15  TYR B CA  1 
ATOM   527  C C   . TYR B 1 15 ? 12.076  3.258   1.253   1.00 19.19  ? 15  TYR B C   1 
ATOM   528  O O   . TYR B 1 15 ? 12.351  4.458   1.421   1.00 20.28  ? 15  TYR B O   1 
ATOM   529  C CB  . TYR B 1 15 ? 10.668  2.437   3.164   1.00 21.98  ? 15  TYR B CB  1 
ATOM   530  C CG  . TYR B 1 15 ? 9.443   2.138   2.308   1.00 23.64  ? 15  TYR B CG  1 
ATOM   531  C CD1 . TYR B 1 15 ? 9.102   0.831   1.968   1.00 21.89  ? 15  TYR B CD1 1 
ATOM   532  C CD2 . TYR B 1 15 ? 8.605   3.169   1.864   1.00 23.58  ? 15  TYR B CD2 1 
ATOM   533  C CE1 . TYR B 1 15 ? 7.946   0.569   1.208   1.00 23.51  ? 15  TYR B CE1 1 
ATOM   534  C CE2 . TYR B 1 15 ? 7.454   2.915   1.105   1.00 21.60  ? 15  TYR B CE2 1 
ATOM   535  C CZ  . TYR B 1 15 ? 7.128   1.621   0.781   1.00 24.83  ? 15  TYR B CZ  1 
ATOM   536  O OH  . TYR B 1 15 ? 6.003   1.379   0.010   1.00 26.41  ? 15  TYR B OH  1 
ATOM   537  N N   . VAL B 1 16 ? 11.860  2.729   0.049   1.00 22.20  ? 16  VAL B N   1 
ATOM   538  C CA  . VAL B 1 16 ? 11.850  3.546   -1.164  1.00 20.73  ? 16  VAL B CA  1 
ATOM   539  C C   . VAL B 1 16 ? 10.421  3.361   -1.695  1.00 28.33  ? 16  VAL B C   1 
ATOM   540  O O   . VAL B 1 16 ? 10.009  2.241   -2.013  1.00 20.39  ? 16  VAL B O   1 
ATOM   541  C CB  . VAL B 1 16 ? 12.893  3.046   -2.227  1.00 27.90  ? 16  VAL B CB  1 
ATOM   542  C CG1 . VAL B 1 16 ? 12.832  3.929   -3.484  1.00 29.98  ? 16  VAL B CG1 1 
ATOM   543  C CG2 . VAL B 1 16 ? 14.306  3.090   -1.651  1.00 24.40  ? 16  VAL B CG2 1 
ATOM   544  N N   . GLY B 1 17 ? 9.650   4.449   -1.736  1.00 24.64  ? 17  GLY B N   1 
ATOM   545  C CA  . GLY B 1 17 ? 8.282   4.334   -2.220  1.00 21.01  ? 17  GLY B CA  1 
ATOM   546  C C   . GLY B 1 17 ? 8.273   3.932   -3.682  1.00 24.06  ? 17  GLY B C   1 
ATOM   547  O O   . GLY B 1 17 ? 9.148   4.365   -4.440  1.00 23.01  ? 17  GLY B O   1 
ATOM   548  N N   . ARG B 1 18 ? 7.292   3.116   -4.069  1.00 23.20  ? 18  ARG B N   1 
ATOM   549  C CA  . ARG B 1 18 ? 7.145   2.644   -5.443  1.00 25.88  ? 18  ARG B CA  1 
ATOM   550  C C   . ARG B 1 18 ? 6.342   3.601   -6.329  1.00 30.74  ? 18  ARG B C   1 
ATOM   551  O O   . ARG B 1 18 ? 6.257   3.402   -7.535  1.00 33.84  ? 18  ARG B O   1 
ATOM   552  C CB  . ARG B 1 18 ? 6.477   1.257   -5.469  1.00 28.25  ? 18  ARG B CB  1 
ATOM   553  C CG  . ARG B 1 18 ? 7.326   0.100   -4.919  1.00 45.59  ? 18  ARG B CG  1 
ATOM   554  C CD  . ARG B 1 18 ? 8.600   -0.166  -5.760  1.00 51.71  ? 18  ARG B CD  1 
ATOM   555  N NE  . ARG B 1 18 ? 9.350   -1.346  -5.303  1.00 56.29  ? 18  ARG B NE  1 
ATOM   556  C CZ  . ARG B 1 18 ? 10.425  -1.862  -5.915  1.00 64.84  ? 18  ARG B CZ  1 
ATOM   557  N NH1 . ARG B 1 18 ? 10.904  -1.312  -7.028  1.00 65.55  ? 18  ARG B NH1 1 
ATOM   558  N NH2 . ARG B 1 18 ? 11.021  -2.949  -5.420  1.00 63.13  ? 18  ARG B NH2 1 
ATOM   559  N N   . SER B 1 19 ? 5.752   4.642   -5.749  1.00 27.28  ? 19  SER B N   1 
ATOM   560  C CA  . SER B 1 19 ? 4.982   5.600   -6.533  1.00 26.05  ? 19  SER B CA  1 
ATOM   561  C C   . SER B 1 19 ? 5.069   6.985   -5.921  1.00 28.73  ? 19  SER B C   1 
ATOM   562  O O   . SER B 1 19 ? 5.619   7.176   -4.822  1.00 22.95  ? 19  SER B O   1 
ATOM   563  C CB  . SER B 1 19 ? 3.504   5.178   -6.644  1.00 26.10  ? 19  SER B CB  1 
ATOM   564  O OG  . SER B 1 19 ? 2.822   5.337   -5.408  1.00 26.37  ? 19  SER B OG  1 
ATOM   565  N N   . ALA B 1 20 ? 4.512   7.959   -6.628  1.00 24.95  ? 20  ALA B N   1 
ATOM   566  C CA  . ALA B 1 20 ? 4.542   9.333   -6.147  1.00 27.67  ? 20  ALA B CA  1 
ATOM   567  C C   . ALA B 1 20 ? 3.658   9.531   -4.911  1.00 22.06  ? 20  ALA B C   1 
ATOM   568  O O   . ALA B 1 20 ? 3.805   10.528  -4.212  1.00 20.84  ? 20  ALA B O   1 
ATOM   569  C CB  . ALA B 1 20 ? 4.111   10.297  -7.270  1.00 25.94  ? 20  ALA B CB  1 
ATOM   570  N N   . ARG B 1 21 ? 2.736   8.608   -4.643  1.00 16.62  ? 21  ARG B N   1 
ATOM   571  C CA  . ARG B 1 21 ? 1.882   8.751   -3.458  1.00 20.19  ? 21  ARG B CA  1 
ATOM   572  C C   . ARG B 1 21 ? 2.567   8.314   -2.166  1.00 21.80  ? 21  ARG B C   1 
ATOM   573  O O   . ARG B 1 21 ? 2.058   8.561   -1.066  1.00 24.69  ? 21  ARG B O   1 
ATOM   574  C CB  . ARG B 1 21 ? 0.606   7.917   -3.591  1.00 19.86  ? 21  ARG B CB  1 
ATOM   575  C CG  . ARG B 1 21 ? -0.333  8.409   -4.635  1.00 24.59  ? 21  ARG B CG  1 
ATOM   576  C CD  . ARG B 1 21 ? -1.610  7.592   -4.666  1.00 32.07  ? 21  ARG B CD  1 
ATOM   577  N NE  . ARG B 1 21 ? -2.466  8.132   -5.717  1.00 34.67  ? 21  ARG B NE  1 
ATOM   578  C CZ  . ARG B 1 21 ? -3.083  9.308   -5.640  1.00 37.98  ? 21  ARG B CZ  1 
ATOM   579  N NH1 . ARG B 1 21 ? -2.964  10.064  -4.548  1.00 31.34  ? 21  ARG B NH1 1 
ATOM   580  N NH2 . ARG B 1 21 ? -3.770  9.752   -6.681  1.00 41.15  ? 21  ARG B NH2 1 
ATOM   581  N N   . GLU B 1 22 ? 3.726   7.684   -2.306  1.00 21.17  ? 22  GLU B N   1 
ATOM   582  C CA  . GLU B 1 22 ? 4.451   7.131   -1.171  1.00 16.33  ? 22  GLU B CA  1 
ATOM   583  C C   . GLU B 1 22 ? 5.697   7.886   -0.746  1.00 17.95  ? 22  GLU B C   1 
ATOM   584  O O   . GLU B 1 22 ? 6.379   8.508   -1.563  1.00 20.23  ? 22  GLU B O   1 
ATOM   585  C CB  . GLU B 1 22 ? 4.834   5.685   -1.506  1.00 19.18  ? 22  GLU B CB  1 
ATOM   586  C CG  . GLU B 1 22 ? 3.657   4.779   -1.884  1.00 19.91  ? 22  GLU B CG  1 
ATOM   587  C CD  . GLU B 1 22 ? 4.128   3.505   -2.575  1.00 22.60  ? 22  GLU B CD  1 
ATOM   588  O OE1 . GLU B 1 22 ? 4.932   2.752   -1.984  1.00 32.21  ? 22  GLU B OE1 1 
ATOM   589  O OE2 . GLU B 1 22 ? 3.716   3.256   -3.715  1.00 18.73  ? 22  GLU B OE2 1 
ATOM   590  N N   . LEU B 1 23 ? 5.985   7.826   0.552   1.00 12.71  ? 23  LEU B N   1 
ATOM   591  C CA  . LEU B 1 23 ? 7.157   8.475   1.104   1.00 15.05  ? 23  LEU B CA  1 
ATOM   592  C C   . LEU B 1 23 ? 8.345   7.524   1.075   1.00 14.03  ? 23  LEU B C   1 
ATOM   593  O O   . LEU B 1 23 ? 8.181   6.318   0.950   1.00 25.10  ? 23  LEU B O   1 
ATOM   594  C CB  . LEU B 1 23 ? 6.915   8.898   2.559   1.00 13.39  ? 23  LEU B CB  1 
ATOM   595  C CG  . LEU B 1 23 ? 5.798   9.923   2.765   1.00 15.12  ? 23  LEU B CG  1 
ATOM   596  C CD1 . LEU B 1 23 ? 5.844   10.479  4.224   1.00 10.63  ? 23  LEU B CD1 1 
ATOM   597  C CD2 . LEU B 1 23 ? 5.970   11.044  1.750   1.00 12.07  ? 23  LEU B CD2 1 
ATOM   598  N N   . SER B 1 24 ? 9.533   8.098   1.195   1.00 19.41  ? 24  SER B N   1 
ATOM   599  C CA  . SER B 1 24 ? 10.783  7.345   1.247   1.00 18.21  ? 24  SER B CA  1 
ATOM   600  C C   . SER B 1 24 ? 11.491  7.746   2.546   1.00 19.96  ? 24  SER B C   1 
ATOM   601  O O   . SER B 1 24 ? 11.490  8.915   2.923   1.00 22.07  ? 24  SER B O   1 
ATOM   602  C CB  . SER B 1 24 ? 11.682  7.691   0.060   1.00 19.14  ? 24  SER B CB  1 
ATOM   603  O OG  . SER B 1 24 ? 11.156  7.160   -1.141  1.00 20.80  ? 24  SER B OG  1 
ATOM   604  N N   . PHE B 1 25 ? 12.116  6.787   3.219   1.00 23.10  ? 25  PHE B N   1 
ATOM   605  C CA  . PHE B 1 25 ? 12.797  7.092   4.472   1.00 21.34  ? 25  PHE B CA  1 
ATOM   606  C C   . PHE B 1 25 ? 13.844  6.041   4.849   1.00 17.25  ? 25  PHE B C   1 
ATOM   607  O O   . PHE B 1 25 ? 13.865  4.922   4.305   1.00 19.43  ? 25  PHE B O   1 
ATOM   608  C CB  . PHE B 1 25 ? 11.748  7.248   5.588   1.00 17.87  ? 25  PHE B CB  1 
ATOM   609  C CG  . PHE B 1 25 ? 10.725  6.132   5.634   1.00 13.47  ? 25  PHE B CG  1 
ATOM   610  C CD1 . PHE B 1 25 ? 10.993  4.936   6.290   1.00 15.73  ? 25  PHE B CD1 1 
ATOM   611  C CD2 . PHE B 1 25 ? 9.498   6.282   5.022   1.00 14.94  ? 25  PHE B CD2 1 
ATOM   612  C CE1 . PHE B 1 25 ? 10.045  3.893   6.337   1.00 14.62  ? 25  PHE B CE1 1 
ATOM   613  C CE2 . PHE B 1 25 ? 8.545   5.247   5.059   1.00 13.84  ? 25  PHE B CE2 1 
ATOM   614  C CZ  . PHE B 1 25 ? 8.828   4.057   5.717   1.00 18.74  ? 25  PHE B CZ  1 
ATOM   615  N N   . LYS B 1 26 ? 14.724  6.420   5.773   1.00 17.69  ? 26  LYS B N   1 
ATOM   616  C CA  . LYS B 1 26 ? 15.785  5.524   6.247   1.00 20.34  ? 26  LYS B CA  1 
ATOM   617  C C   . LYS B 1 26 ? 15.359  4.746   7.481   1.00 18.86  ? 26  LYS B C   1 
ATOM   618  O O   . LYS B 1 26 ? 14.523  5.204   8.248   1.00 12.93  ? 26  LYS B O   1 
ATOM   619  C CB  . LYS B 1 26 ? 17.038  6.337   6.600   1.00 28.40  ? 26  LYS B CB  1 
ATOM   620  C CG  . LYS B 1 26 ? 17.759  6.940   5.397   1.00 32.05  ? 26  LYS B CG  1 
ATOM   621  C CD  . LYS B 1 26 ? 18.333  5.850   4.498   1.00 44.85  ? 26  LYS B CD  1 
ATOM   622  C CE  . LYS B 1 26 ? 19.153  6.451   3.363   1.00 53.65  ? 26  LYS B CE  1 
ATOM   623  N NZ  . LYS B 1 26 ? 20.212  7.378   3.876   1.00 56.86  ? 26  LYS B NZ  1 
ATOM   624  N N   . LYS B 1 27 ? 15.945  3.567   7.672   1.00 14.24  ? 27  LYS B N   1 
ATOM   625  C CA  . LYS B 1 27 ? 15.641  2.752   8.862   1.00 17.24  ? 27  LYS B CA  1 
ATOM   626  C C   . LYS B 1 27 ? 15.995  3.609   10.080  1.00 16.31  ? 27  LYS B C   1 
ATOM   627  O O   . LYS B 1 27 ? 17.018  4.340   10.062  1.00 17.94  ? 27  LYS B O   1 
ATOM   628  C CB  . LYS B 1 27 ? 16.514  1.489   8.830   1.00 17.31  ? 27  LYS B CB  1 
ATOM   629  C CG  . LYS B 1 27 ? 16.454  0.606   10.081  1.00 21.45  ? 27  LYS B CG  1 
ATOM   630  C CD  . LYS B 1 27 ? 17.237  -0.683  9.825   1.00 17.96  ? 27  LYS B CD  1 
ATOM   631  C CE  . LYS B 1 27 ? 17.172  -1.652  11.004  1.00 22.68  ? 27  LYS B CE  1 
ATOM   632  N NZ  . LYS B 1 27 ? 17.942  -1.089  12.112  1.00 24.35  ? 27  LYS B NZ  1 
ATOM   633  N N   . GLY B 1 28 ? 15.174  3.551   11.127  1.00 16.76  ? 28  GLY B N   1 
ATOM   634  C CA  . GLY B 1 28 ? 15.448  4.341   12.314  1.00 16.48  ? 28  GLY B CA  1 
ATOM   635  C C   . GLY B 1 28 ? 14.883  5.757   12.328  1.00 17.12  ? 28  GLY B C   1 
ATOM   636  O O   . GLY B 1 28 ? 14.838  6.367   13.391  1.00 18.32  ? 28  GLY B O   1 
ATOM   637  N N   . ALA B 1 29 ? 14.467  6.288   11.177  1.00 17.30  ? 29  ALA B N   1 
ATOM   638  C CA  . ALA B 1 29 ? 13.895  7.642   11.109  1.00 20.62  ? 29  ALA B CA  1 
ATOM   639  C C   . ALA B 1 29 ? 12.583  7.759   11.891  1.00 16.04  ? 29  ALA B C   1 
ATOM   640  O O   . ALA B 1 29 ? 11.799  6.809   11.943  1.00 15.97  ? 29  ALA B O   1 
ATOM   641  C CB  . ALA B 1 29 ? 13.630  8.037   9.638   1.00 20.00  ? 29  ALA B CB  1 
ATOM   642  N N   . SER B 1 30 ? 12.368  8.940   12.490  1.00 15.45  ? 30  SER B N   1 
ATOM   643  C CA  . SER B 1 30 ? 11.167  9.269   13.233  1.00 17.88  ? 30  SER B CA  1 
ATOM   644  C C   . SER B 1 30 ? 10.274  9.952   12.226  1.00 23.30  ? 30  SER B C   1 
ATOM   645  O O   . SER B 1 30 ? 10.671  10.989  11.663  1.00 24.34  ? 30  SER B O   1 
ATOM   646  C CB  . SER B 1 30 ? 11.503  10.248  14.364  1.00 26.23  ? 30  SER B CB  1 
ATOM   647  O OG  . SER B 1 30 ? 12.318  9.599   15.330  1.00 29.13  ? 30  SER B OG  1 
ATOM   648  N N   . LEU B 1 31 ? 9.090   9.372   11.993  1.00 16.37  ? 31  LEU B N   1 
ATOM   649  C CA  . LEU B 1 31 ? 8.140   9.885   11.019  1.00 17.79  ? 31  LEU B CA  1 
ATOM   650  C C   . LEU B 1 31 ? 6.890   10.440  11.672  1.00 17.42  ? 31  LEU B C   1 
ATOM   651  O O   . LEU B 1 31 ? 6.408   9.910   12.651  1.00 15.01  ? 31  LEU B O   1 
ATOM   652  C CB  . LEU B 1 31 ? 7.723   8.762   10.046  1.00 11.99  ? 31  LEU B CB  1 
ATOM   653  C CG  . LEU B 1 31 ? 8.910   8.001   9.467   1.00 21.04  ? 31  LEU B CG  1 
ATOM   654  C CD1 . LEU B 1 31 ? 8.411   6.697   8.826   1.00 24.28  ? 31  LEU B CD1 1 
ATOM   655  C CD2 . LEU B 1 31 ? 9.603   8.872   8.428   1.00 20.96  ? 31  LEU B CD2 1 
ATOM   656  N N   . LEU B 1 32 ? 6.377   11.530  11.118  1.00 14.39  ? 32  LEU B N   1 
ATOM   657  C CA  . LEU B 1 32 ? 5.172   12.136  11.639  1.00 10.84  ? 32  LEU B CA  1 
ATOM   658  C C   . LEU B 1 32 ? 3.975   11.568  10.887  1.00 14.29  ? 32  LEU B C   1 
ATOM   659  O O   . LEU B 1 32 ? 3.879   11.734  9.684   1.00 15.21  ? 32  LEU B O   1 
ATOM   660  C CB  . LEU B 1 32 ? 5.252   13.651  11.454  1.00 12.31  ? 32  LEU B CB  1 
ATOM   661  C CG  . LEU B 1 32 ? 4.019   14.450  11.863  1.00 18.39  ? 32  LEU B CG  1 
ATOM   662  C CD1 . LEU B 1 32 ? 3.648   14.200  13.349  1.00 24.00  ? 32  LEU B CD1 1 
ATOM   663  C CD2 . LEU B 1 32 ? 4.367   15.918  11.619  1.00 18.85  ? 32  LEU B CD2 1 
ATOM   664  N N   . LEU B 1 33 ? 3.074   10.897  11.604  1.00 12.28  ? 33  LEU B N   1 
ATOM   665  C CA  . LEU B 1 33 ? 1.890   10.299  10.988  1.00 14.54  ? 33  LEU B CA  1 
ATOM   666  C C   . LEU B 1 33 ? 0.663   11.056  11.481  1.00 15.79  ? 33  LEU B C   1 
ATOM   667  O O   . LEU B 1 33 ? 0.451   11.176  12.685  1.00 22.43  ? 33  LEU B O   1 
ATOM   668  C CB  . LEU B 1 33 ? 1.791   8.826   11.375  1.00 20.58  ? 33  LEU B CB  1 
ATOM   669  C CG  . LEU B 1 33 ? 3.090   8.051   11.101  1.00 13.55  ? 33  LEU B CG  1 
ATOM   670  C CD1 . LEU B 1 33 ? 2.902   6.554   11.406  1.00 15.51  ? 33  LEU B CD1 1 
ATOM   671  C CD2 . LEU B 1 33 ? 3.479   8.259   9.645   1.00 14.42  ? 33  LEU B CD2 1 
ATOM   672  N N   . TYR B 1 34 ? -0.115  11.596  10.548  1.00 14.25  ? 34  TYR B N   1 
ATOM   673  C CA  . TYR B 1 34 ? -1.312  12.364  10.869  1.00 13.46  ? 34  TYR B CA  1 
ATOM   674  C C   . TYR B 1 34 ? -2.460  11.447  11.208  1.00 20.88  ? 34  TYR B C   1 
ATOM   675  O O   . TYR B 1 34 ? -3.259  11.742  12.091  1.00 20.74  ? 34  TYR B O   1 
ATOM   676  C CB  . TYR B 1 34 ? -1.691  13.260  9.691   1.00 17.71  ? 34  TYR B CB  1 
ATOM   677  C CG  . TYR B 1 34 ? -0.676  14.350  9.476   1.00 18.82  ? 34  TYR B CG  1 
ATOM   678  C CD1 . TYR B 1 34 ? -0.374  15.244  10.498  1.00 21.47  ? 34  TYR B CD1 1 
ATOM   679  C CD2 . TYR B 1 34 ? 0.002   14.468  8.270   1.00 15.49  ? 34  TYR B CD2 1 
ATOM   680  C CE1 . TYR B 1 34 ? 0.582   16.231  10.321  1.00 19.60  ? 34  TYR B CE1 1 
ATOM   681  C CE2 . TYR B 1 34 ? 0.955   15.449  8.083   1.00 19.07  ? 34  TYR B CE2 1 
ATOM   682  C CZ  . TYR B 1 34 ? 1.244   16.328  9.117   1.00 26.27  ? 34  TYR B CZ  1 
ATOM   683  O OH  . TYR B 1 34 ? 2.209   17.289  8.949   1.00 23.43  ? 34  TYR B OH  1 
ATOM   684  N N   . HIS B 1 35 ? -2.581  10.343  10.472  1.00 18.55  ? 35  HIS B N   1 
ATOM   685  C CA  . HIS B 1 35 ? -3.619  9.397   10.821  1.00 26.29  ? 35  HIS B CA  1 
ATOM   686  C C   . HIS B 1 35 ? -3.453  8.110   10.019  1.00 26.77  ? 35  HIS B C   1 
ATOM   687  O O   . HIS B 1 35 ? -2.730  8.091   9.017   1.00 21.38  ? 35  HIS B O   1 
ATOM   688  C CB  . HIS B 1 35 ? -4.999  10.053  10.625  1.00 31.96  ? 35  HIS B CB  1 
ATOM   689  C CG  . HIS B 1 35 ? -5.440  10.140  9.201   1.00 28.73  ? 35  HIS B CG  1 
ATOM   690  N ND1 . HIS B 1 35 ? -6.350  9.262   8.657   1.00 35.80  ? 35  HIS B ND1 1 
ATOM   691  C CD2 . HIS B 1 35 ? -5.078  10.979  8.202   1.00 32.84  ? 35  HIS B CD2 1 
ATOM   692  C CE1 . HIS B 1 35 ? -6.532  9.553   7.381   1.00 33.17  ? 35  HIS B CE1 1 
ATOM   693  N NE2 . HIS B 1 35 ? -5.770  10.590  7.081   1.00 38.73  ? 35  HIS B NE2 1 
ATOM   694  N N   . ARG B 1 36 ? -4.056  7.022   10.505  1.00 21.77  ? 36  ARG B N   1 
ATOM   695  C CA  . ARG B 1 36 ? -4.004  5.744   9.803   1.00 21.40  ? 36  ARG B CA  1 
ATOM   696  C C   . ARG B 1 36 ? -5.213  5.722   8.842   1.00 27.25  ? 36  ARG B C   1 
ATOM   697  O O   . ARG B 1 36 ? -6.366  5.744   9.280   1.00 26.12  ? 36  ARG B O   1 
ATOM   698  C CB  . ARG B 1 36 ? -4.086  4.588   10.798  1.00 22.98  ? 36  ARG B CB  1 
ATOM   699  C CG  . ARG B 1 36 ? -3.917  3.243   10.148  1.00 26.63  ? 36  ARG B CG  1 
ATOM   700  C CD  . ARG B 1 36 ? -3.602  2.206   11.126  1.00 27.11  ? 36  ARG B CD  1 
ATOM   701  N NE  . ARG B 1 36 ? -3.330  0.954   10.451  1.00 27.33  ? 36  ARG B NE  1 
ATOM   702  C CZ  . ARG B 1 36 ? -3.113  -0.184  11.095  1.00 25.38  ? 36  ARG B CZ  1 
ATOM   703  N NH1 . ARG B 1 36 ? -3.141  -0.193  12.425  1.00 31.34  ? 36  ARG B NH1 1 
ATOM   704  N NH2 . ARG B 1 36 ? -2.878  -1.302  10.419  1.00 20.91  ? 36  ARG B NH2 1 
ATOM   705  N N   . ALA B 1 37 ? -4.936  5.712   7.539   1.00 22.59  ? 37  ALA B N   1 
ATOM   706  C CA  . ALA B 1 37 ? -5.988  5.724   6.521   1.00 16.22  ? 37  ALA B CA  1 
ATOM   707  C C   . ALA B 1 37 ? -6.545  4.327   6.252   1.00 18.66  ? 37  ALA B C   1 
ATOM   708  O O   . ALA B 1 37 ? -7.720  4.179   5.936   1.00 19.77  ? 37  ALA B O   1 
ATOM   709  C CB  . ALA B 1 37 ? -5.463  6.328   5.236   1.00 15.16  ? 37  ALA B CB  1 
ATOM   710  N N   . SER B 1 38 ? -5.698  3.310   6.364   1.00 18.56  ? 38  SER B N   1 
ATOM   711  C CA  . SER B 1 38 ? -6.146  1.933   6.146   1.00 23.04  ? 38  SER B CA  1 
ATOM   712  C C   . SER B 1 38 ? -5.225  0.967   6.879   1.00 26.60  ? 38  SER B C   1 
ATOM   713  O O   . SER B 1 38 ? -4.263  1.397   7.518   1.00 20.32  ? 38  SER B O   1 
ATOM   714  C CB  . SER B 1 38 ? -6.152  1.597   4.653   1.00 14.01  ? 38  SER B CB  1 
ATOM   715  O OG  . SER B 1 38 ? -4.837  1.621   4.102   1.00 20.80  ? 38  SER B OG  1 
ATOM   716  N N   . GLU B 1 39 ? -5.523  -0.329  6.779   1.00 17.40  ? 39  GLU B N   1 
ATOM   717  C CA  . GLU B 1 39 ? -4.719  -1.359  7.422   1.00 22.97  ? 39  GLU B CA  1 
ATOM   718  C C   . GLU B 1 39 ? -3.291  -1.249  6.938   1.00 24.33  ? 39  GLU B C   1 
ATOM   719  O O   . GLU B 1 39 ? -2.346  -1.499  7.691   1.00 22.44  ? 39  GLU B O   1 
ATOM   720  C CB  . GLU B 1 39 ? -5.256  -2.770  7.070   1.00 32.00  ? 39  GLU B CB  1 
ATOM   721  C CG  . GLU B 1 39 ? -5.303  -3.026  5.543   1.00 39.92  ? 39  GLU B CG  1 
ATOM   722  C CD  . GLU B 1 39 ? -5.868  -4.397  5.111   1.00 56.31  ? 39  GLU B CD  1 
ATOM   723  O OE1 . GLU B 1 39 ? -6.965  -4.428  4.476   1.00 49.87  ? 39  GLU B OE1 1 
ATOM   724  O OE2 . GLU B 1 39 ? -5.211  -5.438  5.392   1.00 44.42  ? 39  GLU B OE2 1 
ATOM   725  N N   . ASP B 1 40 ? -3.128  -0.837  5.689   1.00 17.42  ? 40  ASP B N   1 
ATOM   726  C CA  . ASP B 1 40 ? -1.800  -0.783  5.098   1.00 19.26  ? 40  ASP B CA  1 
ATOM   727  C C   . ASP B 1 40 ? -1.088  0.548   5.032   1.00 14.61  ? 40  ASP B C   1 
ATOM   728  O O   . ASP B 1 40 ? 0.140   0.579   4.878   1.00 17.67  ? 40  ASP B O   1 
ATOM   729  C CB  . ASP B 1 40 ? -1.863  -1.354  3.676   1.00 20.75  ? 40  ASP B CB  1 
ATOM   730  C CG  . ASP B 1 40 ? -2.145  -2.865  3.648   1.00 25.42  ? 40  ASP B CG  1 
ATOM   731  O OD1 . ASP B 1 40 ? -2.907  -3.306  2.760   1.00 26.60  ? 40  ASP B OD1 1 
ATOM   732  O OD2 . ASP B 1 40 ? -1.602  -3.614  4.489   1.00 15.75  ? 40  ASP B OD2 1 
ATOM   733  N N   . TRP B 1 41 ? -1.825  1.644   5.149   1.00 20.41  ? 41  TRP B N   1 
ATOM   734  C CA  . TRP B 1 41 ? -1.202  2.959   4.985   1.00 20.53  ? 41  TRP B CA  1 
ATOM   735  C C   . TRP B 1 41 ? -1.527  4.060   5.981   1.00 17.99  ? 41  TRP B C   1 
ATOM   736  O O   . TRP B 1 41 ? -2.650  4.197   6.435   1.00 14.69  ? 41  TRP B O   1 
ATOM   737  C CB  . TRP B 1 41 ? -1.557  3.530   3.597   1.00 18.21  ? 41  TRP B CB  1 
ATOM   738  C CG  . TRP B 1 41 ? -1.170  2.670   2.437   1.00 19.92  ? 41  TRP B CG  1 
ATOM   739  C CD1 . TRP B 1 41 ? -1.993  1.847   1.698   1.00 16.10  ? 41  TRP B CD1 1 
ATOM   740  C CD2 . TRP B 1 41 ? 0.141   2.537   1.871   1.00 20.25  ? 41  TRP B CD2 1 
ATOM   741  N NE1 . TRP B 1 41 ? -1.271  1.224   0.719   1.00 20.81  ? 41  TRP B NE1 1 
ATOM   742  C CE2 . TRP B 1 41 ? 0.040   1.622   0.797   1.00 19.72  ? 41  TRP B CE2 1 
ATOM   743  C CE3 . TRP B 1 41 ? 1.391   3.102   2.168   1.00 21.48  ? 41  TRP B CE3 1 
ATOM   744  C CZ2 . TRP B 1 41 ? 1.145   1.258   0.018   1.00 23.78  ? 41  TRP B CZ2 1 
ATOM   745  C CZ3 . TRP B 1 41 ? 2.495   2.740   1.391   1.00 22.05  ? 41  TRP B CZ3 1 
ATOM   746  C CH2 . TRP B 1 41 ? 2.360   1.823   0.326   1.00 18.02  ? 41  TRP B CH2 1 
ATOM   747  N N   . TRP B 1 42 ? -0.520  4.867   6.295   1.00 19.13  ? 42  TRP B N   1 
ATOM   748  C CA  . TRP B 1 42 ? -0.754  6.003   7.164   1.00 22.61  ? 42  TRP B CA  1 
ATOM   749  C C   . TRP B 1 42 ? -0.506  7.241   6.286   1.00 19.81  ? 42  TRP B C   1 
ATOM   750  O O   . TRP B 1 42 ? 0.315   7.188   5.378   1.00 21.03  ? 42  TRP B O   1 
ATOM   751  C CB  . TRP B 1 42 ? 0.235   6.031   8.327   1.00 23.39  ? 42  TRP B CB  1 
ATOM   752  C CG  . TRP B 1 42 ? 0.046   4.986   9.401   1.00 18.60  ? 42  TRP B CG  1 
ATOM   753  C CD1 . TRP B 1 42 ? 0.343   3.650   9.310   1.00 19.55  ? 42  TRP B CD1 1 
ATOM   754  C CD2 . TRP B 1 42 ? -0.402  5.208   10.751  1.00 18.88  ? 42  TRP B CD2 1 
ATOM   755  N NE1 . TRP B 1 42 ? 0.120   3.034   10.518  1.00 21.99  ? 42  TRP B NE1 1 
ATOM   756  C CE2 . TRP B 1 42 ? -0.333  3.964   11.422  1.00 17.59  ? 42  TRP B CE2 1 
ATOM   757  C CE3 . TRP B 1 42 ? -0.854  6.336   11.455  1.00 25.94  ? 42  TRP B CE3 1 
ATOM   758  C CZ2 . TRP B 1 42 ? -0.695  3.813   12.775  1.00 23.33  ? 42  TRP B CZ2 1 
ATOM   759  C CZ3 . TRP B 1 42 ? -1.222  6.192   12.817  1.00 21.78  ? 42  TRP B CZ3 1 
ATOM   760  C CH2 . TRP B 1 42 ? -1.134  4.934   13.451  1.00 22.41  ? 42  TRP B CH2 1 
ATOM   761  N N   . GLU B 1 43 ? -1.241  8.328   6.529   1.00 15.79  ? 43  GLU B N   1 
ATOM   762  C CA  . GLU B 1 43 ? -0.969  9.562   5.817   1.00 15.99  ? 43  GLU B CA  1 
ATOM   763  C C   . GLU B 1 43 ? 0.025   10.244  6.782   1.00 16.07  ? 43  GLU B C   1 
ATOM   764  O O   . GLU B 1 43 ? -0.259  10.441  7.966   1.00 15.69  ? 43  GLU B O   1 
ATOM   765  C CB  . GLU B 1 43 ? -2.272  10.375  5.592   1.00 17.46  ? 43  GLU B CB  1 
ATOM   766  C CG  . GLU B 1 43 ? -3.159  9.756   4.419   1.00 30.22  ? 43  GLU B CG  1 
ATOM   767  C CD  . GLU B 1 43 ? -4.393  10.590  4.011   1.00 46.03  ? 43  GLU B CD  1 
ATOM   768  O OE1 . GLU B 1 43 ? -4.318  11.822  4.236   1.00 36.54  ? 43  GLU B OE1 1 
ATOM   769  O OE2 . GLU B 1 43 ? -5.435  10.041  3.461   1.00 36.33  ? 43  GLU B OE2 1 
ATOM   770  N N   . GLY B 1 44 ? 1.226   10.506  6.289   1.00 14.45  ? 44  GLY B N   1 
ATOM   771  C CA  . GLY B 1 44 ? 2.242   11.120  7.121   1.00 15.54  ? 44  GLY B CA  1 
ATOM   772  C C   . GLY B 1 44 ? 3.011   12.168  6.346   1.00 17.59  ? 44  GLY B C   1 
ATOM   773  O O   . GLY B 1 44 ? 2.666   12.482  5.198   1.00 17.62  ? 44  GLY B O   1 
ATOM   774  N N   . ARG B 1 45 ? 4.036   12.719  6.978   1.00 14.91  ? 45  ARG B N   1 
ATOM   775  C CA  . ARG B 1 45 ? 4.869   13.732  6.362   1.00 18.79  ? 45  ARG B CA  1 
ATOM   776  C C   . ARG B 1 45 ? 6.308   13.538  6.822   1.00 17.41  ? 45  ARG B C   1 
ATOM   777  O O   . ARG B 1 45 ? 6.576   13.276  7.994   1.00 19.47  ? 45  ARG B O   1 
ATOM   778  C CB  . ARG B 1 45 ? 4.367   15.143  6.749   1.00 19.71  ? 45  ARG B CB  1 
ATOM   779  C CG  . ARG B 1 45 ? 5.367   16.261  6.481   1.00 22.29  ? 45  ARG B CG  1 
ATOM   780  C CD  . ARG B 1 45 ? 4.811   17.630  6.831   1.00 30.69  ? 45  ARG B CD  1 
ATOM   781  N NE  . ARG B 1 45 ? 3.807   18.097  5.864   1.00 28.95  ? 45  ARG B NE  1 
ATOM   782  C CZ  . ARG B 1 45 ? 3.052   19.184  6.022   1.00 27.24  ? 45  ARG B CZ  1 
ATOM   783  N NH1 . ARG B 1 45 ? 3.172   19.932  7.109   1.00 27.91  ? 45  ARG B NH1 1 
ATOM   784  N NH2 . ARG B 1 45 ? 2.170   19.523  5.096   1.00 36.32  ? 45  ARG B NH2 1 
ATOM   785  N N   . HIS B 1 46 ? 7.228   13.651  5.877   1.00 15.22  ? 46  HIS B N   1 
ATOM   786  C CA  . HIS B 1 46 ? 8.630   13.526  6.174   1.00 20.19  ? 46  HIS B CA  1 
ATOM   787  C C   . HIS B 1 46 ? 9.390   14.553  5.344   1.00 23.26  ? 46  HIS B C   1 
ATOM   788  O O   . HIS B 1 46 ? 9.303   14.576  4.112   1.00 19.54  ? 46  HIS B O   1 
ATOM   789  C CB  . HIS B 1 46 ? 9.103   12.131  5.834   1.00 14.02  ? 46  HIS B CB  1 
ATOM   790  C CG  . HIS B 1 46 ? 10.389  11.770  6.500   1.00 20.43  ? 46  HIS B CG  1 
ATOM   791  N ND1 . HIS B 1 46 ? 11.392  11.070  5.864   1.00 25.60  ? 46  HIS B ND1 1 
ATOM   792  C CD2 . HIS B 1 46 ? 10.833  12.015  7.754   1.00 15.84  ? 46  HIS B CD2 1 
ATOM   793  C CE1 . HIS B 1 46 ? 12.403  10.902  6.699   1.00 16.24  ? 46  HIS B CE1 1 
ATOM   794  N NE2 . HIS B 1 46 ? 12.090  11.465  7.853   1.00 25.02  ? 46  HIS B NE2 1 
ATOM   795  N N   . ASN B 1 47 ? 10.127  15.421  6.020   1.00 23.75  ? 47  ASN B N   1 
ATOM   796  C CA  . ASN B 1 47 ? 10.877  16.438  5.316   1.00 21.34  ? 47  ASN B CA  1 
ATOM   797  C C   . ASN B 1 47 ? 9.971   17.310  4.468   1.00 20.05  ? 47  ASN B C   1 
ATOM   798  O O   . ASN B 1 47 ? 10.358  17.749  3.375   1.00 23.22  ? 47  ASN B O   1 
ATOM   799  C CB  . ASN B 1 47 ? 11.949  15.786  4.451   1.00 24.73  ? 47  ASN B CB  1 
ATOM   800  C CG  . ASN B 1 47 ? 12.999  15.101  5.287   1.00 30.09  ? 47  ASN B CG  1 
ATOM   801  O OD1 . ASN B 1 47 ? 13.390  15.615  6.341   1.00 29.53  ? 47  ASN B OD1 1 
ATOM   802  N ND2 . ASN B 1 47 ? 13.455  13.941  4.842   1.00 28.65  ? 47  ASN B ND2 1 
ATOM   803  N N   . GLY B 1 48 ? 8.768   17.560  4.975   1.00 20.42  ? 48  GLY B N   1 
ATOM   804  C CA  . GLY B 1 48 ? 7.821   18.407  4.272   1.00 20.99  ? 48  GLY B CA  1 
ATOM   805  C C   . GLY B 1 48 ? 7.094   17.708  3.143   1.00 20.85  ? 48  GLY B C   1 
ATOM   806  O O   . GLY B 1 48 ? 6.259   18.319  2.450   1.00 19.74  ? 48  GLY B O   1 
ATOM   807  N N   . ILE B 1 49 ? 7.428   16.441  2.921   1.00 16.30  ? 49  ILE B N   1 
ATOM   808  C CA  . ILE B 1 49 ? 6.725   15.697  1.889   1.00 18.51  ? 49  ILE B CA  1 
ATOM   809  C C   . ILE B 1 49 ? 5.584   14.910  2.487   1.00 18.20  ? 49  ILE B C   1 
ATOM   810  O O   . ILE B 1 49 ? 5.782   14.080  3.385   1.00 16.09  ? 49  ILE B O   1 
ATOM   811  C CB  . ILE B 1 49 ? 7.652   14.770  1.148   1.00 18.48  ? 49  ILE B CB  1 
ATOM   812  C CG1 . ILE B 1 49 ? 8.800   15.608  0.563   1.00 19.27  ? 49  ILE B CG1 1 
ATOM   813  C CG2 . ILE B 1 49 ? 6.891   14.088  -0.008  1.00 21.26  ? 49  ILE B CG2 1 
ATOM   814  C CD1 . ILE B 1 49 ? 9.784   14.812  -0.303  1.00 25.37  ? 49  ILE B CD1 1 
ATOM   815  N N   . ASP B 1 50 ? 4.380   15.179  1.983   1.00 14.31  ? 50  ASP B N   1 
ATOM   816  C CA  . ASP B 1 50 ? 3.186   14.497  2.455   1.00 14.78  ? 50  ASP B CA  1 
ATOM   817  C C   . ASP B 1 50 ? 2.960   13.277  1.593   1.00 19.04  ? 50  ASP B C   1 
ATOM   818  O O   . ASP B 1 50 ? 3.093   13.332  0.359   1.00 17.43  ? 50  ASP B O   1 
ATOM   819  C CB  . ASP B 1 50 ? 1.963   15.408  2.337   1.00 16.45  ? 50  ASP B CB  1 
ATOM   820  C CG  . ASP B 1 50 ? 1.954   16.533  3.368   1.00 20.49  ? 50  ASP B CG  1 
ATOM   821  O OD1 . ASP B 1 50 ? 1.732   16.242  4.553   1.00 23.22  ? 50  ASP B OD1 1 
ATOM   822  O OD2 . ASP B 1 50 ? 2.161   17.712  2.996   1.00 19.92  ? 50  ASP B OD2 1 
ATOM   823  N N   . GLY B 1 51 ? 2.586   12.181  2.225   1.00 16.20  ? 51  GLY B N   1 
ATOM   824  C CA  . GLY B 1 51 ? 2.346   10.978  1.443   1.00 18.45  ? 51  GLY B CA  1 
ATOM   825  C C   . GLY B 1 51 ? 2.027   9.806   2.330   1.00 19.92  ? 51  GLY B C   1 
ATOM   826  O O   . GLY B 1 51 ? 1.961   9.969   3.545   1.00 19.29  ? 51  GLY B O   1 
ATOM   827  N N   . LEU B 1 52 ? 1.841   8.635   1.712   1.00 16.41  ? 52  LEU B N   1 
ATOM   828  C CA  . LEU B 1 52 ? 1.514   7.403   2.422   1.00 16.81  ? 52  LEU B CA  1 
ATOM   829  C C   . LEU B 1 52 ? 2.724   6.726   2.984   1.00 15.28  ? 52  LEU B C   1 
ATOM   830  O O   . LEU B 1 52 ? 3.798   6.696   2.369   1.00 14.71  ? 52  LEU B O   1 
ATOM   831  C CB  . LEU B 1 52 ? 0.818   6.410   1.492   1.00 16.06  ? 52  LEU B CB  1 
ATOM   832  C CG  . LEU B 1 52 ? -0.431  6.971   0.849   1.00 16.60  ? 52  LEU B CG  1 
ATOM   833  C CD1 . LEU B 1 52 ? -0.957  5.896   -0.118  1.00 21.18  ? 52  LEU B CD1 1 
ATOM   834  C CD2 . LEU B 1 52 ? -1.461  7.380   1.898   1.00 23.48  ? 52  LEU B CD2 1 
ATOM   835  N N   . VAL B 1 53 ? 2.527   6.170   4.169   1.00 14.70  ? 53  VAL B N   1 
ATOM   836  C CA  . VAL B 1 53 ? 3.591   5.482   4.891   1.00 17.27  ? 53  VAL B CA  1 
ATOM   837  C C   . VAL B 1 53 ? 3.092   4.055   5.111   1.00 16.06  ? 53  VAL B C   1 
ATOM   838  O O   . VAL B 1 53 ? 1.988   3.860   5.594   1.00 15.24  ? 53  VAL B O   1 
ATOM   839  C CB  . VAL B 1 53 ? 3.883   6.208   6.258   1.00 15.77  ? 53  VAL B CB  1 
ATOM   840  C CG1 . VAL B 1 53 ? 4.810   5.373   7.097   1.00 9.11   ? 53  VAL B CG1 1 
ATOM   841  C CG2 . VAL B 1 53 ? 4.518   7.594   5.969   1.00 12.43  ? 53  VAL B CG2 1 
ATOM   842  N N   . PRO B 1 54 ? 3.902   3.048   4.718   1.00 16.62  ? 54  PRO B N   1 
ATOM   843  C CA  . PRO B 1 54 ? 3.559   1.632   4.855   1.00 19.30  ? 54  PRO B CA  1 
ATOM   844  C C   . PRO B 1 54 ? 3.522   1.200   6.328   1.00 18.62  ? 54  PRO B C   1 
ATOM   845  O O   . PRO B 1 54 ? 4.531   1.240   7.032   1.00 20.55  ? 54  PRO B O   1 
ATOM   846  C CB  . PRO B 1 54 ? 4.651   0.925   4.044   1.00 11.12  ? 54  PRO B CB  1 
ATOM   847  C CG  . PRO B 1 54 ? 5.867   1.818   4.222   1.00 17.34  ? 54  PRO B CG  1 
ATOM   848  C CD  . PRO B 1 54 ? 5.217   3.218   4.063   1.00 18.49  ? 54  PRO B CD  1 
ATOM   849  N N   . HIS B 1 55 ? 2.353   0.795   6.776   1.00 12.48  ? 55  HIS B N   1 
ATOM   850  C CA  . HIS B 1 55 ? 2.180   0.371   8.145   1.00 20.12  ? 55  HIS B CA  1 
ATOM   851  C C   . HIS B 1 55 ? 3.136   -0.756  8.576   1.00 23.41  ? 55  HIS B C   1 
ATOM   852  O O   . HIS B 1 55 ? 3.605   -0.788  9.722   1.00 16.66  ? 55  HIS B O   1 
ATOM   853  C CB  . HIS B 1 55 ? 0.756   -0.098  8.336   1.00 18.80  ? 55  HIS B CB  1 
ATOM   854  C CG  . HIS B 1 55 ? 0.509   -0.737  9.662   1.00 22.79  ? 55  HIS B CG  1 
ATOM   855  N ND1 . HIS B 1 55 ? 0.457   -0.014  10.834  1.00 24.47  ? 55  HIS B ND1 1 
ATOM   856  C CD2 . HIS B 1 55 ? 0.282   -2.029  10.004  1.00 24.83  ? 55  HIS B CD2 1 
ATOM   857  C CE1 . HIS B 1 55 ? 0.199   -0.833  11.841  1.00 28.22  ? 55  HIS B CE1 1 
ATOM   858  N NE2 . HIS B 1 55 ? 0.089   -2.060  11.365  1.00 23.62  ? 55  HIS B NE2 1 
ATOM   859  N N   . GLN B 1 56 ? 3.393   -1.709  7.682   1.00 21.58  ? 56  GLN B N   1 
ATOM   860  C CA  . GLN B 1 56 ? 4.271   -2.829  8.037   1.00 17.81  ? 56  GLN B CA  1 
ATOM   861  C C   . GLN B 1 56 ? 5.704   -2.440  8.363   1.00 20.84  ? 56  GLN B C   1 
ATOM   862  O O   . GLN B 1 56 ? 6.374   -3.150  9.119   1.00 21.90  ? 56  GLN B O   1 
ATOM   863  C CB  . GLN B 1 56 ? 4.301   -3.881  6.906   1.00 22.19  ? 56  GLN B CB  1 
ATOM   864  C CG  . GLN B 1 56 ? 2.965   -4.592  6.660   1.00 19.58  ? 56  GLN B CG  1 
ATOM   865  C CD  . GLN B 1 56 ? 1.958   -3.739  5.871   1.00 28.78  ? 56  GLN B CD  1 
ATOM   866  O OE1 . GLN B 1 56 ? 2.322   -2.743  5.232   1.00 19.38  ? 56  GLN B OE1 1 
ATOM   867  N NE2 . GLN B 1 56 ? 0.690   -4.153  5.898   1.00 21.57  ? 56  GLN B NE2 1 
ATOM   868  N N   . TYR B 1 57 ? 6.172   -1.320  7.804   1.00 15.25  ? 57  TYR B N   1 
ATOM   869  C CA  . TYR B 1 57 ? 7.541   -0.866  8.017   1.00 15.36  ? 57  TYR B CA  1 
ATOM   870  C C   . TYR B 1 57 ? 7.743   0.191   9.103   1.00 15.07  ? 57  TYR B C   1 
ATOM   871  O O   . TYR B 1 57 ? 8.825   0.754   9.205   1.00 17.66  ? 57  TYR B O   1 
ATOM   872  C CB  . TYR B 1 57 ? 8.152   -0.336  6.712   1.00 27.34  ? 57  TYR B CB  1 
ATOM   873  C CG  . TYR B 1 57 ? 8.620   -1.394  5.732   1.00 24.32  ? 57  TYR B CG  1 
ATOM   874  C CD1 . TYR B 1 57 ? 9.567   -1.089  4.746   1.00 28.41  ? 57  TYR B CD1 1 
ATOM   875  C CD2 . TYR B 1 57 ? 8.095   -2.685  5.767   1.00 36.86  ? 57  TYR B CD2 1 
ATOM   876  C CE1 . TYR B 1 57 ? 9.971   -2.048  3.814   1.00 38.92  ? 57  TYR B CE1 1 
ATOM   877  C CE2 . TYR B 1 57 ? 8.489   -3.653  4.850   1.00 40.82  ? 57  TYR B CE2 1 
ATOM   878  C CZ  . TYR B 1 57 ? 9.428   -3.334  3.875   1.00 41.83  ? 57  TYR B CZ  1 
ATOM   879  O OH  . TYR B 1 57 ? 9.824   -4.322  2.986   1.00 43.95  ? 57  TYR B OH  1 
ATOM   880  N N   . ILE B 1 58 ? 6.709   0.465   9.889   1.00 14.30  ? 58  ILE B N   1 
ATOM   881  C CA  . ILE B 1 58 ? 6.810   1.449   10.973  1.00 18.44  ? 58  ILE B CA  1 
ATOM   882  C C   . ILE B 1 58 ? 6.156   0.919   12.240  1.00 24.85  ? 58  ILE B C   1 
ATOM   883  O O   . ILE B 1 58 ? 5.450   -0.083  12.206  1.00 19.34  ? 58  ILE B O   1 
ATOM   884  C CB  . ILE B 1 58 ? 6.082   2.786   10.596  1.00 16.67  ? 58  ILE B CB  1 
ATOM   885  C CG1 . ILE B 1 58 ? 4.589   2.554   10.318  1.00 16.63  ? 58  ILE B CG1 1 
ATOM   886  C CG2 . ILE B 1 58 ? 6.742   3.395   9.387   1.00 17.18  ? 58  ILE B CG2 1 
ATOM   887  C CD1 . ILE B 1 58 ? 3.700   2.659   11.541  1.00 24.75  ? 58  ILE B CD1 1 
ATOM   888  N N   . VAL B 1 59 ? 6.422   1.574   13.367  1.00 24.49  ? 59  VAL B N   1 
ATOM   889  C CA  . VAL B 1 59 ? 5.777   1.213   14.627  1.00 20.34  ? 59  VAL B CA  1 
ATOM   890  C C   . VAL B 1 59 ? 5.472   2.497   15.351  1.00 21.28  ? 59  VAL B C   1 
ATOM   891  O O   . VAL B 1 59 ? 6.311   3.389   15.413  1.00 21.47  ? 59  VAL B O   1 
ATOM   892  C CB  . VAL B 1 59 ? 6.655   0.329   15.567  1.00 22.67  ? 59  VAL B CB  1 
ATOM   893  C CG1 . VAL B 1 59 ? 7.984   0.995   15.867  1.00 22.03  ? 59  VAL B CG1 1 
ATOM   894  C CG2 . VAL B 1 59 ? 5.885   0.076   16.878  1.00 28.40  ? 59  VAL B CG2 1 
ATOM   895  N N   . VAL B 1 60 ? 4.261   2.601   15.880  1.00 21.27  ? 60  VAL B N   1 
ATOM   896  C CA  . VAL B 1 60 ? 3.868   3.792   16.623  1.00 25.02  ? 60  VAL B CA  1 
ATOM   897  C C   . VAL B 1 60 ? 3.751   3.457   18.115  1.00 25.91  ? 60  VAL B C   1 
ATOM   898  O O   . VAL B 1 60 ? 3.195   2.389   18.430  1.00 24.66  ? 60  VAL B O   1 
ATOM   899  C CB  . VAL B 1 60 ? 2.522   4.336   16.126  1.00 26.80  ? 60  VAL B CB  1 
ATOM   900  C CG1 . VAL B 1 60 ? 1.899   5.231   17.176  1.00 30.79  ? 60  VAL B CG1 1 
ATOM   901  C CG2 . VAL B 1 60 ? 2.741   5.114   14.844  1.00 24.83  ? 60  VAL B CG2 1 
ATOM   902  O OXT . VAL B 1 60 ? 4.212   4.271   18.940  1.00 23.36  ? 60  VAL B OXT 1 
HETATM 903  O O   . HOH C 2 .  ? 0.376   -2.569  1.023   1.00 17.40  ? 61  HOH A O   1 
HETATM 904  O O   . HOH C 2 .  ? -1.049  -11.782 -0.874  1.00 21.88  ? 62  HOH A O   1 
HETATM 905  O O   . HOH C 2 .  ? -1.802  -9.229  -0.676  1.00 23.45  ? 63  HOH A O   1 
HETATM 906  O O   . HOH C 2 .  ? -12.334 -5.676  4.142   1.00 22.80  ? 64  HOH A O   1 
HETATM 907  O O   . HOH C 2 .  ? -14.315 -5.507  -12.257 1.00 26.67  ? 65  HOH A O   1 
HETATM 908  O O   . HOH C 2 .  ? -11.368 -8.448  -16.697 1.00 26.96  ? 66  HOH A O   1 
HETATM 909  O O   . HOH C 2 .  ? -8.336  2.143   -1.879  1.00 19.12  ? 67  HOH A O   1 
HETATM 910  O O   . HOH C 2 .  ? -8.091  -8.061  2.830   1.00 21.30  ? 68  HOH A O   1 
HETATM 911  O O   . HOH C 2 .  ? -5.764  -15.118 -16.129 1.00 20.27  ? 69  HOH A O   1 
HETATM 912  O O   . HOH C 2 .  ? -5.438  -10.940 -19.757 1.00 25.69  ? 70  HOH A O   1 
HETATM 913  O O   . HOH C 2 .  ? 6.128   -8.148  -1.998  1.00 24.52  ? 71  HOH A O   1 
HETATM 914  O O   . HOH C 2 .  ? -16.770 -8.219  -11.854 1.00 25.86  ? 72  HOH A O   1 
HETATM 915  O O   . HOH C 2 .  ? -16.768 -11.559 -1.189  1.00 20.70  ? 73  HOH A O   1 
HETATM 916  O O   . HOH C 2 .  ? -9.015  -10.634 -22.061 1.00 22.21  ? 74  HOH A O   1 
HETATM 917  O O   . HOH C 2 .  ? -3.135  -10.369 2.089   1.00 31.08  ? 75  HOH A O   1 
HETATM 918  O O   . HOH C 2 .  ? -7.799  -12.812 -14.069 1.00 24.52  ? 76  HOH A O   1 
HETATM 919  O O   . HOH C 2 .  ? -14.652 -16.005 -6.683  1.00 32.53  ? 77  HOH A O   1 
HETATM 920  O O   . HOH C 2 .  ? -2.066  1.492   -16.227 1.00 21.78  ? 78  HOH A O   1 
HETATM 921  O O   . HOH C 2 .  ? -11.498 -19.917 -4.210  1.00 40.79  ? 79  HOH A O   1 
HETATM 922  O O   . HOH C 2 .  ? -6.614  0.758   -16.921 1.00 23.15  ? 80  HOH A O   1 
HETATM 923  O O   . HOH C 2 .  ? 3.385   -5.448  -8.510  1.00 38.76  ? 81  HOH A O   1 
HETATM 924  O O   . HOH C 2 .  ? -13.457 6.142   -10.333 1.00 28.89  ? 82  HOH A O   1 
HETATM 925  O O   . HOH C 2 .  ? 4.125   -1.428  1.458   1.00 30.13  ? 83  HOH A O   1 
HETATM 926  O O   . HOH C 2 .  ? -9.132  -23.187 -5.895  1.00 33.24  ? 84  HOH A O   1 
HETATM 927  O O   . HOH C 2 .  ? -8.321  -13.639 0.650   1.00 33.89  ? 85  HOH A O   1 
HETATM 928  O O   . HOH C 2 .  ? -15.080 -6.146  -15.104 1.00 43.28  ? 86  HOH A O   1 
HETATM 929  O O   . HOH C 2 .  ? -15.910 1.235   -12.671 1.00 68.52  ? 87  HOH A O   1 
HETATM 930  O O   . HOH C 2 .  ? 1.000   -12.857 -2.775  1.00 33.95  ? 88  HOH A O   1 
HETATM 931  O O   . HOH C 2 .  ? -15.084 -8.247  3.623   1.00 40.97  ? 89  HOH A O   1 
HETATM 932  O O   . HOH C 2 .  ? -12.072 -10.891 -19.571 1.00 32.00  ? 90  HOH A O   1 
HETATM 933  O O   . HOH C 2 .  ? -4.146  -7.717  -2.982  1.00 114.92 ? 91  HOH A O   1 
HETATM 934  O O   . HOH C 2 .  ? -13.974 -2.000  -16.328 1.00 40.19  ? 92  HOH A O   1 
HETATM 935  O O   . HOH C 2 .  ? -1.780  -14.594 -1.267  1.00 43.51  ? 93  HOH A O   1 
HETATM 936  O O   . HOH C 2 .  ? -16.673 -3.690  -1.048  1.00 30.00  ? 94  HOH A O   1 
HETATM 937  O O   . HOH C 2 .  ? 2.002   -21.180 -4.153  1.00 50.67  ? 95  HOH A O   1 
HETATM 938  O O   . HOH C 2 .  ? -2.998  -1.485  -20.076 1.00 43.34  ? 96  HOH A O   1 
HETATM 939  O O   . HOH C 2 .  ? 3.942   -9.204  -10.411 1.00 37.92  ? 97  HOH A O   1 
HETATM 940  O O   . HOH C 2 .  ? 8.040   -5.972  -2.742  1.00 35.11  ? 98  HOH A O   1 
HETATM 941  O O   . HOH C 2 .  ? -20.327 -6.701  -0.254  1.00 102.83 ? 99  HOH A O   1 
HETATM 942  O O   . HOH C 2 .  ? -2.559  2.648   -12.360 1.00 30.33  ? 100 HOH A O   1 
HETATM 943  O O   . HOH C 2 .  ? -14.868 -13.632 4.221   1.00 52.92  ? 101 HOH A O   1 
HETATM 944  O O   . HOH C 2 .  ? -13.108 2.574   -13.939 1.00 105.00 ? 102 HOH A O   1 
HETATM 945  O O   . HOH C 2 .  ? 2.714   3.941   -9.989  1.00 44.20  ? 103 HOH A O   1 
HETATM 946  O O   . HOH C 2 .  ? -1.294  -16.460 -3.342  1.00 38.59  ? 104 HOH A O   1 
HETATM 947  O O   . HOH C 2 .  ? -4.743  -20.889 -1.745  1.00 54.41  ? 105 HOH A O   1 
HETATM 948  O O   . HOH C 2 .  ? -11.716 -0.589  -17.662 1.00 29.97  ? 106 HOH A O   1 
HETATM 949  O O   . HOH C 2 .  ? 8.547   -2.758  -2.589  1.00 80.96  ? 107 HOH A O   1 
HETATM 950  O O   . HOH C 2 .  ? -16.302 -10.965 3.097   1.00 44.60  ? 108 HOH A O   1 
HETATM 951  O O   . HOH C 2 .  ? -16.094 6.522   -11.186 1.00 30.87  ? 109 HOH A O   1 
HETATM 952  O O   . HOH C 2 .  ? -10.509 0.604   -14.532 1.00 43.70  ? 110 HOH A O   1 
HETATM 953  O O   . HOH C 2 .  ? -13.397 -13.173 -21.368 1.00 38.34  ? 111 HOH A O   1 
HETATM 954  O O   . HOH C 2 .  ? -4.825  -3.736  -21.024 1.00 39.41  ? 112 HOH A O   1 
HETATM 955  O O   . HOH C 2 .  ? -15.199 -19.187 -5.970  1.00 70.89  ? 113 HOH A O   1 
HETATM 956  O O   . HOH C 2 .  ? -14.018 -4.799  -17.753 1.00 61.88  ? 114 HOH A O   1 
HETATM 957  O O   . HOH C 2 .  ? 4.242   -11.734 -9.141  1.00 62.79  ? 115 HOH A O   1 
HETATM 958  O O   . HOH C 2 .  ? -4.762  3.101   -15.302 1.00 62.79  ? 116 HOH A O   1 
HETATM 959  O O   . HOH C 2 .  ? -16.802 -11.129 -11.906 1.00 55.48  ? 117 HOH A O   1 
HETATM 960  O O   . HOH C 2 .  ? -6.706  -11.740 2.703   1.00 66.09  ? 118 HOH A O   1 
HETATM 961  O O   . HOH C 2 .  ? -4.370  -8.784  4.681   1.00 41.16  ? 119 HOH A O   1 
HETATM 962  O O   . HOH C 2 .  ? -0.957  1.382   -19.476 1.00 82.34  ? 120 HOH A O   1 
HETATM 963  O O   . HOH C 2 .  ? -16.905 -4.845  2.787   1.00 44.56  ? 121 HOH A O   1 
HETATM 964  O O   . HOH C 2 .  ? -0.870  4.165   -16.035 1.00 62.76  ? 122 HOH A O   1 
HETATM 965  O O   . HOH C 2 .  ? -1.104  -23.566 -7.216  1.00 55.48  ? 123 HOH A O   1 
HETATM 966  O O   . HOH C 2 .  ? -1.626  -13.272 2.017   1.00 62.42  ? 124 HOH A O   1 
HETATM 967  O O   . HOH C 2 .  ? 3.746   -19.942 -6.881  1.00 38.62  ? 125 HOH A O   1 
HETATM 968  O O   . HOH C 2 .  ? -6.592  -22.958 -2.102  1.00 99.51  ? 126 HOH A O   1 
HETATM 969  O O   . HOH C 2 .  ? -7.560  -10.129 5.304   1.00 66.54  ? 127 HOH A O   1 
HETATM 970  O O   . HOH C 2 .  ? -8.871  2.641   -13.386 1.00 63.97  ? 128 HOH A O   1 
HETATM 971  O O   . HOH C 2 .  ? -9.708  -25.703 -4.449  1.00 88.58  ? 129 HOH A O   1 
HETATM 972  O O   . HOH C 2 .  ? 4.006   -12.906 -3.273  1.00 64.61  ? 130 HOH A O   1 
HETATM 973  O O   . HOH C 2 .  ? -10.905 -14.669 1.827   1.00 92.11  ? 131 HOH A O   1 
HETATM 974  O O   . HOH C 2 .  ? 5.331   -1.687  -5.986  1.00 97.27  ? 132 HOH A O   1 
HETATM 975  O O   . HOH C 2 .  ? -11.063 -8.580  -22.941 1.00 77.21  ? 133 HOH A O   1 
HETATM 976  O O   . HOH C 2 .  ? -18.910 -3.035  1.306   1.00 86.38  ? 134 HOH A O   1 
HETATM 977  O O   . HOH C 2 .  ? -7.074  0.977   -20.118 1.00 93.36  ? 135 HOH A O   1 
HETATM 978  O O   . HOH C 2 .  ? -9.529  2.093   -17.245 1.00 80.38  ? 136 HOH A O   1 
HETATM 979  O O   . HOH C 2 .  ? -8.596  4.849   -15.439 1.00 86.97  ? 137 HOH A O   1 
HETATM 980  O O   . HOH C 2 .  ? -10.989 4.913   -13.190 1.00 68.07  ? 138 HOH A O   1 
HETATM 981  O O   . HOH C 2 .  ? 0.490   7.424   -14.633 1.00 80.15  ? 139 HOH A O   1 
HETATM 982  O O   . HOH C 2 .  ? -14.785 -10.059 -18.017 1.00 54.80  ? 140 HOH A O   1 
HETATM 983  O O   . HOH C 2 .  ? 5.743   -4.543  -1.309  1.00 75.08  ? 141 HOH A O   1 
HETATM 984  O O   . HOH C 2 .  ? -1.854  5.733   -13.251 1.00 93.29  ? 142 HOH A O   1 
HETATM 985  O O   . HOH C 2 .  ? -3.046  -15.933 2.798   1.00 93.23  ? 143 HOH A O   1 
HETATM 986  O O   . HOH C 2 .  ? 6.336   -5.182  2.833   1.00 60.05  ? 144 HOH A O   1 
HETATM 987  O O   . HOH C 2 .  ? 6.718   -2.028  2.908   1.00 76.23  ? 145 HOH A O   1 
HETATM 988  O O   . HOH D 2 .  ? 13.069  17.830  7.988   1.00 18.78  ? 61  HOH B O   1 
HETATM 989  O O   . HOH D 2 .  ? 1.755   -0.943  2.965   1.00 19.83  ? 62  HOH B O   1 
HETATM 990  O O   . HOH D 2 .  ? -5.864  12.925  2.665   1.00 16.32  ? 63  HOH B O   1 
HETATM 991  O O   . HOH D 2 .  ? 18.155  6.640   10.991  1.00 20.16  ? 64  HOH B O   1 
HETATM 992  O O   . HOH D 2 .  ? 7.926   17.478  7.593   1.00 17.94  ? 65  HOH B O   1 
HETATM 993  O O   . HOH D 2 .  ? 14.657  0.587   13.272  1.00 21.32  ? 66  HOH B O   1 
HETATM 994  O O   . HOH D 2 .  ? 13.603  -0.381  -1.654  1.00 79.05  ? 67  HOH B O   1 
HETATM 995  O O   . HOH D 2 .  ? -8.057  -2.193  3.433   1.00 32.13  ? 68  HOH B O   1 
HETATM 996  O O   . HOH D 2 .  ? 0.036   10.784  -1.474  1.00 23.40  ? 69  HOH B O   1 
HETATM 997  O O   . HOH D 2 .  ? 0.358   14.051  4.954   1.00 20.07  ? 70  HOH B O   1 
HETATM 998  O O   . HOH D 2 .  ? -3.890  -1.962  0.896   1.00 22.06  ? 71  HOH B O   1 
HETATM 999  O O   . HOH D 2 .  ? 3.756   -2.614  11.527  1.00 24.09  ? 72  HOH B O   1 
HETATM 1000 O O   . HOH D 2 .  ? 0.568   13.630  -0.948  1.00 23.57  ? 73  HOH B O   1 
HETATM 1001 O O   . HOH D 2 .  ? 3.462   9.455   18.985  1.00 35.70  ? 74  HOH B O   1 
HETATM 1002 O O   . HOH D 2 .  ? -4.883  0.754   1.627   1.00 31.75  ? 75  HOH B O   1 
HETATM 1003 O O   . HOH D 2 .  ? 10.266  5.117   2.645   1.00 76.49  ? 76  HOH B O   1 
HETATM 1004 O O   . HOH D 2 .  ? -1.723  -1.212  -0.496  1.00 24.20  ? 77  HOH B O   1 
HETATM 1005 O O   . HOH D 2 .  ? -3.782  8.036   6.802   1.00 110.48 ? 78  HOH B O   1 
HETATM 1006 O O   . HOH D 2 .  ? -2.495  -2.082  14.621  1.00 38.62  ? 79  HOH B O   1 
HETATM 1007 O O   . HOH D 2 .  ? 8.025   7.322   -3.952  1.00 36.13  ? 80  HOH B O   1 
HETATM 1008 O O   . HOH D 2 .  ? 2.897   19.558  1.099   1.00 29.13  ? 81  HOH B O   1 
HETATM 1009 O O   . HOH D 2 .  ? 13.165  -1.234  1.599   1.00 37.48  ? 82  HOH B O   1 
HETATM 1010 O O   . HOH D 2 .  ? 2.994   4.211   21.352  1.00 30.11  ? 83  HOH B O   1 
HETATM 1011 O O   . HOH D 2 .  ? 7.602   10.944  -2.068  1.00 35.79  ? 84  HOH B O   1 
HETATM 1012 O O   . HOH D 2 .  ? 15.281  4.993   1.316   1.00 45.19  ? 85  HOH B O   1 
HETATM 1013 O O   . HOH D 2 .  ? 10.813  -0.406  -0.414  1.00 81.95  ? 86  HOH B O   1 
HETATM 1014 O O   . HOH D 2 .  ? -7.005  1.118   9.052   1.00 53.61  ? 87  HOH B O   1 
HETATM 1015 O O   . HOH D 2 .  ? 12.811  6.635   15.382  1.00 36.58  ? 88  HOH B O   1 
HETATM 1016 O O   . HOH D 2 .  ? -5.467  -1.227  3.382   1.00 36.61  ? 89  HOH B O   1 
HETATM 1017 O O   . HOH D 2 .  ? 3.810   7.467   -9.591  1.00 34.64  ? 90  HOH B O   1 
HETATM 1018 O O   . HOH D 2 .  ? 20.246  2.706   6.288   1.00 50.70  ? 91  HOH B O   1 
HETATM 1019 O O   . HOH D 2 .  ? 17.785  1.687   13.361  1.00 43.95  ? 92  HOH B O   1 
HETATM 1020 O O   . HOH D 2 .  ? 19.694  3.933   8.906   1.00 35.56  ? 93  HOH B O   1 
HETATM 1021 O O   . HOH D 2 .  ? 10.055  12.179  2.927   1.00 40.93  ? 94  HOH B O   1 
HETATM 1022 O O   . HOH D 2 .  ? -4.157  14.625  12.736  1.00 62.42  ? 95  HOH B O   1 
HETATM 1023 O O   . HOH D 2 .  ? 8.283   -3.797  -5.752  1.00 49.63  ? 96  HOH B O   1 
HETATM 1024 O O   . HOH D 2 .  ? 21.630  8.349   1.577   1.00 62.76  ? 97  HOH B O   1 
HETATM 1025 O O   . HOH D 2 .  ? 11.088  0.762   -4.197  1.00 48.56  ? 98  HOH B O   1 
HETATM 1026 O O   . HOH D 2 .  ? 10.360  9.358   -2.848  1.00 40.82  ? 99  HOH B O   1 
HETATM 1027 O O   . HOH D 2 .  ? 5.077   20.788  3.194   1.00 34.21  ? 100 HOH B O   1 
HETATM 1028 O O   . HOH D 2 .  ? -1.450  11.150  19.573  1.00 46.94  ? 101 HOH B O   1 
HETATM 1029 O O   . HOH D 2 .  ? 0.216   5.184   20.777  1.00 53.65  ? 102 HOH B O   1 
HETATM 1030 O O   . HOH D 2 .  ? -5.070  6.909   13.085  1.00 36.56  ? 103 HOH B O   1 
HETATM 1031 O O   . HOH D 2 .  ? -8.575  -0.796  5.840   1.00 36.99  ? 104 HOH B O   1 
HETATM 1032 O O   . HOH D 2 .  ? 14.764  9.426   6.487   1.00 20.56  ? 105 HOH B O   1 
HETATM 1033 O O   . HOH D 2 .  ? 9.590   10.883  0.076   1.00 29.91  ? 106 HOH B O   1 
HETATM 1034 O O   . HOH D 2 .  ? -2.902  -4.135  12.742  1.00 47.60  ? 107 HOH B O   1 
HETATM 1035 O O   . HOH D 2 .  ? 8.254   0.244   -2.202  1.00 42.17  ? 108 HOH B O   1 
HETATM 1036 O O   . HOH D 2 .  ? 18.497  10.395  13.821  1.00 34.59  ? 109 HOH B O   1 
HETATM 1037 O O   . HOH D 2 .  ? 3.710   2.049   23.106  1.00 32.22  ? 110 HOH B O   1 
HETATM 1038 O O   . HOH D 2 .  ? 20.150  1.588   11.130  1.00 59.01  ? 111 HOH B O   1 
HETATM 1039 O O   . HOH D 2 .  ? 15.789  8.127   1.584   1.00 47.37  ? 112 HOH B O   1 
HETATM 1040 O O   . HOH D 2 .  ? 11.535  -2.529  -2.749  1.00 68.41  ? 113 HOH B O   1 
HETATM 1041 O O   . HOH D 2 .  ? 21.886  5.045   4.915   1.00 71.84  ? 114 HOH B O   1 
HETATM 1042 O O   . HOH D 2 .  ? -9.434  -6.132  4.386   1.00 41.12  ? 115 HOH B O   1 
HETATM 1043 O O   . HOH D 2 .  ? -6.703  12.872  15.474  1.00 55.78  ? 116 HOH B O   1 
HETATM 1044 O O   . HOH D 2 .  ? 19.160  6.000   13.651  1.00 49.54  ? 117 HOH B O   1 
HETATM 1045 O O   . HOH D 2 .  ? 1.015   9.423   20.825  1.00 65.34  ? 118 HOH B O   1 
HETATM 1046 O O   . HOH D 2 .  ? -3.087  -5.917  6.571   1.00 53.74  ? 119 HOH B O   1 
HETATM 1047 O O   . HOH D 2 .  ? -0.929  -4.597  8.086   1.00 47.05  ? 120 HOH B O   1 
HETATM 1048 O O   . HOH D 2 .  ? 8.845   10.425  -5.778  1.00 67.72  ? 121 HOH B O   1 
HETATM 1049 O O   . HOH D 2 .  ? -4.890  14.099  8.918   1.00 53.86  ? 122 HOH B O   1 
HETATM 1050 O O   . HOH D 2 .  ? 2.592   0.597   20.311  1.00 53.72  ? 123 HOH B O   1 
HETATM 1051 O O   . HOH D 2 .  ? 8.444   7.141   -7.101  1.00 53.22  ? 124 HOH B O   1 
HETATM 1052 O O   . HOH D 2 .  ? 10.946  7.147   -4.980  1.00 44.19  ? 125 HOH B O   1 
HETATM 1053 O O   . HOH D 2 .  ? 7.991   -3.325  0.401   1.00 31.78  ? 126 HOH B O   1 
HETATM 1054 O O   . HOH D 2 .  ? -1.413  7.802   21.546  1.00 61.12  ? 127 HOH B O   1 
HETATM 1055 O O   . HOH D 2 .  ? 19.571  10.918  16.765  1.00 65.64  ? 128 HOH B O   1 
HETATM 1056 O O   . HOH D 2 .  ? 1.356   20.232  3.225   1.00 64.32  ? 129 HOH B O   1 
HETATM 1057 O O   . HOH D 2 .  ? -2.250  8.905   -2.032  1.00 46.61  ? 130 HOH B O   1 
HETATM 1058 O O   . HOH D 2 .  ? 16.197  9.683   11.517  1.00 64.64  ? 131 HOH B O   1 
HETATM 1059 O O   . HOH D 2 .  ? 0.057   2.344   19.188  1.00 49.54  ? 132 HOH B O   1 
HETATM 1060 O O   . HOH D 2 .  ? 1.340   1.679   25.037  1.00 46.77  ? 133 HOH B O   1 
HETATM 1061 O O   . HOH D 2 .  ? 12.378  11.856  -1.196  1.00 47.20  ? 134 HOH B O   1 
HETATM 1062 O O   . HOH D 2 .  ? 23.573  6.313   0.030   1.00 58.08  ? 135 HOH B O   1 
HETATM 1063 O O   . HOH D 2 .  ? 15.511  10.370  -0.608  1.00 69.18  ? 136 HOH B O   1 
HETATM 1064 O O   . HOH D 2 .  ? -4.932  3.957   14.282  1.00 53.01  ? 137 HOH B O   1 
HETATM 1065 O O   . HOH D 2 .  ? -6.499  12.767  11.388  1.00 94.21  ? 138 HOH B O   1 
HETATM 1066 O O   . HOH D 2 .  ? -9.114  -3.812  6.882   1.00 115.21 ? 139 HOH B O   1 
HETATM 1067 O O   . HOH D 2 .  ? 21.148  6.958   9.931   1.00 62.09  ? 140 HOH B O   1 
HETATM 1068 O O   . HOH D 2 .  ? 18.815  10.215  1.842   1.00 104.29 ? 141 HOH B O   1 
HETATM 1069 O O   . HOH D 2 .  ? 23.174  7.820   5.715   1.00 62.75  ? 142 HOH B O   1 
HETATM 1070 O O   . HOH D 2 .  ? 13.099  13.659  1.698   1.00 58.00  ? 143 HOH B O   1 
HETATM 1071 O O   . HOH D 2 .  ? -5.599  11.731  18.395  1.00 79.44  ? 144 HOH B O   1 
HETATM 1072 O O   . HOH D 2 .  ? -5.704  -3.242  11.558  1.00 52.70  ? 145 HOH B O   1 
HETATM 1073 O O   . HOH D 2 .  ? -3.137  8.115   15.510  1.00 55.54  ? 146 HOH B O   1 
# 
loop_
_pdbx_poly_seq_scheme.asym_id 
_pdbx_poly_seq_scheme.entity_id 
_pdbx_poly_seq_scheme.seq_id 
_pdbx_poly_seq_scheme.mon_id 
_pdbx_poly_seq_scheme.ndb_seq_num 
_pdbx_poly_seq_scheme.pdb_seq_num 
_pdbx_poly_seq_scheme.auth_seq_num 
_pdbx_poly_seq_scheme.pdb_mon_id 
_pdbx_poly_seq_scheme.auth_mon_id 
_pdbx_poly_seq_scheme.pdb_strand_id 
_pdbx_poly_seq_scheme.pdb_ins_code 
_pdbx_poly_seq_scheme.hetero 
A 1 1  GLY 1  1  ?  ?   ?   A . n 
A 1 2  PRO 2  2  ?  ?   ?   A . n 
A 1 3  LEU 3  3  ?  ?   ?   A . n 
A 1 4  GLY 4  4  ?  ?   ?   A . n 
A 1 5  SER 5  5  ?  ?   ?   A . n 
A 1 6  PRO 6  6  6  PRO PRO A . n 
A 1 7  GLU 7  7  7  GLU GLU A . n 
A 1 8  PHE 8  8  8  PHE PHE A . n 
A 1 9  ALA 9  9  9  ALA ALA A . n 
A 1 10 ILE 10 10 10 ILE ILE A . n 
A 1 11 ALA 11 11 11 ALA ALA A . n 
A 1 12 LYS 12 12 12 LYS LYS A . n 
A 1 13 PHE 13 13 13 PHE PHE A . n 
A 1 14 ASP 14 14 14 ASP ASP A . n 
A 1 15 TYR 15 15 15 TYR TYR A . n 
A 1 16 VAL 16 16 16 VAL VAL A . n 
A 1 17 GLY 17 17 17 GLY GLY A . n 
A 1 18 ARG 18 18 18 ARG ARG A . n 
A 1 19 SER 19 19 19 SER SER A . n 
A 1 20 ALA 20 20 20 ALA ALA A . n 
A 1 21 ARG 21 21 21 ARG ARG A . n 
A 1 22 GLU 22 22 22 GLU GLU A . n 
A 1 23 LEU 23 23 23 LEU LEU A . n 
A 1 24 SER 24 24 24 SER SER A . n 
A 1 25 PHE 25 25 25 PHE PHE A . n 
A 1 26 LYS 26 26 26 LYS LYS A . n 
A 1 27 LYS 27 27 27 LYS LYS A . n 
A 1 28 GLY 28 28 28 GLY GLY A . n 
A 1 29 ALA 29 29 29 ALA ALA A . n 
A 1 30 SER 30 30 30 SER SER A . n 
A 1 31 LEU 31 31 31 LEU LEU A . n 
A 1 32 LEU 32 32 32 LEU LEU A . n 
A 1 33 LEU 33 33 33 LEU LEU A . n 
A 1 34 TYR 34 34 34 TYR TYR A . n 
A 1 35 HIS 35 35 35 HIS HIS A . n 
A 1 36 ARG 36 36 36 ARG ARG A . n 
A 1 37 ALA 37 37 37 ALA ALA A . n 
A 1 38 SER 38 38 38 SER SER A . n 
A 1 39 GLU 39 39 39 GLU GLU A . n 
A 1 40 ASP 40 40 40 ASP ASP A . n 
A 1 41 TRP 41 41 41 TRP TRP A . n 
A 1 42 TRP 42 42 42 TRP TRP A . n 
A 1 43 GLU 43 43 43 GLU GLU A . n 
A 1 44 GLY 44 44 44 GLY GLY A . n 
A 1 45 ARG 45 45 45 ARG ARG A . n 
A 1 46 HIS 46 46 46 HIS HIS A . n 
A 1 47 ASN 47 47 47 ASN ASN A . n 
A 1 48 GLY 48 48 48 GLY GLY A . n 
A 1 49 ILE 49 49 49 ILE ILE A . n 
A 1 50 ASP 50 50 50 ASP ASP A . n 
A 1 51 GLY 51 51 51 GLY GLY A . n 
A 1 52 LEU 52 52 52 LEU LEU A . n 
A 1 53 VAL 53 53 53 VAL VAL A . n 
A 1 54 PRO 54 54 54 PRO PRO A . n 
A 1 55 HIS 55 55 55 HIS HIS A . n 
A 1 56 GLN 56 56 56 GLN GLN A . n 
A 1 57 TYR 57 57 57 TYR TYR A . n 
A 1 58 ILE 58 58 58 ILE ILE A . n 
A 1 59 VAL 59 59 59 VAL VAL A . n 
A 1 60 VAL 60 60 60 VAL VAL A . n 
B 1 1  GLY 1  1  ?  ?   ?   B . n 
B 1 2  PRO 2  2  ?  ?   ?   B . n 
B 1 3  LEU 3  3  ?  ?   ?   B . n 
B 1 4  GLY 4  4  ?  ?   ?   B . n 
B 1 5  SER 5  5  ?  ?   ?   B . n 
B 1 6  PRO 6  6  6  PRO PRO B . n 
B 1 7  GLU 7  7  7  GLU GLU B . n 
B 1 8  PHE 8  8  8  PHE PHE B . n 
B 1 9  ALA 9  9  9  ALA ALA B . n 
B 1 10 ILE 10 10 10 ILE ILE B . n 
B 1 11 ALA 11 11 11 ALA ALA B . n 
B 1 12 LYS 12 12 12 LYS LYS B . n 
B 1 13 PHE 13 13 13 PHE PHE B . n 
B 1 14 ASP 14 14 14 ASP ASP B . n 
B 1 15 TYR 15 15 15 TYR TYR B . n 
B 1 16 VAL 16 16 16 VAL VAL B . n 
B 1 17 GLY 17 17 17 GLY GLY B . n 
B 1 18 ARG 18 18 18 ARG ARG B . n 
B 1 19 SER 19 19 19 SER SER B . n 
B 1 20 ALA 20 20 20 ALA ALA B . n 
B 1 21 ARG 21 21 21 ARG ARG B . n 
B 1 22 GLU 22 22 22 GLU GLU B . n 
B 1 23 LEU 23 23 23 LEU LEU B . n 
B 1 24 SER 24 24 24 SER SER B . n 
B 1 25 PHE 25 25 25 PHE PHE B . n 
B 1 26 LYS 26 26 26 LYS LYS B . n 
B 1 27 LYS 27 27 27 LYS LYS B . n 
B 1 28 GLY 28 28 28 GLY GLY B . n 
B 1 29 ALA 29 29 29 ALA ALA B . n 
B 1 30 SER 30 30 30 SER SER B . n 
B 1 31 LEU 31 31 31 LEU LEU B . n 
B 1 32 LEU 32 32 32 LEU LEU B . n 
B 1 33 LEU 33 33 33 LEU LEU B . n 
B 1 34 TYR 34 34 34 TYR TYR B . n 
B 1 35 HIS 35 35 35 HIS HIS B . n 
B 1 36 ARG 36 36 36 ARG ARG B . n 
B 1 37 ALA 37 37 37 ALA ALA B . n 
B 1 38 SER 38 38 38 SER SER B . n 
B 1 39 GLU 39 39 39 GLU GLU B . n 
B 1 40 ASP 40 40 40 ASP ASP B . n 
B 1 41 TRP 41 41 41 TRP TRP B . n 
B 1 42 TRP 42 42 42 TRP TRP B . n 
B 1 43 GLU 43 43 43 GLU GLU B . n 
B 1 44 GLY 44 44 44 GLY GLY B . n 
B 1 45 ARG 45 45 45 ARG ARG B . n 
B 1 46 HIS 46 46 46 HIS HIS B . n 
B 1 47 ASN 47 47 47 ASN ASN B . n 
B 1 48 GLY 48 48 48 GLY GLY B . n 
B 1 49 ILE 49 49 49 ILE ILE B . n 
B 1 50 ASP 50 50 50 ASP ASP B . n 
B 1 51 GLY 51 51 51 GLY GLY B . n 
B 1 52 LEU 52 52 52 LEU LEU B . n 
B 1 53 VAL 53 53 53 VAL VAL B . n 
B 1 54 PRO 54 54 54 PRO PRO B . n 
B 1 55 HIS 55 55 55 HIS HIS B . n 
B 1 56 GLN 56 56 56 GLN GLN B . n 
B 1 57 TYR 57 57 57 TYR TYR B . n 
B 1 58 ILE 58 58 58 ILE ILE B . n 
B 1 59 VAL 59 59 59 VAL VAL B . n 
B 1 60 VAL 60 60 60 VAL VAL B . n 
# 
loop_
_pdbx_nonpoly_scheme.asym_id 
_pdbx_nonpoly_scheme.entity_id 
_pdbx_nonpoly_scheme.mon_id 
_pdbx_nonpoly_scheme.ndb_seq_num 
_pdbx_nonpoly_scheme.pdb_seq_num 
_pdbx_nonpoly_scheme.auth_seq_num 
_pdbx_nonpoly_scheme.pdb_mon_id 
_pdbx_nonpoly_scheme.auth_mon_id 
_pdbx_nonpoly_scheme.pdb_strand_id 
_pdbx_nonpoly_scheme.pdb_ins_code 
C 2 HOH 1  61  1   HOH TIP A . 
C 2 HOH 2  62  4   HOH TIP A . 
C 2 HOH 3  63  5   HOH TIP A . 
C 2 HOH 4  64  6   HOH TIP A . 
C 2 HOH 5  65  7   HOH TIP A . 
C 2 HOH 6  66  9   HOH TIP A . 
C 2 HOH 7  67  14  HOH TIP A . 
C 2 HOH 8  68  16  HOH TIP A . 
C 2 HOH 9  69  17  HOH TIP A . 
C 2 HOH 10 70  18  HOH TIP A . 
C 2 HOH 11 71  19  HOH TIP A . 
C 2 HOH 12 72  20  HOH TIP A . 
C 2 HOH 13 73  24  HOH TIP A . 
C 2 HOH 14 74  26  HOH TIP A . 
C 2 HOH 15 75  27  HOH TIP A . 
C 2 HOH 16 76  28  HOH TIP A . 
C 2 HOH 17 77  31  HOH TIP A . 
C 2 HOH 18 78  32  HOH TIP A . 
C 2 HOH 19 79  35  HOH TIP A . 
C 2 HOH 20 80  38  HOH TIP A . 
C 2 HOH 21 81  39  HOH TIP A . 
C 2 HOH 22 82  40  HOH TIP A . 
C 2 HOH 23 83  41  HOH TIP A . 
C 2 HOH 24 84  43  HOH TIP A . 
C 2 HOH 25 85  44  HOH TIP A . 
C 2 HOH 26 86  45  HOH TIP A . 
C 2 HOH 27 87  47  HOH TIP A . 
C 2 HOH 28 88  51  HOH TIP A . 
C 2 HOH 29 89  54  HOH TIP A . 
C 2 HOH 30 90  55  HOH TIP A . 
C 2 HOH 31 91  56  HOH TIP A . 
C 2 HOH 32 92  58  HOH TIP A . 
C 2 HOH 33 93  60  HOH TIP A . 
C 2 HOH 34 94  61  HOH TIP A . 
C 2 HOH 35 95  62  HOH TIP A . 
C 2 HOH 36 96  63  HOH TIP A . 
C 2 HOH 37 97  65  HOH TIP A . 
C 2 HOH 38 98  68  HOH TIP A . 
C 2 HOH 39 99  70  HOH TIP A . 
C 2 HOH 40 100 72  HOH TIP A . 
C 2 HOH 41 101 74  HOH TIP A . 
C 2 HOH 42 102 78  HOH TIP A . 
C 2 HOH 43 103 79  HOH TIP A . 
C 2 HOH 44 104 80  HOH TIP A . 
C 2 HOH 45 105 81  HOH TIP A . 
C 2 HOH 46 106 84  HOH TIP A . 
C 2 HOH 47 107 86  HOH TIP A . 
C 2 HOH 48 108 90  HOH TIP A . 
C 2 HOH 49 109 95  HOH TIP A . 
C 2 HOH 50 110 97  HOH TIP A . 
C 2 HOH 51 111 100 HOH TIP A . 
C 2 HOH 52 112 101 HOH TIP A . 
C 2 HOH 53 113 106 HOH TIP A . 
C 2 HOH 54 114 107 HOH TIP A . 
C 2 HOH 55 115 109 HOH TIP A . 
C 2 HOH 56 116 111 HOH TIP A . 
C 2 HOH 57 117 115 HOH TIP A . 
C 2 HOH 58 118 117 HOH TIP A . 
C 2 HOH 59 119 119 HOH TIP A . 
C 2 HOH 60 120 120 HOH TIP A . 
C 2 HOH 61 121 121 HOH TIP A . 
C 2 HOH 62 122 123 HOH TIP A . 
C 2 HOH 63 123 125 HOH TIP A . 
C 2 HOH 64 124 126 HOH TIP A . 
C 2 HOH 65 125 132 HOH TIP A . 
C 2 HOH 66 126 136 HOH TIP A . 
C 2 HOH 67 127 138 HOH TIP A . 
C 2 HOH 68 128 142 HOH TIP A . 
C 2 HOH 69 129 144 HOH TIP A . 
C 2 HOH 70 130 145 HOH TIP A . 
C 2 HOH 71 131 147 HOH TIP A . 
C 2 HOH 72 132 149 HOH TIP A . 
C 2 HOH 73 133 150 HOH TIP A . 
C 2 HOH 74 134 151 HOH TIP A . 
C 2 HOH 75 135 154 HOH TIP A . 
C 2 HOH 76 136 155 HOH TIP A . 
C 2 HOH 77 137 156 HOH TIP A . 
C 2 HOH 78 138 157 HOH TIP A . 
C 2 HOH 79 139 162 HOH TIP A . 
C 2 HOH 80 140 163 HOH TIP A . 
C 2 HOH 81 141 164 HOH TIP A . 
C 2 HOH 82 142 166 HOH TIP A . 
C 2 HOH 83 143 168 HOH TIP A . 
C 2 HOH 84 144 170 HOH TIP A . 
C 2 HOH 85 145 171 HOH TIP A . 
D 2 HOH 1  61  2   HOH TIP B . 
D 2 HOH 2  62  3   HOH TIP B . 
D 2 HOH 3  63  8   HOH TIP B . 
D 2 HOH 4  64  10  HOH TIP B . 
D 2 HOH 5  65  11  HOH TIP B . 
D 2 HOH 6  66  12  HOH TIP B . 
D 2 HOH 7  67  13  HOH TIP B . 
D 2 HOH 8  68  15  HOH TIP B . 
D 2 HOH 9  69  21  HOH TIP B . 
D 2 HOH 10 70  22  HOH TIP B . 
D 2 HOH 11 71  23  HOH TIP B . 
D 2 HOH 12 72  25  HOH TIP B . 
D 2 HOH 13 73  29  HOH TIP B . 
D 2 HOH 14 74  30  HOH TIP B . 
D 2 HOH 15 75  33  HOH TIP B . 
D 2 HOH 16 76  34  HOH TIP B . 
D 2 HOH 17 77  36  HOH TIP B . 
D 2 HOH 18 78  37  HOH TIP B . 
D 2 HOH 19 79  42  HOH TIP B . 
D 2 HOH 20 80  46  HOH TIP B . 
D 2 HOH 21 81  48  HOH TIP B . 
D 2 HOH 22 82  49  HOH TIP B . 
D 2 HOH 23 83  50  HOH TIP B . 
D 2 HOH 24 84  52  HOH TIP B . 
D 2 HOH 25 85  53  HOH TIP B . 
D 2 HOH 26 86  57  HOH TIP B . 
D 2 HOH 27 87  59  HOH TIP B . 
D 2 HOH 28 88  64  HOH TIP B . 
D 2 HOH 29 89  66  HOH TIP B . 
D 2 HOH 30 90  67  HOH TIP B . 
D 2 HOH 31 91  69  HOH TIP B . 
D 2 HOH 32 92  71  HOH TIP B . 
D 2 HOH 33 93  73  HOH TIP B . 
D 2 HOH 34 94  75  HOH TIP B . 
D 2 HOH 35 95  76  HOH TIP B . 
D 2 HOH 36 96  77  HOH TIP B . 
D 2 HOH 37 97  82  HOH TIP B . 
D 2 HOH 38 98  83  HOH TIP B . 
D 2 HOH 39 99  85  HOH TIP B . 
D 2 HOH 40 100 87  HOH TIP B . 
D 2 HOH 41 101 88  HOH TIP B . 
D 2 HOH 42 102 89  HOH TIP B . 
D 2 HOH 43 103 91  HOH TIP B . 
D 2 HOH 44 104 92  HOH TIP B . 
D 2 HOH 45 105 93  HOH TIP B . 
D 2 HOH 46 106 94  HOH TIP B . 
D 2 HOH 47 107 96  HOH TIP B . 
D 2 HOH 48 108 98  HOH TIP B . 
D 2 HOH 49 109 99  HOH TIP B . 
D 2 HOH 50 110 102 HOH TIP B . 
D 2 HOH 51 111 103 HOH TIP B . 
D 2 HOH 52 112 104 HOH TIP B . 
D 2 HOH 53 113 105 HOH TIP B . 
D 2 HOH 54 114 108 HOH TIP B . 
D 2 HOH 55 115 110 HOH TIP B . 
D 2 HOH 56 116 112 HOH TIP B . 
D 2 HOH 57 117 113 HOH TIP B . 
D 2 HOH 58 118 114 HOH TIP B . 
D 2 HOH 59 119 116 HOH TIP B . 
D 2 HOH 60 120 118 HOH TIP B . 
D 2 HOH 61 121 122 HOH TIP B . 
D 2 HOH 62 122 124 HOH TIP B . 
D 2 HOH 63 123 127 HOH TIP B . 
D 2 HOH 64 124 128 HOH TIP B . 
D 2 HOH 65 125 129 HOH TIP B . 
D 2 HOH 66 126 130 HOH TIP B . 
D 2 HOH 67 127 131 HOH TIP B . 
D 2 HOH 68 128 133 HOH TIP B . 
D 2 HOH 69 129 134 HOH TIP B . 
D 2 HOH 70 130 135 HOH TIP B . 
D 2 HOH 71 131 137 HOH TIP B . 
D 2 HOH 72 132 139 HOH TIP B . 
D 2 HOH 73 133 140 HOH TIP B . 
D 2 HOH 74 134 141 HOH TIP B . 
D 2 HOH 75 135 143 HOH TIP B . 
D 2 HOH 76 136 146 HOH TIP B . 
D 2 HOH 77 137 148 HOH TIP B . 
D 2 HOH 78 138 152 HOH TIP B . 
D 2 HOH 79 139 153 HOH TIP B . 
D 2 HOH 80 140 158 HOH TIP B . 
D 2 HOH 81 141 159 HOH TIP B . 
D 2 HOH 82 142 160 HOH TIP B . 
D 2 HOH 83 143 161 HOH TIP B . 
D 2 HOH 84 144 165 HOH TIP B . 
D 2 HOH 85 145 167 HOH TIP B . 
D 2 HOH 86 146 169 HOH TIP B . 
# 
loop_
_pdbx_struct_assembly.id 
_pdbx_struct_assembly.details 
_pdbx_struct_assembly.method_details 
_pdbx_struct_assembly.oligomeric_details 
_pdbx_struct_assembly.oligomeric_count 
1 author_defined_assembly ? monomeric 1 
2 author_defined_assembly ? monomeric 1 
# 
loop_
_pdbx_struct_assembly_gen.assembly_id 
_pdbx_struct_assembly_gen.oper_expression 
_pdbx_struct_assembly_gen.asym_id_list 
1 1 A,C 
2 1 B,D 
# 
_pdbx_struct_oper_list.id                   1 
_pdbx_struct_oper_list.type                 'identity operation' 
_pdbx_struct_oper_list.name                 1_555 
_pdbx_struct_oper_list.symmetry_operation   x,y,z 
_pdbx_struct_oper_list.matrix[1][1]         1.0000000000 
_pdbx_struct_oper_list.matrix[1][2]         0.0000000000 
_pdbx_struct_oper_list.matrix[1][3]         0.0000000000 
_pdbx_struct_oper_list.vector[1]            0.0000000000 
_pdbx_struct_oper_list.matrix[2][1]         0.0000000000 
_pdbx_struct_oper_list.matrix[2][2]         1.0000000000 
_pdbx_struct_oper_list.matrix[2][3]         0.0000000000 
_pdbx_struct_oper_list.vector[2]            0.0000000000 
_pdbx_struct_oper_list.matrix[3][1]         0.0000000000 
_pdbx_struct_oper_list.matrix[3][2]         0.0000000000 
_pdbx_struct_oper_list.matrix[3][3]         1.0000000000 
_pdbx_struct_oper_list.vector[3]            0.0000000000 
# 
loop_
_pdbx_audit_revision_history.ordinal 
_pdbx_audit_revision_history.data_content_type 
_pdbx_audit_revision_history.major_revision 
_pdbx_audit_revision_history.minor_revision 
_pdbx_audit_revision_history.revision_date 
1 'Structure model' 1 0 2006-07-18 
2 'Structure model' 1 1 2008-05-01 
3 'Structure model' 1 2 2011-07-13 
4 'Structure model' 1 3 2023-10-25 
# 
_pdbx_audit_revision_details.ordinal             1 
_pdbx_audit_revision_details.revision_ordinal    1 
_pdbx_audit_revision_details.data_content_type   'Structure model' 
_pdbx_audit_revision_details.provider            repository 
_pdbx_audit_revision_details.type                'Initial release' 
_pdbx_audit_revision_details.description         ? 
_pdbx_audit_revision_details.details             ? 
# 
loop_
_pdbx_audit_revision_group.ordinal 
_pdbx_audit_revision_group.revision_ordinal 
_pdbx_audit_revision_group.data_content_type 
_pdbx_audit_revision_group.group 
1 2 'Structure model' 'Version format compliance' 
2 3 'Structure model' 'Version format compliance' 
3 4 'Structure model' 'Data collection'           
4 4 'Structure model' 'Database references'       
5 4 'Structure model' 'Refinement description'    
# 
loop_
_pdbx_audit_revision_category.ordinal 
_pdbx_audit_revision_category.revision_ordinal 
_pdbx_audit_revision_category.data_content_type 
_pdbx_audit_revision_category.category 
1 4 'Structure model' chem_comp_atom                
2 4 'Structure model' chem_comp_bond                
3 4 'Structure model' database_2                    
4 4 'Structure model' pdbx_initial_refinement_model 
5 4 'Structure model' struct_ref_seq_dif            
# 
loop_
_pdbx_audit_revision_item.ordinal 
_pdbx_audit_revision_item.revision_ordinal 
_pdbx_audit_revision_item.data_content_type 
_pdbx_audit_revision_item.item 
1 4 'Structure model' '_database_2.pdbx_DOI'                
2 4 'Structure model' '_database_2.pdbx_database_accession' 
3 4 'Structure model' '_struct_ref_seq_dif.details'         
# 
loop_
_software.name 
_software.classification 
_software.version 
_software.citation_id 
_software.pdbx_ordinal 
CrystalClear 'data collection' .              ? 1 
HKL-2000     'data reduction'  .              ? 2 
CNS          refinement        .              ? 3 
CrystalClear 'data reduction'  '(MSC/RIGAKU)' ? 4 
HKL-2000     'data scaling'    .              ? 5 
CNS          phasing           .              ? 6 
# 
_pdbx_validate_close_contact.id               1 
_pdbx_validate_close_contact.PDB_model_num    1 
_pdbx_validate_close_contact.auth_atom_id_1   NH2 
_pdbx_validate_close_contact.auth_asym_id_1   B 
_pdbx_validate_close_contact.auth_comp_id_1   ARG 
_pdbx_validate_close_contact.auth_seq_id_1    45 
_pdbx_validate_close_contact.PDB_ins_code_1   ? 
_pdbx_validate_close_contact.label_alt_id_1   ? 
_pdbx_validate_close_contact.auth_atom_id_2   O 
_pdbx_validate_close_contact.auth_asym_id_2   B 
_pdbx_validate_close_contact.auth_comp_id_2   HOH 
_pdbx_validate_close_contact.auth_seq_id_2    129 
_pdbx_validate_close_contact.PDB_ins_code_2   ? 
_pdbx_validate_close_contact.label_alt_id_2   ? 
_pdbx_validate_close_contact.dist             2.16 
# 
loop_
_pdbx_validate_symm_contact.id 
_pdbx_validate_symm_contact.PDB_model_num 
_pdbx_validate_symm_contact.auth_atom_id_1 
_pdbx_validate_symm_contact.auth_asym_id_1 
_pdbx_validate_symm_contact.auth_comp_id_1 
_pdbx_validate_symm_contact.auth_seq_id_1 
_pdbx_validate_symm_contact.PDB_ins_code_1 
_pdbx_validate_symm_contact.label_alt_id_1 
_pdbx_validate_symm_contact.site_symmetry_1 
_pdbx_validate_symm_contact.auth_atom_id_2 
_pdbx_validate_symm_contact.auth_asym_id_2 
_pdbx_validate_symm_contact.auth_comp_id_2 
_pdbx_validate_symm_contact.auth_seq_id_2 
_pdbx_validate_symm_contact.PDB_ins_code_2 
_pdbx_validate_symm_contact.label_alt_id_2 
_pdbx_validate_symm_contact.site_symmetry_2 
_pdbx_validate_symm_contact.dist 
1 1 O A HOH 130 ? ? 1_555 O A HOH 130 ? ? 2_765 1.49 
2 1 O B HOH 96  ? ? 1_555 O B HOH 96  ? ? 2_765 2.05 
3 1 O A HOH 87  ? ? 1_555 O A HOH 87  ? ? 6_676 2.06 
4 1 O A HOH 84  ? ? 1_555 O A HOH 84  ? ? 4_565 2.17 
# 
loop_
_pdbx_unobs_or_zero_occ_residues.id 
_pdbx_unobs_or_zero_occ_residues.PDB_model_num 
_pdbx_unobs_or_zero_occ_residues.polymer_flag 
_pdbx_unobs_or_zero_occ_residues.occupancy_flag 
_pdbx_unobs_or_zero_occ_residues.auth_asym_id 
_pdbx_unobs_or_zero_occ_residues.auth_comp_id 
_pdbx_unobs_or_zero_occ_residues.auth_seq_id 
_pdbx_unobs_or_zero_occ_residues.PDB_ins_code 
_pdbx_unobs_or_zero_occ_residues.label_asym_id 
_pdbx_unobs_or_zero_occ_residues.label_comp_id 
_pdbx_unobs_or_zero_occ_residues.label_seq_id 
1  1 Y 1 A GLY 1 ? A GLY 1 
2  1 Y 1 A PRO 2 ? A PRO 2 
3  1 Y 1 A LEU 3 ? A LEU 3 
4  1 Y 1 A GLY 4 ? A GLY 4 
5  1 Y 1 A SER 5 ? A SER 5 
6  1 Y 1 B GLY 1 ? B GLY 1 
7  1 Y 1 B PRO 2 ? B PRO 2 
8  1 Y 1 B LEU 3 ? B LEU 3 
9  1 Y 1 B GLY 4 ? B GLY 4 
10 1 Y 1 B SER 5 ? B SER 5 
# 
loop_
_chem_comp_atom.comp_id 
_chem_comp_atom.atom_id 
_chem_comp_atom.type_symbol 
_chem_comp_atom.pdbx_aromatic_flag 
_chem_comp_atom.pdbx_stereo_config 
_chem_comp_atom.pdbx_ordinal 
ALA N    N N N 1   
ALA CA   C N S 2   
ALA C    C N N 3   
ALA O    O N N 4   
ALA CB   C N N 5   
ALA OXT  O N N 6   
ALA H    H N N 7   
ALA H2   H N N 8   
ALA HA   H N N 9   
ALA HB1  H N N 10  
ALA HB2  H N N 11  
ALA HB3  H N N 12  
ALA HXT  H N N 13  
ARG N    N N N 14  
ARG CA   C N S 15  
ARG C    C N N 16  
ARG O    O N N 17  
ARG CB   C N N 18  
ARG CG   C N N 19  
ARG CD   C N N 20  
ARG NE   N N N 21  
ARG CZ   C N N 22  
ARG NH1  N N N 23  
ARG NH2  N N N 24  
ARG OXT  O N N 25  
ARG H    H N N 26  
ARG H2   H N N 27  
ARG HA   H N N 28  
ARG HB2  H N N 29  
ARG HB3  H N N 30  
ARG HG2  H N N 31  
ARG HG3  H N N 32  
ARG HD2  H N N 33  
ARG HD3  H N N 34  
ARG HE   H N N 35  
ARG HH11 H N N 36  
ARG HH12 H N N 37  
ARG HH21 H N N 38  
ARG HH22 H N N 39  
ARG HXT  H N N 40  
ASN N    N N N 41  
ASN CA   C N S 42  
ASN C    C N N 43  
ASN O    O N N 44  
ASN CB   C N N 45  
ASN CG   C N N 46  
ASN OD1  O N N 47  
ASN ND2  N N N 48  
ASN OXT  O N N 49  
ASN H    H N N 50  
ASN H2   H N N 51  
ASN HA   H N N 52  
ASN HB2  H N N 53  
ASN HB3  H N N 54  
ASN HD21 H N N 55  
ASN HD22 H N N 56  
ASN HXT  H N N 57  
ASP N    N N N 58  
ASP CA   C N S 59  
ASP C    C N N 60  
ASP O    O N N 61  
ASP CB   C N N 62  
ASP CG   C N N 63  
ASP OD1  O N N 64  
ASP OD2  O N N 65  
ASP OXT  O N N 66  
ASP H    H N N 67  
ASP H2   H N N 68  
ASP HA   H N N 69  
ASP HB2  H N N 70  
ASP HB3  H N N 71  
ASP HD2  H N N 72  
ASP HXT  H N N 73  
GLN N    N N N 74  
GLN CA   C N S 75  
GLN C    C N N 76  
GLN O    O N N 77  
GLN CB   C N N 78  
GLN CG   C N N 79  
GLN CD   C N N 80  
GLN OE1  O N N 81  
GLN NE2  N N N 82  
GLN OXT  O N N 83  
GLN H    H N N 84  
GLN H2   H N N 85  
GLN HA   H N N 86  
GLN HB2  H N N 87  
GLN HB3  H N N 88  
GLN HG2  H N N 89  
GLN HG3  H N N 90  
GLN HE21 H N N 91  
GLN HE22 H N N 92  
GLN HXT  H N N 93  
GLU N    N N N 94  
GLU CA   C N S 95  
GLU C    C N N 96  
GLU O    O N N 97  
GLU CB   C N N 98  
GLU CG   C N N 99  
GLU CD   C N N 100 
GLU OE1  O N N 101 
GLU OE2  O N N 102 
GLU OXT  O N N 103 
GLU H    H N N 104 
GLU H2   H N N 105 
GLU HA   H N N 106 
GLU HB2  H N N 107 
GLU HB3  H N N 108 
GLU HG2  H N N 109 
GLU HG3  H N N 110 
GLU HE2  H N N 111 
GLU HXT  H N N 112 
GLY N    N N N 113 
GLY CA   C N N 114 
GLY C    C N N 115 
GLY O    O N N 116 
GLY OXT  O N N 117 
GLY H    H N N 118 
GLY H2   H N N 119 
GLY HA2  H N N 120 
GLY HA3  H N N 121 
GLY HXT  H N N 122 
HIS N    N N N 123 
HIS CA   C N S 124 
HIS C    C N N 125 
HIS O    O N N 126 
HIS CB   C N N 127 
HIS CG   C Y N 128 
HIS ND1  N Y N 129 
HIS CD2  C Y N 130 
HIS CE1  C Y N 131 
HIS NE2  N Y N 132 
HIS OXT  O N N 133 
HIS H    H N N 134 
HIS H2   H N N 135 
HIS HA   H N N 136 
HIS HB2  H N N 137 
HIS HB3  H N N 138 
HIS HD1  H N N 139 
HIS HD2  H N N 140 
HIS HE1  H N N 141 
HIS HE2  H N N 142 
HIS HXT  H N N 143 
HOH O    O N N 144 
HOH H1   H N N 145 
HOH H2   H N N 146 
ILE N    N N N 147 
ILE CA   C N S 148 
ILE C    C N N 149 
ILE O    O N N 150 
ILE CB   C N S 151 
ILE CG1  C N N 152 
ILE CG2  C N N 153 
ILE CD1  C N N 154 
ILE OXT  O N N 155 
ILE H    H N N 156 
ILE H2   H N N 157 
ILE HA   H N N 158 
ILE HB   H N N 159 
ILE HG12 H N N 160 
ILE HG13 H N N 161 
ILE HG21 H N N 162 
ILE HG22 H N N 163 
ILE HG23 H N N 164 
ILE HD11 H N N 165 
ILE HD12 H N N 166 
ILE HD13 H N N 167 
ILE HXT  H N N 168 
LEU N    N N N 169 
LEU CA   C N S 170 
LEU C    C N N 171 
LEU O    O N N 172 
LEU CB   C N N 173 
LEU CG   C N N 174 
LEU CD1  C N N 175 
LEU CD2  C N N 176 
LEU OXT  O N N 177 
LEU H    H N N 178 
LEU H2   H N N 179 
LEU HA   H N N 180 
LEU HB2  H N N 181 
LEU HB3  H N N 182 
LEU HG   H N N 183 
LEU HD11 H N N 184 
LEU HD12 H N N 185 
LEU HD13 H N N 186 
LEU HD21 H N N 187 
LEU HD22 H N N 188 
LEU HD23 H N N 189 
LEU HXT  H N N 190 
LYS N    N N N 191 
LYS CA   C N S 192 
LYS C    C N N 193 
LYS O    O N N 194 
LYS CB   C N N 195 
LYS CG   C N N 196 
LYS CD   C N N 197 
LYS CE   C N N 198 
LYS NZ   N N N 199 
LYS OXT  O N N 200 
LYS H    H N N 201 
LYS H2   H N N 202 
LYS HA   H N N 203 
LYS HB2  H N N 204 
LYS HB3  H N N 205 
LYS HG2  H N N 206 
LYS HG3  H N N 207 
LYS HD2  H N N 208 
LYS HD3  H N N 209 
LYS HE2  H N N 210 
LYS HE3  H N N 211 
LYS HZ1  H N N 212 
LYS HZ2  H N N 213 
LYS HZ3  H N N 214 
LYS HXT  H N N 215 
PHE N    N N N 216 
PHE CA   C N S 217 
PHE C    C N N 218 
PHE O    O N N 219 
PHE CB   C N N 220 
PHE CG   C Y N 221 
PHE CD1  C Y N 222 
PHE CD2  C Y N 223 
PHE CE1  C Y N 224 
PHE CE2  C Y N 225 
PHE CZ   C Y N 226 
PHE OXT  O N N 227 
PHE H    H N N 228 
PHE H2   H N N 229 
PHE HA   H N N 230 
PHE HB2  H N N 231 
PHE HB3  H N N 232 
PHE HD1  H N N 233 
PHE HD2  H N N 234 
PHE HE1  H N N 235 
PHE HE2  H N N 236 
PHE HZ   H N N 237 
PHE HXT  H N N 238 
PRO N    N N N 239 
PRO CA   C N S 240 
PRO C    C N N 241 
PRO O    O N N 242 
PRO CB   C N N 243 
PRO CG   C N N 244 
PRO CD   C N N 245 
PRO OXT  O N N 246 
PRO H    H N N 247 
PRO HA   H N N 248 
PRO HB2  H N N 249 
PRO HB3  H N N 250 
PRO HG2  H N N 251 
PRO HG3  H N N 252 
PRO HD2  H N N 253 
PRO HD3  H N N 254 
PRO HXT  H N N 255 
SER N    N N N 256 
SER CA   C N S 257 
SER C    C N N 258 
SER O    O N N 259 
SER CB   C N N 260 
SER OG   O N N 261 
SER OXT  O N N 262 
SER H    H N N 263 
SER H2   H N N 264 
SER HA   H N N 265 
SER HB2  H N N 266 
SER HB3  H N N 267 
SER HG   H N N 268 
SER HXT  H N N 269 
TRP N    N N N 270 
TRP CA   C N S 271 
TRP C    C N N 272 
TRP O    O N N 273 
TRP CB   C N N 274 
TRP CG   C Y N 275 
TRP CD1  C Y N 276 
TRP CD2  C Y N 277 
TRP NE1  N Y N 278 
TRP CE2  C Y N 279 
TRP CE3  C Y N 280 
TRP CZ2  C Y N 281 
TRP CZ3  C Y N 282 
TRP CH2  C Y N 283 
TRP OXT  O N N 284 
TRP H    H N N 285 
TRP H2   H N N 286 
TRP HA   H N N 287 
TRP HB2  H N N 288 
TRP HB3  H N N 289 
TRP HD1  H N N 290 
TRP HE1  H N N 291 
TRP HE3  H N N 292 
TRP HZ2  H N N 293 
TRP HZ3  H N N 294 
TRP HH2  H N N 295 
TRP HXT  H N N 296 
TYR N    N N N 297 
TYR CA   C N S 298 
TYR C    C N N 299 
TYR O    O N N 300 
TYR CB   C N N 301 
TYR CG   C Y N 302 
TYR CD1  C Y N 303 
TYR CD2  C Y N 304 
TYR CE1  C Y N 305 
TYR CE2  C Y N 306 
TYR CZ   C Y N 307 
TYR OH   O N N 308 
TYR OXT  O N N 309 
TYR H    H N N 310 
TYR H2   H N N 311 
TYR HA   H N N 312 
TYR HB2  H N N 313 
TYR HB3  H N N 314 
TYR HD1  H N N 315 
TYR HD2  H N N 316 
TYR HE1  H N N 317 
TYR HE2  H N N 318 
TYR HH   H N N 319 
TYR HXT  H N N 320 
VAL N    N N N 321 
VAL CA   C N S 322 
VAL C    C N N 323 
VAL O    O N N 324 
VAL CB   C N N 325 
VAL CG1  C N N 326 
VAL CG2  C N N 327 
VAL OXT  O N N 328 
VAL H    H N N 329 
VAL H2   H N N 330 
VAL HA   H N N 331 
VAL HB   H N N 332 
VAL HG11 H N N 333 
VAL HG12 H N N 334 
VAL HG13 H N N 335 
VAL HG21 H N N 336 
VAL HG22 H N N 337 
VAL HG23 H N N 338 
VAL HXT  H N N 339 
# 
loop_
_chem_comp_bond.comp_id 
_chem_comp_bond.atom_id_1 
_chem_comp_bond.atom_id_2 
_chem_comp_bond.value_order 
_chem_comp_bond.pdbx_aromatic_flag 
_chem_comp_bond.pdbx_stereo_config 
_chem_comp_bond.pdbx_ordinal 
ALA N   CA   sing N N 1   
ALA N   H    sing N N 2   
ALA N   H2   sing N N 3   
ALA CA  C    sing N N 4   
ALA CA  CB   sing N N 5   
ALA CA  HA   sing N N 6   
ALA C   O    doub N N 7   
ALA C   OXT  sing N N 8   
ALA CB  HB1  sing N N 9   
ALA CB  HB2  sing N N 10  
ALA CB  HB3  sing N N 11  
ALA OXT HXT  sing N N 12  
ARG N   CA   sing N N 13  
ARG N   H    sing N N 14  
ARG N   H2   sing N N 15  
ARG CA  C    sing N N 16  
ARG CA  CB   sing N N 17  
ARG CA  HA   sing N N 18  
ARG C   O    doub N N 19  
ARG C   OXT  sing N N 20  
ARG CB  CG   sing N N 21  
ARG CB  HB2  sing N N 22  
ARG CB  HB3  sing N N 23  
ARG CG  CD   sing N N 24  
ARG CG  HG2  sing N N 25  
ARG CG  HG3  sing N N 26  
ARG CD  NE   sing N N 27  
ARG CD  HD2  sing N N 28  
ARG CD  HD3  sing N N 29  
ARG NE  CZ   sing N N 30  
ARG NE  HE   sing N N 31  
ARG CZ  NH1  sing N N 32  
ARG CZ  NH2  doub N N 33  
ARG NH1 HH11 sing N N 34  
ARG NH1 HH12 sing N N 35  
ARG NH2 HH21 sing N N 36  
ARG NH2 HH22 sing N N 37  
ARG OXT HXT  sing N N 38  
ASN N   CA   sing N N 39  
ASN N   H    sing N N 40  
ASN N   H2   sing N N 41  
ASN CA  C    sing N N 42  
ASN CA  CB   sing N N 43  
ASN CA  HA   sing N N 44  
ASN C   O    doub N N 45  
ASN C   OXT  sing N N 46  
ASN CB  CG   sing N N 47  
ASN CB  HB2  sing N N 48  
ASN CB  HB3  sing N N 49  
ASN CG  OD1  doub N N 50  
ASN CG  ND2  sing N N 51  
ASN ND2 HD21 sing N N 52  
ASN ND2 HD22 sing N N 53  
ASN OXT HXT  sing N N 54  
ASP N   CA   sing N N 55  
ASP N   H    sing N N 56  
ASP N   H2   sing N N 57  
ASP CA  C    sing N N 58  
ASP CA  CB   sing N N 59  
ASP CA  HA   sing N N 60  
ASP C   O    doub N N 61  
ASP C   OXT  sing N N 62  
ASP CB  CG   sing N N 63  
ASP CB  HB2  sing N N 64  
ASP CB  HB3  sing N N 65  
ASP CG  OD1  doub N N 66  
ASP CG  OD2  sing N N 67  
ASP OD2 HD2  sing N N 68  
ASP OXT HXT  sing N N 69  
GLN N   CA   sing N N 70  
GLN N   H    sing N N 71  
GLN N   H2   sing N N 72  
GLN CA  C    sing N N 73  
GLN CA  CB   sing N N 74  
GLN CA  HA   sing N N 75  
GLN C   O    doub N N 76  
GLN C   OXT  sing N N 77  
GLN CB  CG   sing N N 78  
GLN CB  HB2  sing N N 79  
GLN CB  HB3  sing N N 80  
GLN CG  CD   sing N N 81  
GLN CG  HG2  sing N N 82  
GLN CG  HG3  sing N N 83  
GLN CD  OE1  doub N N 84  
GLN CD  NE2  sing N N 85  
GLN NE2 HE21 sing N N 86  
GLN NE2 HE22 sing N N 87  
GLN OXT HXT  sing N N 88  
GLU N   CA   sing N N 89  
GLU N   H    sing N N 90  
GLU N   H2   sing N N 91  
GLU CA  C    sing N N 92  
GLU CA  CB   sing N N 93  
GLU CA  HA   sing N N 94  
GLU C   O    doub N N 95  
GLU C   OXT  sing N N 96  
GLU CB  CG   sing N N 97  
GLU CB  HB2  sing N N 98  
GLU CB  HB3  sing N N 99  
GLU CG  CD   sing N N 100 
GLU CG  HG2  sing N N 101 
GLU CG  HG3  sing N N 102 
GLU CD  OE1  doub N N 103 
GLU CD  OE2  sing N N 104 
GLU OE2 HE2  sing N N 105 
GLU OXT HXT  sing N N 106 
GLY N   CA   sing N N 107 
GLY N   H    sing N N 108 
GLY N   H2   sing N N 109 
GLY CA  C    sing N N 110 
GLY CA  HA2  sing N N 111 
GLY CA  HA3  sing N N 112 
GLY C   O    doub N N 113 
GLY C   OXT  sing N N 114 
GLY OXT HXT  sing N N 115 
HIS N   CA   sing N N 116 
HIS N   H    sing N N 117 
HIS N   H2   sing N N 118 
HIS CA  C    sing N N 119 
HIS CA  CB   sing N N 120 
HIS CA  HA   sing N N 121 
HIS C   O    doub N N 122 
HIS C   OXT  sing N N 123 
HIS CB  CG   sing N N 124 
HIS CB  HB2  sing N N 125 
HIS CB  HB3  sing N N 126 
HIS CG  ND1  sing Y N 127 
HIS CG  CD2  doub Y N 128 
HIS ND1 CE1  doub Y N 129 
HIS ND1 HD1  sing N N 130 
HIS CD2 NE2  sing Y N 131 
HIS CD2 HD2  sing N N 132 
HIS CE1 NE2  sing Y N 133 
HIS CE1 HE1  sing N N 134 
HIS NE2 HE2  sing N N 135 
HIS OXT HXT  sing N N 136 
HOH O   H1   sing N N 137 
HOH O   H2   sing N N 138 
ILE N   CA   sing N N 139 
ILE N   H    sing N N 140 
ILE N   H2   sing N N 141 
ILE CA  C    sing N N 142 
ILE CA  CB   sing N N 143 
ILE CA  HA   sing N N 144 
ILE C   O    doub N N 145 
ILE C   OXT  sing N N 146 
ILE CB  CG1  sing N N 147 
ILE CB  CG2  sing N N 148 
ILE CB  HB   sing N N 149 
ILE CG1 CD1  sing N N 150 
ILE CG1 HG12 sing N N 151 
ILE CG1 HG13 sing N N 152 
ILE CG2 HG21 sing N N 153 
ILE CG2 HG22 sing N N 154 
ILE CG2 HG23 sing N N 155 
ILE CD1 HD11 sing N N 156 
ILE CD1 HD12 sing N N 157 
ILE CD1 HD13 sing N N 158 
ILE OXT HXT  sing N N 159 
LEU N   CA   sing N N 160 
LEU N   H    sing N N 161 
LEU N   H2   sing N N 162 
LEU CA  C    sing N N 163 
LEU CA  CB   sing N N 164 
LEU CA  HA   sing N N 165 
LEU C   O    doub N N 166 
LEU C   OXT  sing N N 167 
LEU CB  CG   sing N N 168 
LEU CB  HB2  sing N N 169 
LEU CB  HB3  sing N N 170 
LEU CG  CD1  sing N N 171 
LEU CG  CD2  sing N N 172 
LEU CG  HG   sing N N 173 
LEU CD1 HD11 sing N N 174 
LEU CD1 HD12 sing N N 175 
LEU CD1 HD13 sing N N 176 
LEU CD2 HD21 sing N N 177 
LEU CD2 HD22 sing N N 178 
LEU CD2 HD23 sing N N 179 
LEU OXT HXT  sing N N 180 
LYS N   CA   sing N N 181 
LYS N   H    sing N N 182 
LYS N   H2   sing N N 183 
LYS CA  C    sing N N 184 
LYS CA  CB   sing N N 185 
LYS CA  HA   sing N N 186 
LYS C   O    doub N N 187 
LYS C   OXT  sing N N 188 
LYS CB  CG   sing N N 189 
LYS CB  HB2  sing N N 190 
LYS CB  HB3  sing N N 191 
LYS CG  CD   sing N N 192 
LYS CG  HG2  sing N N 193 
LYS CG  HG3  sing N N 194 
LYS CD  CE   sing N N 195 
LYS CD  HD2  sing N N 196 
LYS CD  HD3  sing N N 197 
LYS CE  NZ   sing N N 198 
LYS CE  HE2  sing N N 199 
LYS CE  HE3  sing N N 200 
LYS NZ  HZ1  sing N N 201 
LYS NZ  HZ2  sing N N 202 
LYS NZ  HZ3  sing N N 203 
LYS OXT HXT  sing N N 204 
PHE N   CA   sing N N 205 
PHE N   H    sing N N 206 
PHE N   H2   sing N N 207 
PHE CA  C    sing N N 208 
PHE CA  CB   sing N N 209 
PHE CA  HA   sing N N 210 
PHE C   O    doub N N 211 
PHE C   OXT  sing N N 212 
PHE CB  CG   sing N N 213 
PHE CB  HB2  sing N N 214 
PHE CB  HB3  sing N N 215 
PHE CG  CD1  doub Y N 216 
PHE CG  CD2  sing Y N 217 
PHE CD1 CE1  sing Y N 218 
PHE CD1 HD1  sing N N 219 
PHE CD2 CE2  doub Y N 220 
PHE CD2 HD2  sing N N 221 
PHE CE1 CZ   doub Y N 222 
PHE CE1 HE1  sing N N 223 
PHE CE2 CZ   sing Y N 224 
PHE CE2 HE2  sing N N 225 
PHE CZ  HZ   sing N N 226 
PHE OXT HXT  sing N N 227 
PRO N   CA   sing N N 228 
PRO N   CD   sing N N 229 
PRO N   H    sing N N 230 
PRO CA  C    sing N N 231 
PRO CA  CB   sing N N 232 
PRO CA  HA   sing N N 233 
PRO C   O    doub N N 234 
PRO C   OXT  sing N N 235 
PRO CB  CG   sing N N 236 
PRO CB  HB2  sing N N 237 
PRO CB  HB3  sing N N 238 
PRO CG  CD   sing N N 239 
PRO CG  HG2  sing N N 240 
PRO CG  HG3  sing N N 241 
PRO CD  HD2  sing N N 242 
PRO CD  HD3  sing N N 243 
PRO OXT HXT  sing N N 244 
SER N   CA   sing N N 245 
SER N   H    sing N N 246 
SER N   H2   sing N N 247 
SER CA  C    sing N N 248 
SER CA  CB   sing N N 249 
SER CA  HA   sing N N 250 
SER C   O    doub N N 251 
SER C   OXT  sing N N 252 
SER CB  OG   sing N N 253 
SER CB  HB2  sing N N 254 
SER CB  HB3  sing N N 255 
SER OG  HG   sing N N 256 
SER OXT HXT  sing N N 257 
TRP N   CA   sing N N 258 
TRP N   H    sing N N 259 
TRP N   H2   sing N N 260 
TRP CA  C    sing N N 261 
TRP CA  CB   sing N N 262 
TRP CA  HA   sing N N 263 
TRP C   O    doub N N 264 
TRP C   OXT  sing N N 265 
TRP CB  CG   sing N N 266 
TRP CB  HB2  sing N N 267 
TRP CB  HB3  sing N N 268 
TRP CG  CD1  doub Y N 269 
TRP CG  CD2  sing Y N 270 
TRP CD1 NE1  sing Y N 271 
TRP CD1 HD1  sing N N 272 
TRP CD2 CE2  doub Y N 273 
TRP CD2 CE3  sing Y N 274 
TRP NE1 CE2  sing Y N 275 
TRP NE1 HE1  sing N N 276 
TRP CE2 CZ2  sing Y N 277 
TRP CE3 CZ3  doub Y N 278 
TRP CE3 HE3  sing N N 279 
TRP CZ2 CH2  doub Y N 280 
TRP CZ2 HZ2  sing N N 281 
TRP CZ3 CH2  sing Y N 282 
TRP CZ3 HZ3  sing N N 283 
TRP CH2 HH2  sing N N 284 
TRP OXT HXT  sing N N 285 
TYR N   CA   sing N N 286 
TYR N   H    sing N N 287 
TYR N   H2   sing N N 288 
TYR CA  C    sing N N 289 
TYR CA  CB   sing N N 290 
TYR CA  HA   sing N N 291 
TYR C   O    doub N N 292 
TYR C   OXT  sing N N 293 
TYR CB  CG   sing N N 294 
TYR CB  HB2  sing N N 295 
TYR CB  HB3  sing N N 296 
TYR CG  CD1  doub Y N 297 
TYR CG  CD2  sing Y N 298 
TYR CD1 CE1  sing Y N 299 
TYR CD1 HD1  sing N N 300 
TYR CD2 CE2  doub Y N 301 
TYR CD2 HD2  sing N N 302 
TYR CE1 CZ   doub Y N 303 
TYR CE1 HE1  sing N N 304 
TYR CE2 CZ   sing Y N 305 
TYR CE2 HE2  sing N N 306 
TYR CZ  OH   sing N N 307 
TYR OH  HH   sing N N 308 
TYR OXT HXT  sing N N 309 
VAL N   CA   sing N N 310 
VAL N   H    sing N N 311 
VAL N   H2   sing N N 312 
VAL CA  C    sing N N 313 
VAL CA  CB   sing N N 314 
VAL CA  HA   sing N N 315 
VAL C   O    doub N N 316 
VAL C   OXT  sing N N 317 
VAL CB  CG1  sing N N 318 
VAL CB  CG2  sing N N 319 
VAL CB  HB   sing N N 320 
VAL CG1 HG11 sing N N 321 
VAL CG1 HG12 sing N N 322 
VAL CG1 HG13 sing N N 323 
VAL CG2 HG21 sing N N 324 
VAL CG2 HG22 sing N N 325 
VAL CG2 HG23 sing N N 326 
VAL OXT HXT  sing N N 327 
# 
_pdbx_entity_nonpoly.entity_id   2 
_pdbx_entity_nonpoly.name        water 
_pdbx_entity_nonpoly.comp_id     HOH 
# 
_pdbx_initial_refinement_model.id               1 
_pdbx_initial_refinement_model.entity_id_list   ? 
_pdbx_initial_refinement_model.type             'experimental model' 
_pdbx_initial_refinement_model.source_name      PDB 
_pdbx_initial_refinement_model.accession_code   1BK2 
_pdbx_initial_refinement_model.details          'PDB ENTRY 1BK2' 
# 
